data_1FUK
# 
_entry.id   1FUK 
# 
_audit_conform.dict_name       mmcif_pdbx.dic 
_audit_conform.dict_version    5.385 
_audit_conform.dict_location   http://mmcif.pdb.org/dictionaries/ascii/mmcif_pdbx.dic 
# 
loop_
_database_2.database_id 
_database_2.database_code 
_database_2.pdbx_database_accession 
_database_2.pdbx_DOI 
PDB   1FUK         pdb_00001fuk 10.2210/pdb1fuk/pdb 
RCSB  RCSB011914   ?            ?                   
WWPDB D_1000011914 ?            ?                   
# 
loop_
_pdbx_audit_revision_history.ordinal 
_pdbx_audit_revision_history.data_content_type 
_pdbx_audit_revision_history.major_revision 
_pdbx_audit_revision_history.minor_revision 
_pdbx_audit_revision_history.revision_date 
1 'Structure model' 1 0 2000-11-29 
2 'Structure model' 1 1 2008-04-27 
3 'Structure model' 1 2 2011-07-13 
4 'Structure model' 1 3 2017-10-11 
5 'Structure model' 1 4 2024-02-07 
# 
_pdbx_audit_revision_details.ordinal             1 
_pdbx_audit_revision_details.revision_ordinal    1 
_pdbx_audit_revision_details.data_content_type   'Structure model' 
_pdbx_audit_revision_details.provider            repository 
_pdbx_audit_revision_details.type                'Initial release' 
_pdbx_audit_revision_details.description         ? 
_pdbx_audit_revision_details.details             ? 
# 
loop_
_pdbx_audit_revision_group.ordinal 
_pdbx_audit_revision_group.revision_ordinal 
_pdbx_audit_revision_group.data_content_type 
_pdbx_audit_revision_group.group 
1 2 'Structure model' 'Version format compliance' 
2 3 'Structure model' 'Version format compliance' 
3 4 'Structure model' 'Data collection'           
4 5 'Structure model' 'Data collection'           
5 5 'Structure model' 'Database references'       
6 5 'Structure model' 'Derived calculations'      
# 
loop_
_pdbx_audit_revision_category.ordinal 
_pdbx_audit_revision_category.revision_ordinal 
_pdbx_audit_revision_category.data_content_type 
_pdbx_audit_revision_category.category 
1 4 'Structure model' reflns                 
2 5 'Structure model' chem_comp_atom         
3 5 'Structure model' chem_comp_bond         
4 5 'Structure model' database_2             
5 5 'Structure model' pdbx_struct_conn_angle 
6 5 'Structure model' struct_conn            
7 5 'Structure model' struct_site            
# 
loop_
_pdbx_audit_revision_item.ordinal 
_pdbx_audit_revision_item.revision_ordinal 
_pdbx_audit_revision_item.data_content_type 
_pdbx_audit_revision_item.item 
1  4 'Structure model' '_reflns.percent_possible_obs'                
2  5 'Structure model' '_database_2.pdbx_DOI'                        
3  5 'Structure model' '_database_2.pdbx_database_accession'         
4  5 'Structure model' '_pdbx_struct_conn_angle.ptnr1_auth_comp_id'  
5  5 'Structure model' '_pdbx_struct_conn_angle.ptnr1_auth_seq_id'   
6  5 'Structure model' '_pdbx_struct_conn_angle.ptnr1_label_atom_id' 
7  5 'Structure model' '_pdbx_struct_conn_angle.ptnr1_label_comp_id' 
8  5 'Structure model' '_pdbx_struct_conn_angle.ptnr1_label_seq_id'  
9  5 'Structure model' '_pdbx_struct_conn_angle.ptnr1_symmetry'      
10 5 'Structure model' '_pdbx_struct_conn_angle.ptnr3_auth_comp_id'  
11 5 'Structure model' '_pdbx_struct_conn_angle.ptnr3_auth_seq_id'   
12 5 'Structure model' '_pdbx_struct_conn_angle.ptnr3_label_atom_id' 
13 5 'Structure model' '_pdbx_struct_conn_angle.ptnr3_label_comp_id' 
14 5 'Structure model' '_pdbx_struct_conn_angle.ptnr3_label_seq_id'  
15 5 'Structure model' '_pdbx_struct_conn_angle.ptnr3_symmetry'      
16 5 'Structure model' '_pdbx_struct_conn_angle.value'               
17 5 'Structure model' '_struct_conn.pdbx_dist_value'                
18 5 'Structure model' '_struct_conn.ptnr1_auth_comp_id'             
19 5 'Structure model' '_struct_conn.ptnr1_auth_seq_id'              
20 5 'Structure model' '_struct_conn.ptnr1_label_asym_id'            
21 5 'Structure model' '_struct_conn.ptnr1_label_atom_id'            
22 5 'Structure model' '_struct_conn.ptnr1_label_comp_id'            
23 5 'Structure model' '_struct_conn.ptnr1_label_seq_id'             
24 5 'Structure model' '_struct_conn.ptnr1_symmetry'                 
25 5 'Structure model' '_struct_conn.ptnr2_auth_comp_id'             
26 5 'Structure model' '_struct_conn.ptnr2_auth_seq_id'              
27 5 'Structure model' '_struct_conn.ptnr2_label_asym_id'            
28 5 'Structure model' '_struct_conn.ptnr2_label_atom_id'            
29 5 'Structure model' '_struct_conn.ptnr2_label_comp_id'            
30 5 'Structure model' '_struct_conn.ptnr2_label_seq_id'             
31 5 'Structure model' '_struct_conn.ptnr2_symmetry'                 
32 5 'Structure model' '_struct_site.pdbx_auth_asym_id'              
33 5 'Structure model' '_struct_site.pdbx_auth_comp_id'              
34 5 'Structure model' '_struct_site.pdbx_auth_seq_id'               
# 
_pdbx_database_status.status_code                     REL 
_pdbx_database_status.entry_id                        1FUK 
_pdbx_database_status.recvd_initial_deposition_date   2000-09-15 
_pdbx_database_status.deposit_site                    RCSB 
_pdbx_database_status.process_site                    RCSB 
_pdbx_database_status.status_code_sf                  REL 
_pdbx_database_status.SG_entry                        . 
_pdbx_database_status.pdb_format_compatible           Y 
_pdbx_database_status.status_code_mr                  ? 
_pdbx_database_status.status_code_cs                  ? 
_pdbx_database_status.methods_development_category    ? 
_pdbx_database_status.status_code_nmr_data            ? 
# 
loop_
_audit_author.name 
_audit_author.pdbx_ordinal 
'Caruthers, J.M.' 1 
'Johnson, E.R.'   2 
'McKay, D.B.'     3 
# 
_citation.id                        primary 
_citation.title                     'Crystal structure of yeast initiation factor 4A, a DEAD-box RNA helicase.' 
_citation.journal_abbrev            Proc.Natl.Acad.Sci.USA 
_citation.journal_volume            97 
_citation.page_first                13080 
_citation.page_last                 13085 
_citation.year                      2000 
_citation.journal_id_ASTM           PNASA6 
_citation.country                   US 
_citation.journal_id_ISSN           0027-8424 
_citation.journal_id_CSD            0040 
_citation.book_publisher            ? 
_citation.pdbx_database_id_PubMed   11087862 
_citation.pdbx_database_id_DOI      10.1073/pnas.97.24.13080 
# 
loop_
_citation_author.citation_id 
_citation_author.name 
_citation_author.ordinal 
_citation_author.identifier_ORCID 
primary 'Caruthers, J.M.' 1 ? 
primary 'Johnson, E.R.'   2 ? 
primary 'McKay, D.B.'     3 ? 
# 
loop_
_entity.id 
_entity.type 
_entity.src_method 
_entity.pdbx_description 
_entity.formula_weight 
_entity.pdbx_number_of_molecules 
_entity.pdbx_ec 
_entity.pdbx_mutation 
_entity.pdbx_fragment 
_entity.details 
1 polymer     man 'EUKARYOTIC INITIATION FACTOR 4A' 18993.424 1   ? ? 'CARBOXY TERMINAL DOMAIN (RESIDUES 230-394)' ? 
2 non-polymer syn 'ZINC ION'                        65.409    1   ? ? ?                                            ? 
3 water       nat water                             18.015    111 ? ? ?                                            ? 
# 
_entity_name_com.entity_id   1 
_entity_name_com.name        'YEAST INITIATION FACTOR 4A, EIF4A' 
# 
_entity_poly.entity_id                      1 
_entity_poly.type                           'polypeptide(L)' 
_entity_poly.nstd_linkage                   no 
_entity_poly.nstd_monomer                   no 
_entity_poly.pdbx_seq_one_letter_code       
;LEGIKQFYVNVEEEEYKYECLTDLYDSISVTQAVIFCNTRRKVEELTTKLRNDKFTVSAIYSDLPQQERDTIMKEFRSGS
SRILISTDLLARGIDVQQVSLVINYDLPANKENYIHRIGRGGRFGRKGVAINFVTNEDVGAMRELEKFYSTQIEELPSDI
ATLLN
;
_entity_poly.pdbx_seq_one_letter_code_can   
;LEGIKQFYVNVEEEEYKYECLTDLYDSISVTQAVIFCNTRRKVEELTTKLRNDKFTVSAIYSDLPQQERDTIMKEFRSGS
SRILISTDLLARGIDVQQVSLVINYDLPANKENYIHRIGRGGRFGRKGVAINFVTNEDVGAMRELEKFYSTQIEELPSDI
ATLLN
;
_entity_poly.pdbx_strand_id                 A 
_entity_poly.pdbx_target_identifier         ? 
# 
loop_
_pdbx_entity_nonpoly.entity_id 
_pdbx_entity_nonpoly.name 
_pdbx_entity_nonpoly.comp_id 
2 'ZINC ION' ZN  
3 water      HOH 
# 
loop_
_entity_poly_seq.entity_id 
_entity_poly_seq.num 
_entity_poly_seq.mon_id 
_entity_poly_seq.hetero 
1 1   LEU n 
1 2   GLU n 
1 3   GLY n 
1 4   ILE n 
1 5   LYS n 
1 6   GLN n 
1 7   PHE n 
1 8   TYR n 
1 9   VAL n 
1 10  ASN n 
1 11  VAL n 
1 12  GLU n 
1 13  GLU n 
1 14  GLU n 
1 15  GLU n 
1 16  TYR n 
1 17  LYS n 
1 18  TYR n 
1 19  GLU n 
1 20  CYS n 
1 21  LEU n 
1 22  THR n 
1 23  ASP n 
1 24  LEU n 
1 25  TYR n 
1 26  ASP n 
1 27  SER n 
1 28  ILE n 
1 29  SER n 
1 30  VAL n 
1 31  THR n 
1 32  GLN n 
1 33  ALA n 
1 34  VAL n 
1 35  ILE n 
1 36  PHE n 
1 37  CYS n 
1 38  ASN n 
1 39  THR n 
1 40  ARG n 
1 41  ARG n 
1 42  LYS n 
1 43  VAL n 
1 44  GLU n 
1 45  GLU n 
1 46  LEU n 
1 47  THR n 
1 48  THR n 
1 49  LYS n 
1 50  LEU n 
1 51  ARG n 
1 52  ASN n 
1 53  ASP n 
1 54  LYS n 
1 55  PHE n 
1 56  THR n 
1 57  VAL n 
1 58  SER n 
1 59  ALA n 
1 60  ILE n 
1 61  TYR n 
1 62  SER n 
1 63  ASP n 
1 64  LEU n 
1 65  PRO n 
1 66  GLN n 
1 67  GLN n 
1 68  GLU n 
1 69  ARG n 
1 70  ASP n 
1 71  THR n 
1 72  ILE n 
1 73  MET n 
1 74  LYS n 
1 75  GLU n 
1 76  PHE n 
1 77  ARG n 
1 78  SER n 
1 79  GLY n 
1 80  SER n 
1 81  SER n 
1 82  ARG n 
1 83  ILE n 
1 84  LEU n 
1 85  ILE n 
1 86  SER n 
1 87  THR n 
1 88  ASP n 
1 89  LEU n 
1 90  LEU n 
1 91  ALA n 
1 92  ARG n 
1 93  GLY n 
1 94  ILE n 
1 95  ASP n 
1 96  VAL n 
1 97  GLN n 
1 98  GLN n 
1 99  VAL n 
1 100 SER n 
1 101 LEU n 
1 102 VAL n 
1 103 ILE n 
1 104 ASN n 
1 105 TYR n 
1 106 ASP n 
1 107 LEU n 
1 108 PRO n 
1 109 ALA n 
1 110 ASN n 
1 111 LYS n 
1 112 GLU n 
1 113 ASN n 
1 114 TYR n 
1 115 ILE n 
1 116 HIS n 
1 117 ARG n 
1 118 ILE n 
1 119 GLY n 
1 120 ARG n 
1 121 GLY n 
1 122 GLY n 
1 123 ARG n 
1 124 PHE n 
1 125 GLY n 
1 126 ARG n 
1 127 LYS n 
1 128 GLY n 
1 129 VAL n 
1 130 ALA n 
1 131 ILE n 
1 132 ASN n 
1 133 PHE n 
1 134 VAL n 
1 135 THR n 
1 136 ASN n 
1 137 GLU n 
1 138 ASP n 
1 139 VAL n 
1 140 GLY n 
1 141 ALA n 
1 142 MET n 
1 143 ARG n 
1 144 GLU n 
1 145 LEU n 
1 146 GLU n 
1 147 LYS n 
1 148 PHE n 
1 149 TYR n 
1 150 SER n 
1 151 THR n 
1 152 GLN n 
1 153 ILE n 
1 154 GLU n 
1 155 GLU n 
1 156 LEU n 
1 157 PRO n 
1 158 SER n 
1 159 ASP n 
1 160 ILE n 
1 161 ALA n 
1 162 THR n 
1 163 LEU n 
1 164 LEU n 
1 165 ASN n 
# 
_entity_src_gen.entity_id                          1 
_entity_src_gen.pdbx_src_id                        1 
_entity_src_gen.pdbx_alt_source_flag               sample 
_entity_src_gen.pdbx_seq_type                      ? 
_entity_src_gen.pdbx_beg_seq_num                   ? 
_entity_src_gen.pdbx_end_seq_num                   ? 
_entity_src_gen.gene_src_common_name               
;baker's yeast
;
_entity_src_gen.gene_src_genus                     Saccharomyces 
_entity_src_gen.pdbx_gene_src_gene                 ? 
_entity_src_gen.gene_src_species                   ? 
_entity_src_gen.gene_src_strain                    ? 
_entity_src_gen.gene_src_tissue                    ? 
_entity_src_gen.gene_src_tissue_fraction           ? 
_entity_src_gen.gene_src_details                   ? 
_entity_src_gen.pdbx_gene_src_fragment             ? 
_entity_src_gen.pdbx_gene_src_scientific_name      'Saccharomyces cerevisiae' 
_entity_src_gen.pdbx_gene_src_ncbi_taxonomy_id     4932 
_entity_src_gen.pdbx_gene_src_variant              ? 
_entity_src_gen.pdbx_gene_src_cell_line            ? 
_entity_src_gen.pdbx_gene_src_atcc                 ? 
_entity_src_gen.pdbx_gene_src_organ                ? 
_entity_src_gen.pdbx_gene_src_organelle            ? 
_entity_src_gen.pdbx_gene_src_cell                 ? 
_entity_src_gen.pdbx_gene_src_cellular_location    ? 
_entity_src_gen.host_org_common_name               ? 
_entity_src_gen.pdbx_host_org_scientific_name      'Escherichia coli BL21(DE3)' 
_entity_src_gen.pdbx_host_org_ncbi_taxonomy_id     469008 
_entity_src_gen.host_org_genus                     Escherichia 
_entity_src_gen.pdbx_host_org_gene                 ? 
_entity_src_gen.pdbx_host_org_organ                ? 
_entity_src_gen.host_org_species                   'Escherichia coli' 
_entity_src_gen.pdbx_host_org_tissue               ? 
_entity_src_gen.pdbx_host_org_tissue_fraction      ? 
_entity_src_gen.pdbx_host_org_strain               BL21-DE3 
_entity_src_gen.pdbx_host_org_variant              ? 
_entity_src_gen.pdbx_host_org_cell_line            ? 
_entity_src_gen.pdbx_host_org_atcc                 ? 
_entity_src_gen.pdbx_host_org_culture_collection   ? 
_entity_src_gen.pdbx_host_org_cell                 ? 
_entity_src_gen.pdbx_host_org_organelle            ? 
_entity_src_gen.pdbx_host_org_cellular_location    ? 
_entity_src_gen.pdbx_host_org_vector_type          PLASMID 
_entity_src_gen.pdbx_host_org_vector               ? 
_entity_src_gen.host_org_details                   ? 
_entity_src_gen.expression_system_id               ? 
_entity_src_gen.plasmid_name                       ? 
_entity_src_gen.plasmid_details                    ? 
_entity_src_gen.pdbx_description                   ? 
# 
loop_
_chem_comp.id 
_chem_comp.type 
_chem_comp.mon_nstd_flag 
_chem_comp.name 
_chem_comp.pdbx_synonyms 
_chem_comp.formula 
_chem_comp.formula_weight 
ALA 'L-peptide linking' y ALANINE         ? 'C3 H7 N O2'     89.093  
ARG 'L-peptide linking' y ARGININE        ? 'C6 H15 N4 O2 1' 175.209 
ASN 'L-peptide linking' y ASPARAGINE      ? 'C4 H8 N2 O3'    132.118 
ASP 'L-peptide linking' y 'ASPARTIC ACID' ? 'C4 H7 N O4'     133.103 
CYS 'L-peptide linking' y CYSTEINE        ? 'C3 H7 N O2 S'   121.158 
GLN 'L-peptide linking' y GLUTAMINE       ? 'C5 H10 N2 O3'   146.144 
GLU 'L-peptide linking' y 'GLUTAMIC ACID' ? 'C5 H9 N O4'     147.129 
GLY 'peptide linking'   y GLYCINE         ? 'C2 H5 N O2'     75.067  
HIS 'L-peptide linking' y HISTIDINE       ? 'C6 H10 N3 O2 1' 156.162 
HOH non-polymer         . WATER           ? 'H2 O'           18.015  
ILE 'L-peptide linking' y ISOLEUCINE      ? 'C6 H13 N O2'    131.173 
LEU 'L-peptide linking' y LEUCINE         ? 'C6 H13 N O2'    131.173 
LYS 'L-peptide linking' y LYSINE          ? 'C6 H15 N2 O2 1' 147.195 
MET 'L-peptide linking' y METHIONINE      ? 'C5 H11 N O2 S'  149.211 
PHE 'L-peptide linking' y PHENYLALANINE   ? 'C9 H11 N O2'    165.189 
PRO 'L-peptide linking' y PROLINE         ? 'C5 H9 N O2'     115.130 
SER 'L-peptide linking' y SERINE          ? 'C3 H7 N O3'     105.093 
THR 'L-peptide linking' y THREONINE       ? 'C4 H9 N O3'     119.119 
TYR 'L-peptide linking' y TYROSINE        ? 'C9 H11 N O3'    181.189 
VAL 'L-peptide linking' y VALINE          ? 'C5 H11 N O2'    117.146 
ZN  non-polymer         . 'ZINC ION'      ? 'Zn 2'           65.409  
# 
loop_
_pdbx_poly_seq_scheme.asym_id 
_pdbx_poly_seq_scheme.entity_id 
_pdbx_poly_seq_scheme.seq_id 
_pdbx_poly_seq_scheme.mon_id 
_pdbx_poly_seq_scheme.ndb_seq_num 
_pdbx_poly_seq_scheme.pdb_seq_num 
_pdbx_poly_seq_scheme.auth_seq_num 
_pdbx_poly_seq_scheme.pdb_mon_id 
_pdbx_poly_seq_scheme.auth_mon_id 
_pdbx_poly_seq_scheme.pdb_strand_id 
_pdbx_poly_seq_scheme.pdb_ins_code 
_pdbx_poly_seq_scheme.hetero 
A 1 1   LEU 1   230 ?   ?   ?   A . n 
A 1 2   GLU 2   231 ?   ?   ?   A . n 
A 1 3   GLY 3   232 ?   ?   ?   A . n 
A 1 4   ILE 4   233 233 ILE ILE A . n 
A 1 5   LYS 5   234 234 LYS LYS A . n 
A 1 6   GLN 6   235 235 GLN GLN A . n 
A 1 7   PHE 7   236 236 PHE PHE A . n 
A 1 8   TYR 8   237 237 TYR TYR A . n 
A 1 9   VAL 9   238 238 VAL VAL A . n 
A 1 10  ASN 10  239 239 ASN ASN A . n 
A 1 11  VAL 11  240 240 VAL VAL A . n 
A 1 12  GLU 12  241 241 GLU GLU A . n 
A 1 13  GLU 13  242 242 GLU GLU A . n 
A 1 14  GLU 14  243 243 GLU GLU A . n 
A 1 15  GLU 15  244 244 GLU GLU A . n 
A 1 16  TYR 16  245 245 TYR TYR A . n 
A 1 17  LYS 17  246 246 LYS LYS A . n 
A 1 18  TYR 18  247 247 TYR TYR A . n 
A 1 19  GLU 19  248 248 GLU GLU A . n 
A 1 20  CYS 20  249 249 CYS CYS A . n 
A 1 21  LEU 21  250 250 LEU LEU A . n 
A 1 22  THR 22  251 251 THR THR A . n 
A 1 23  ASP 23  252 252 ASP ASP A . n 
A 1 24  LEU 24  253 253 LEU LEU A . n 
A 1 25  TYR 25  254 254 TYR TYR A . n 
A 1 26  ASP 26  255 255 ASP ASP A . n 
A 1 27  SER 27  256 256 SER SER A . n 
A 1 28  ILE 28  257 257 ILE ILE A . n 
A 1 29  SER 29  258 258 SER SER A . n 
A 1 30  VAL 30  259 259 VAL VAL A . n 
A 1 31  THR 31  260 260 THR THR A . n 
A 1 32  GLN 32  261 261 GLN GLN A . n 
A 1 33  ALA 33  262 262 ALA ALA A . n 
A 1 34  VAL 34  263 263 VAL VAL A . n 
A 1 35  ILE 35  264 264 ILE ILE A . n 
A 1 36  PHE 36  265 265 PHE PHE A . n 
A 1 37  CYS 37  266 266 CYS CYS A . n 
A 1 38  ASN 38  267 267 ASN ASN A . n 
A 1 39  THR 39  268 268 THR THR A . n 
A 1 40  ARG 40  269 269 ARG ARG A . n 
A 1 41  ARG 41  270 270 ARG ARG A . n 
A 1 42  LYS 42  271 271 LYS LYS A . n 
A 1 43  VAL 43  272 272 VAL VAL A . n 
A 1 44  GLU 44  273 273 GLU GLU A . n 
A 1 45  GLU 45  274 274 GLU GLU A . n 
A 1 46  LEU 46  275 275 LEU LEU A . n 
A 1 47  THR 47  276 276 THR THR A . n 
A 1 48  THR 48  277 277 THR THR A . n 
A 1 49  LYS 49  278 278 LYS LYS A . n 
A 1 50  LEU 50  279 279 LEU LEU A . n 
A 1 51  ARG 51  280 280 ARG ARG A . n 
A 1 52  ASN 52  281 281 ASN ASN A . n 
A 1 53  ASP 53  282 282 ASP ASP A . n 
A 1 54  LYS 54  283 283 LYS LYS A . n 
A 1 55  PHE 55  284 284 PHE PHE A . n 
A 1 56  THR 56  285 285 THR THR A . n 
A 1 57  VAL 57  286 286 VAL VAL A . n 
A 1 58  SER 58  287 287 SER SER A . n 
A 1 59  ALA 59  288 288 ALA ALA A . n 
A 1 60  ILE 60  289 289 ILE ILE A . n 
A 1 61  TYR 61  290 290 TYR TYR A . n 
A 1 62  SER 62  291 291 SER SER A . n 
A 1 63  ASP 63  292 292 ASP ASP A . n 
A 1 64  LEU 64  293 293 LEU LEU A . n 
A 1 65  PRO 65  294 294 PRO PRO A . n 
A 1 66  GLN 66  295 295 GLN GLN A . n 
A 1 67  GLN 67  296 296 GLN GLN A . n 
A 1 68  GLU 68  297 297 GLU GLU A . n 
A 1 69  ARG 69  298 298 ARG ARG A . n 
A 1 70  ASP 70  299 299 ASP ASP A . n 
A 1 71  THR 71  300 300 THR THR A . n 
A 1 72  ILE 72  301 301 ILE ILE A . n 
A 1 73  MET 73  302 302 MET MET A . n 
A 1 74  LYS 74  303 303 LYS ALA A . n 
A 1 75  GLU 75  304 304 GLU GLU A . n 
A 1 76  PHE 76  305 305 PHE PHE A . n 
A 1 77  ARG 77  306 306 ARG ARG A . n 
A 1 78  SER 78  307 307 SER SER A . n 
A 1 79  GLY 79  308 308 GLY GLY A . n 
A 1 80  SER 80  309 309 SER SER A . n 
A 1 81  SER 81  310 310 SER SER A . n 
A 1 82  ARG 82  311 311 ARG ARG A . n 
A 1 83  ILE 83  312 312 ILE ILE A . n 
A 1 84  LEU 84  313 313 LEU LEU A . n 
A 1 85  ILE 85  314 314 ILE ILE A . n 
A 1 86  SER 86  315 315 SER SER A . n 
A 1 87  THR 87  316 316 THR THR A . n 
A 1 88  ASP 88  317 317 ASP ASP A . n 
A 1 89  LEU 89  318 318 LEU LEU A . n 
A 1 90  LEU 90  319 319 LEU LEU A . n 
A 1 91  ALA 91  320 320 ALA ALA A . n 
A 1 92  ARG 92  321 321 ARG ARG A . n 
A 1 93  GLY 93  322 322 GLY GLY A . n 
A 1 94  ILE 94  323 323 ILE ILE A . n 
A 1 95  ASP 95  324 324 ASP ASP A . n 
A 1 96  VAL 96  325 325 VAL VAL A . n 
A 1 97  GLN 97  326 326 GLN GLN A . n 
A 1 98  GLN 98  327 327 GLN GLN A . n 
A 1 99  VAL 99  328 328 VAL VAL A . n 
A 1 100 SER 100 329 329 SER SER A . n 
A 1 101 LEU 101 330 330 LEU LEU A . n 
A 1 102 VAL 102 331 331 VAL VAL A . n 
A 1 103 ILE 103 332 332 ILE ILE A . n 
A 1 104 ASN 104 333 333 ASN ASN A . n 
A 1 105 TYR 105 334 334 TYR TYR A . n 
A 1 106 ASP 106 335 335 ASP ASP A . n 
A 1 107 LEU 107 336 336 LEU LEU A . n 
A 1 108 PRO 108 337 337 PRO PRO A . n 
A 1 109 ALA 109 338 338 ALA ALA A . n 
A 1 110 ASN 110 339 339 ASN ASN A . n 
A 1 111 LYS 111 340 340 LYS LYS A . n 
A 1 112 GLU 112 341 341 GLU GLU A . n 
A 1 113 ASN 113 342 342 ASN ASN A . n 
A 1 114 TYR 114 343 343 TYR TYR A . n 
A 1 115 ILE 115 344 344 ILE ILE A . n 
A 1 116 HIS 116 345 345 HIS HIS A . n 
A 1 117 ARG 117 346 346 ARG ARG A . n 
A 1 118 ILE 118 347 347 ILE ILE A . n 
A 1 119 GLY 119 348 348 GLY GLY A . n 
A 1 120 ARG 120 349 349 ARG ARG A . n 
A 1 121 GLY 121 350 350 GLY GLY A . n 
A 1 122 GLY 122 351 351 GLY GLY A . n 
A 1 123 ARG 123 352 ?   ?   ?   A . n 
A 1 124 PHE 124 353 ?   ?   ?   A . n 
A 1 125 GLY 125 354 ?   ?   ?   A . n 
A 1 126 ARG 126 355 ?   ?   ?   A . n 
A 1 127 LYS 127 356 ?   ?   ?   A . n 
A 1 128 GLY 128 357 357 GLY GLY A . n 
A 1 129 VAL 129 358 358 VAL VAL A . n 
A 1 130 ALA 130 359 359 ALA ALA A . n 
A 1 131 ILE 131 360 360 ILE ILE A . n 
A 1 132 ASN 132 361 361 ASN ASN A . n 
A 1 133 PHE 133 362 362 PHE PHE A . n 
A 1 134 VAL 134 363 363 VAL VAL A . n 
A 1 135 THR 135 364 364 THR THR A . n 
A 1 136 ASN 136 365 365 ASN ASN A . n 
A 1 137 GLU 137 366 366 GLU GLU A . n 
A 1 138 ASP 138 367 367 ASP ASP A . n 
A 1 139 VAL 139 368 368 VAL VAL A . n 
A 1 140 GLY 140 369 369 GLY GLY A . n 
A 1 141 ALA 141 370 370 ALA ALA A . n 
A 1 142 MET 142 371 371 MET MET A . n 
A 1 143 ARG 143 372 372 ARG ARG A . n 
A 1 144 GLU 144 373 373 GLU GLU A . n 
A 1 145 LEU 145 374 374 LEU LEU A . n 
A 1 146 GLU 146 375 375 GLU GLU A . n 
A 1 147 LYS 147 376 376 LYS LYS A . n 
A 1 148 PHE 148 377 377 PHE PHE A . n 
A 1 149 TYR 149 378 378 TYR TYR A . n 
A 1 150 SER 150 379 379 SER SER A . n 
A 1 151 THR 151 380 380 THR THR A . n 
A 1 152 GLN 152 381 381 GLN GLN A . n 
A 1 153 ILE 153 382 382 ILE ILE A . n 
A 1 154 GLU 154 383 383 GLU GLU A . n 
A 1 155 GLU 155 384 384 GLU GLU A . n 
A 1 156 LEU 156 385 385 LEU LEU A . n 
A 1 157 PRO 157 386 386 PRO PRO A . n 
A 1 158 SER 158 387 387 SER SER A . n 
A 1 159 ASP 159 388 388 ASP ASP A . n 
A 1 160 ILE 160 389 389 ILE ILE A . n 
A 1 161 ALA 161 390 390 ALA ALA A . n 
A 1 162 THR 162 391 391 THR THR A . n 
A 1 163 LEU 163 392 392 LEU LEU A . n 
A 1 164 LEU 164 393 393 LEU LEU A . n 
A 1 165 ASN 165 394 394 ASN ASN A . n 
# 
loop_
_pdbx_nonpoly_scheme.asym_id 
_pdbx_nonpoly_scheme.entity_id 
_pdbx_nonpoly_scheme.mon_id 
_pdbx_nonpoly_scheme.ndb_seq_num 
_pdbx_nonpoly_scheme.pdb_seq_num 
_pdbx_nonpoly_scheme.auth_seq_num 
_pdbx_nonpoly_scheme.pdb_mon_id 
_pdbx_nonpoly_scheme.auth_mon_id 
_pdbx_nonpoly_scheme.pdb_strand_id 
_pdbx_nonpoly_scheme.pdb_ins_code 
B 2 ZN  1   900 900 ZN  ZN  A . 
C 3 HOH 1   700 700 HOH WAT A . 
C 3 HOH 2   701 701 HOH WAT A . 
C 3 HOH 3   702 702 HOH WAT A . 
C 3 HOH 4   703 703 HOH WAT A . 
C 3 HOH 5   704 704 HOH WAT A . 
C 3 HOH 6   705 705 HOH WAT A . 
C 3 HOH 7   706 706 HOH WAT A . 
C 3 HOH 8   707 707 HOH WAT A . 
C 3 HOH 9   708 708 HOH WAT A . 
C 3 HOH 10  709 709 HOH WAT A . 
C 3 HOH 11  710 710 HOH WAT A . 
C 3 HOH 12  711 711 HOH WAT A . 
C 3 HOH 13  712 712 HOH WAT A . 
C 3 HOH 14  713 713 HOH WAT A . 
C 3 HOH 15  714 714 HOH WAT A . 
C 3 HOH 16  715 715 HOH WAT A . 
C 3 HOH 17  716 716 HOH WAT A . 
C 3 HOH 18  717 717 HOH WAT A . 
C 3 HOH 19  718 718 HOH WAT A . 
C 3 HOH 20  719 719 HOH WAT A . 
C 3 HOH 21  720 720 HOH WAT A . 
C 3 HOH 22  721 721 HOH WAT A . 
C 3 HOH 23  722 722 HOH WAT A . 
C 3 HOH 24  723 723 HOH WAT A . 
C 3 HOH 25  724 724 HOH WAT A . 
C 3 HOH 26  725 725 HOH WAT A . 
C 3 HOH 27  726 726 HOH WAT A . 
C 3 HOH 28  727 727 HOH WAT A . 
C 3 HOH 29  728 728 HOH WAT A . 
C 3 HOH 30  729 729 HOH WAT A . 
C 3 HOH 31  730 730 HOH WAT A . 
C 3 HOH 32  731 731 HOH WAT A . 
C 3 HOH 33  732 732 HOH WAT A . 
C 3 HOH 34  733 733 HOH WAT A . 
C 3 HOH 35  734 734 HOH WAT A . 
C 3 HOH 36  735 735 HOH WAT A . 
C 3 HOH 37  736 736 HOH WAT A . 
C 3 HOH 38  737 737 HOH WAT A . 
C 3 HOH 39  738 738 HOH WAT A . 
C 3 HOH 40  739 739 HOH WAT A . 
C 3 HOH 41  740 740 HOH WAT A . 
C 3 HOH 42  741 741 HOH WAT A . 
C 3 HOH 43  742 742 HOH WAT A . 
C 3 HOH 44  743 743 HOH WAT A . 
C 3 HOH 45  744 744 HOH WAT A . 
C 3 HOH 46  745 745 HOH WAT A . 
C 3 HOH 47  746 746 HOH WAT A . 
C 3 HOH 48  747 747 HOH WAT A . 
C 3 HOH 49  748 748 HOH WAT A . 
C 3 HOH 50  749 749 HOH WAT A . 
C 3 HOH 51  750 750 HOH WAT A . 
C 3 HOH 52  751 751 HOH WAT A . 
C 3 HOH 53  752 752 HOH WAT A . 
C 3 HOH 54  753 753 HOH WAT A . 
C 3 HOH 55  754 754 HOH WAT A . 
C 3 HOH 56  755 755 HOH WAT A . 
C 3 HOH 57  756 756 HOH WAT A . 
C 3 HOH 58  757 757 HOH WAT A . 
C 3 HOH 59  758 758 HOH WAT A . 
C 3 HOH 60  759 759 HOH WAT A . 
C 3 HOH 61  760 760 HOH WAT A . 
C 3 HOH 62  761 761 HOH WAT A . 
C 3 HOH 63  762 762 HOH WAT A . 
C 3 HOH 64  763 763 HOH WAT A . 
C 3 HOH 65  764 764 HOH WAT A . 
C 3 HOH 66  765 765 HOH WAT A . 
C 3 HOH 67  766 766 HOH WAT A . 
C 3 HOH 68  767 767 HOH WAT A . 
C 3 HOH 69  768 768 HOH WAT A . 
C 3 HOH 70  769 769 HOH WAT A . 
C 3 HOH 71  770 770 HOH WAT A . 
C 3 HOH 72  771 771 HOH WAT A . 
C 3 HOH 73  772 772 HOH WAT A . 
C 3 HOH 74  773 773 HOH WAT A . 
C 3 HOH 75  774 774 HOH WAT A . 
C 3 HOH 76  775 775 HOH WAT A . 
C 3 HOH 77  776 776 HOH WAT A . 
C 3 HOH 78  777 777 HOH WAT A . 
C 3 HOH 79  778 778 HOH WAT A . 
C 3 HOH 80  779 779 HOH WAT A . 
C 3 HOH 81  780 780 HOH WAT A . 
C 3 HOH 82  781 781 HOH WAT A . 
C 3 HOH 83  782 782 HOH WAT A . 
C 3 HOH 84  783 783 HOH WAT A . 
C 3 HOH 85  784 784 HOH WAT A . 
C 3 HOH 86  785 785 HOH WAT A . 
C 3 HOH 87  786 786 HOH WAT A . 
C 3 HOH 88  787 787 HOH WAT A . 
C 3 HOH 89  788 788 HOH WAT A . 
C 3 HOH 90  789 789 HOH WAT A . 
C 3 HOH 91  790 790 HOH WAT A . 
C 3 HOH 92  791 791 HOH WAT A . 
C 3 HOH 93  792 792 HOH WAT A . 
C 3 HOH 94  793 793 HOH WAT A . 
C 3 HOH 95  794 794 HOH WAT A . 
C 3 HOH 96  795 795 HOH WAT A . 
C 3 HOH 97  796 796 HOH WAT A . 
C 3 HOH 98  797 797 HOH WAT A . 
C 3 HOH 99  798 798 HOH WAT A . 
C 3 HOH 100 799 799 HOH WAT A . 
C 3 HOH 101 800 800 HOH WAT A . 
C 3 HOH 102 801 801 HOH WAT A . 
C 3 HOH 103 802 802 HOH WAT A . 
C 3 HOH 104 803 803 HOH WAT A . 
C 3 HOH 105 804 804 HOH WAT A . 
C 3 HOH 106 805 805 HOH WAT A . 
C 3 HOH 107 806 806 HOH WAT A . 
C 3 HOH 108 807 807 HOH WAT A . 
C 3 HOH 109 808 808 HOH WAT A . 
C 3 HOH 110 809 809 HOH WAT A . 
C 3 HOH 111 810 810 HOH WAT A . 
# 
loop_
_pdbx_unobs_or_zero_occ_atoms.id 
_pdbx_unobs_or_zero_occ_atoms.PDB_model_num 
_pdbx_unobs_or_zero_occ_atoms.polymer_flag 
_pdbx_unobs_or_zero_occ_atoms.occupancy_flag 
_pdbx_unobs_or_zero_occ_atoms.auth_asym_id 
_pdbx_unobs_or_zero_occ_atoms.auth_comp_id 
_pdbx_unobs_or_zero_occ_atoms.auth_seq_id 
_pdbx_unobs_or_zero_occ_atoms.PDB_ins_code 
_pdbx_unobs_or_zero_occ_atoms.auth_atom_id 
_pdbx_unobs_or_zero_occ_atoms.label_alt_id 
_pdbx_unobs_or_zero_occ_atoms.label_asym_id 
_pdbx_unobs_or_zero_occ_atoms.label_comp_id 
_pdbx_unobs_or_zero_occ_atoms.label_seq_id 
_pdbx_unobs_or_zero_occ_atoms.label_atom_id 
1 1 Y 1 A LYS 303 ? CG ? A LYS 74 CG 
2 1 Y 1 A LYS 303 ? CD ? A LYS 74 CD 
3 1 Y 1 A LYS 303 ? CE ? A LYS 74 CE 
4 1 Y 1 A LYS 303 ? NZ ? A LYS 74 NZ 
# 
loop_
_software.name 
_software.classification 
_software.version 
_software.citation_id 
_software.pdbx_ordinal 
CNS       refinement       . ? 1 
DENZO     'data reduction' . ? 2 
SCALEPACK 'data scaling'   . ? 3 
CNS       phasing          . ? 4 
# 
_cell.entry_id           1FUK 
_cell.length_a           34.700 
_cell.length_b           52.100 
_cell.length_c           82.300 
_cell.angle_alpha        90.00 
_cell.angle_beta         90.00 
_cell.angle_gamma        90.00 
_cell.Z_PDB              4 
_cell.pdbx_unique_axis   ? 
# 
_symmetry.entry_id                         1FUK 
_symmetry.space_group_name_H-M             'P 21 21 21' 
_symmetry.pdbx_full_space_group_name_H-M   ? 
_symmetry.cell_setting                     ? 
_symmetry.Int_Tables_number                19 
# 
_exptl.entry_id          1FUK 
_exptl.method            'X-RAY DIFFRACTION' 
_exptl.crystals_number   2 
# 
_exptl_crystal.id                    1 
_exptl_crystal.density_meas          ? 
_exptl_crystal.density_percent_sol   37.18 
_exptl_crystal.density_Matthews      1.96 
_exptl_crystal.description           ? 
# 
_exptl_crystal_grow.crystal_id      1 
_exptl_crystal_grow.method          'VAPOR DIFFUSION, HANGING DROP' 
_exptl_crystal_grow.pH              6.5 
_exptl_crystal_grow.temp            298.0 
_exptl_crystal_grow.temp_details    ? 
_exptl_crystal_grow.pdbx_details    'PEG 550mme, bme, ZnSO4, MES buffer, pH 6.5, VAPOR DIFFUSION, HANGING DROP, temperature 298.0K' 
_exptl_crystal_grow.pdbx_pH_range   . 
# 
loop_
_diffrn.id 
_diffrn.ambient_temp 
_diffrn.ambient_temp_details 
_diffrn.crystal_id 
1 100 ? 1 
2 100 ? 1 
# 
loop_
_diffrn_detector.diffrn_id 
_diffrn_detector.detector 
_diffrn_detector.type 
_diffrn_detector.pdbx_collection_date 
_diffrn_detector.details 
1 CCD 'ADSC QUANTUM 4' 2000-05-20 ? 
2 CCD 'ADSC QUANTUM 4' 2000-06-23 ? 
# 
_diffrn_radiation.diffrn_id                        1 
_diffrn_radiation.wavelength_id                    1 
_diffrn_radiation.monochromator                    ? 
_diffrn_radiation.pdbx_monochromatic_or_laue_m_l   M 
_diffrn_radiation.pdbx_diffrn_protocol             'SINGLE WAVELENGTH' 
_diffrn_radiation.pdbx_scattering_type             x-ray 
# 
loop_
_diffrn_radiation_wavelength.id 
_diffrn_radiation_wavelength.wavelength 
_diffrn_radiation_wavelength.wt 
1 0.98 1.0 
2 1.8  1.0 
# 
loop_
_diffrn_source.diffrn_id 
_diffrn_source.source 
_diffrn_source.type 
_diffrn_source.pdbx_wavelength 
_diffrn_source.pdbx_synchrotron_site 
_diffrn_source.pdbx_synchrotron_beamline 
_diffrn_source.pdbx_wavelength_list 
1 SYNCHROTRON 'SSRL BEAMLINE BL9-2' 0.98 SSRL BL9-2 ? 
2 SYNCHROTRON 'ALS BEAMLINE 5.0.2'  1.8  ALS  5.0.2 ? 
# 
_reflns.entry_id                     1FUK 
_reflns.observed_criterion_sigma_I   2 
_reflns.observed_criterion_sigma_F   2 
_reflns.d_resolution_low             30 
_reflns.d_resolution_high            1.75 
_reflns.number_obs                   15120 
_reflns.number_all                   15281 
_reflns.percent_possible_obs         ? 
_reflns.pdbx_Rmerge_I_obs            0.0290000 
_reflns.pdbx_Rsym_value              ? 
_reflns.pdbx_netI_over_sigmaI        20.6 
_reflns.B_iso_Wilson_estimate        20.9 
_reflns.pdbx_redundancy              2.74 
_reflns.R_free_details               ? 
_reflns.limit_h_max                  ? 
_reflns.limit_h_min                  ? 
_reflns.limit_k_max                  ? 
_reflns.limit_k_min                  ? 
_reflns.limit_l_max                  ? 
_reflns.limit_l_min                  ? 
_reflns.observed_criterion_F_max     ? 
_reflns.observed_criterion_F_min     ? 
_reflns.pdbx_diffrn_id               1 
_reflns.pdbx_ordinal                 1 
# 
_reflns_shell.d_res_high             1.75 
_reflns_shell.d_res_low              1.82 
_reflns_shell.percent_possible_obs   ? 
_reflns_shell.percent_possible_all   90.2 
_reflns_shell.Rmerge_I_obs           0.1500000 
_reflns_shell.meanI_over_sigI_obs    ? 
_reflns_shell.pdbx_Rsym_value        ? 
_reflns_shell.pdbx_redundancy        1.72 
_reflns_shell.number_unique_all      ? 
_reflns_shell.pdbx_diffrn_id         ? 
_reflns_shell.pdbx_ordinal           1 
# 
_refine.entry_id                                 1FUK 
_refine.ls_number_reflns_obs                     27226 
_refine.ls_number_reflns_all                     28352 
_refine.pdbx_ls_sigma_I                          0 
_refine.pdbx_ls_sigma_F                          0 
_refine.pdbx_data_cutoff_high_absF               ? 
_refine.pdbx_data_cutoff_low_absF                ? 
_refine.ls_d_res_low                             30.0 
_refine.ls_d_res_high                            1.75 
_refine.ls_percent_reflns_obs                    ? 
_refine.ls_R_factor_obs                          0.2280000 
_refine.ls_R_factor_all                          0.2560000 
_refine.ls_R_factor_R_work                       0.2210000 
_refine.ls_R_factor_R_free                       0.2520000 
_refine.ls_R_factor_R_free_error                 ? 
_refine.ls_R_factor_R_free_error_details         ? 
_refine.ls_percent_reflns_R_free                 ? 
_refine.ls_number_reflns_R_free                  3903 
_refine.ls_number_parameters                     ? 
_refine.ls_number_restraints                     ? 
_refine.occupancy_min                            ? 
_refine.occupancy_max                            ? 
_refine.B_iso_mean                               ? 
_refine.aniso_B[1][1]                            ? 
_refine.aniso_B[2][2]                            ? 
_refine.aniso_B[3][3]                            ? 
_refine.aniso_B[1][2]                            ? 
_refine.aniso_B[1][3]                            ? 
_refine.aniso_B[2][3]                            ? 
_refine.solvent_model_details                    ? 
_refine.solvent_model_param_ksol                 ? 
_refine.solvent_model_param_bsol                 ? 
_refine.pdbx_ls_cross_valid_method               ? 
_refine.details                                  ? 
_refine.pdbx_starting_model                      ? 
_refine.pdbx_method_to_determine_struct          ? 
_refine.pdbx_isotropic_thermal_model             ? 
_refine.pdbx_stereochemistry_target_values       ? 
_refine.pdbx_stereochem_target_val_spec_case     ? 
_refine.pdbx_R_Free_selection_details            '15% of data randomly selected' 
_refine.pdbx_overall_ESU_R_Free                  ? 
_refine.overall_SU_B                             ? 
_refine.ls_redundancy_reflns_obs                 ? 
_refine.B_iso_min                                ? 
_refine.B_iso_max                                ? 
_refine.overall_SU_ML                            ? 
_refine.pdbx_overall_ESU_R                       ? 
_refine.pdbx_data_cutoff_high_rms_absF           ? 
_refine.pdbx_refine_id                           'X-RAY DIFFRACTION' 
_refine.pdbx_diffrn_id                           1 
_refine.pdbx_TLS_residual_ADP_flag               ? 
_refine.correlation_coeff_Fo_to_Fc               ? 
_refine.correlation_coeff_Fo_to_Fc_free          ? 
_refine.pdbx_solvent_vdw_probe_radii             ? 
_refine.pdbx_solvent_ion_probe_radii             ? 
_refine.pdbx_solvent_shrinkage_radii             ? 
_refine.pdbx_overall_phase_error                 ? 
_refine.overall_SU_R_Cruickshank_DPI             ? 
_refine.pdbx_overall_SU_R_free_Cruickshank_DPI   ? 
_refine.pdbx_overall_SU_R_Blow_DPI               ? 
_refine.pdbx_overall_SU_R_free_Blow_DPI          ? 
# 
_refine_hist.pdbx_refine_id                   'X-RAY DIFFRACTION' 
_refine_hist.cycle_id                         LAST 
_refine_hist.pdbx_number_atoms_protein        1264 
_refine_hist.pdbx_number_atoms_nucleic_acid   0 
_refine_hist.pdbx_number_atoms_ligand         1 
_refine_hist.number_atoms_solvent             111 
_refine_hist.number_atoms_total               1376 
_refine_hist.d_res_high                       1.75 
_refine_hist.d_res_low                        30.0 
# 
loop_
_refine_ls_restr.type 
_refine_ls_restr.dev_ideal 
_refine_ls_restr.dev_ideal_target 
_refine_ls_restr.weight 
_refine_ls_restr.number 
_refine_ls_restr.pdbx_refine_id 
_refine_ls_restr.pdbx_restraint_function 
c_angle_d          1.5   ? ? ? 'X-RAY DIFFRACTION' ? 
c_bond_d           0.010 ? ? ? 'X-RAY DIFFRACTION' ? 
c_torsion_impr_deg 0.86  ? ? ? 'X-RAY DIFFRACTION' ? 
# 
loop_
_pdbx_xplor_file.serial_no 
_pdbx_xplor_file.param_file 
_pdbx_xplor_file.topol_file 
_pdbx_xplor_file.pdbx_refine_id 
1 protein_rep.param ? 'X-RAY DIFFRACTION' 
2 water.param       ? 'X-RAY DIFFRACTION' 
3 ion.param         ? 'X-RAY DIFFRACTION' 
# 
_struct.entry_id                  1FUK 
_struct.title                     'CRYSTAL STRUCTURE OF THE CARBOXY TERMINAL DOMAIN OF YEAST EIF4A' 
_struct.pdbx_model_details        ? 
_struct.pdbx_CASP_flag            ? 
_struct.pdbx_model_type_details   ? 
# 
_struct_keywords.entry_id        1FUK 
_struct_keywords.pdbx_keywords   TRANSLATION 
_struct_keywords.text            'Helicase, Initiation Factor 4A, DEAD-Box Protein, TRANSLATION' 
# 
loop_
_struct_asym.id 
_struct_asym.pdbx_blank_PDB_chainid_flag 
_struct_asym.pdbx_modified 
_struct_asym.entity_id 
_struct_asym.details 
A N N 1 ? 
B N N 2 ? 
C N N 3 ? 
# 
_struct_ref.id                         1 
_struct_ref.db_name                    UNP 
_struct_ref.db_code                    IF4A_YEAST 
_struct_ref.pdbx_db_accession          P10081 
_struct_ref.entity_id                  1 
_struct_ref.pdbx_seq_one_letter_code   
;SEGITDIEESQIQTNYDKVVYKFDDMELDENLLRGVFGYGFEEPSAIQQRAIMPIIEGHDVLAQAQSGTGKTGTFSIAAL
QRIDTSVKAPQALMLAPTRELALQIQKVVMALAFHMDIKVHACIGGTSFVEDAEGLRDAQIVVGTPGRVFDNIQRRRFRT
DKIKMFILDEADEMLSSGFKEQIYQIFTLLPPTTQVVLLSATMPNDVLEVTTKFMRNPVRILVKKDELTLEGIKQFYVNV
EEEEYKYECLTDLYDSISVTQAVIFCNTRRKVEELTTKLRNDKFTVSAIYSDLPQQERDTIMKEFRSGSSRILISTDLLA
RGIDVQQVSLVINYDLPANKENYIHRIGRGGRFGRKGVAINFVTNEDVGAMRELEKFYSTQIEELPSDIATLLN
;
_struct_ref.pdbx_align_begin           230 
_struct_ref.pdbx_db_isoform            ? 
# 
_struct_ref_seq.align_id                      1 
_struct_ref_seq.ref_id                        1 
_struct_ref_seq.pdbx_PDB_id_code              1FUK 
_struct_ref_seq.pdbx_strand_id                A 
_struct_ref_seq.seq_align_beg                 1 
_struct_ref_seq.pdbx_seq_align_beg_ins_code   ? 
_struct_ref_seq.seq_align_end                 165 
_struct_ref_seq.pdbx_seq_align_end_ins_code   ? 
_struct_ref_seq.pdbx_db_accession             P10081 
_struct_ref_seq.db_align_beg                  230 
_struct_ref_seq.pdbx_db_align_beg_ins_code    ? 
_struct_ref_seq.db_align_end                  394 
_struct_ref_seq.pdbx_db_align_end_ins_code    ? 
_struct_ref_seq.pdbx_auth_seq_align_beg       230 
_struct_ref_seq.pdbx_auth_seq_align_end       394 
# 
_pdbx_struct_assembly.id                   1 
_pdbx_struct_assembly.details              author_defined_assembly 
_pdbx_struct_assembly.method_details       ? 
_pdbx_struct_assembly.oligomeric_details   monomeric 
_pdbx_struct_assembly.oligomeric_count     1 
# 
_pdbx_struct_assembly_gen.assembly_id       1 
_pdbx_struct_assembly_gen.oper_expression   1 
_pdbx_struct_assembly_gen.asym_id_list      A,B,C 
# 
_pdbx_struct_oper_list.id                   1 
_pdbx_struct_oper_list.type                 'identity operation' 
_pdbx_struct_oper_list.name                 1_555 
_pdbx_struct_oper_list.symmetry_operation   x,y,z 
_pdbx_struct_oper_list.matrix[1][1]         1.0000000000 
_pdbx_struct_oper_list.matrix[1][2]         0.0000000000 
_pdbx_struct_oper_list.matrix[1][3]         0.0000000000 
_pdbx_struct_oper_list.vector[1]            0.0000000000 
_pdbx_struct_oper_list.matrix[2][1]         0.0000000000 
_pdbx_struct_oper_list.matrix[2][2]         1.0000000000 
_pdbx_struct_oper_list.matrix[2][3]         0.0000000000 
_pdbx_struct_oper_list.vector[2]            0.0000000000 
_pdbx_struct_oper_list.matrix[3][1]         0.0000000000 
_pdbx_struct_oper_list.matrix[3][2]         0.0000000000 
_pdbx_struct_oper_list.matrix[3][3]         1.0000000000 
_pdbx_struct_oper_list.vector[3]            0.0000000000 
# 
loop_
_struct_conf.conf_type_id 
_struct_conf.id 
_struct_conf.pdbx_PDB_helix_id 
_struct_conf.beg_label_comp_id 
_struct_conf.beg_label_asym_id 
_struct_conf.beg_label_seq_id 
_struct_conf.pdbx_beg_PDB_ins_code 
_struct_conf.end_label_comp_id 
_struct_conf.end_label_asym_id 
_struct_conf.end_label_seq_id 
_struct_conf.pdbx_end_PDB_ins_code 
_struct_conf.beg_auth_comp_id 
_struct_conf.beg_auth_asym_id 
_struct_conf.beg_auth_seq_id 
_struct_conf.end_auth_comp_id 
_struct_conf.end_auth_asym_id 
_struct_conf.end_auth_seq_id 
_struct_conf.pdbx_PDB_helix_class 
_struct_conf.details 
_struct_conf.pdbx_PDB_helix_length 
HELX_P HELX_P1 1 GLU A 13  ? GLU A 15  ? GLU A 242 GLU A 244 5 ? 3  
HELX_P HELX_P2 2 TYR A 16  ? ILE A 28  ? TYR A 245 ILE A 257 1 ? 13 
HELX_P HELX_P3 3 THR A 39  ? ASP A 53  ? THR A 268 ASP A 282 1 ? 15 
HELX_P HELX_P4 4 PRO A 65  ? SER A 78  ? PRO A 294 SER A 307 1 ? 14 
HELX_P HELX_P5 5 LEU A 89  ? ALA A 91  ? LEU A 318 ALA A 320 5 ? 3  
HELX_P HELX_P6 6 ASN A 110 ? ARG A 117 ? ASN A 339 ARG A 346 5 ? 8  
HELX_P HELX_P7 7 ASP A 138 ? TYR A 149 ? ASP A 367 TYR A 378 1 ? 12 
# 
_struct_conf_type.id          HELX_P 
_struct_conf_type.criteria    ? 
_struct_conf_type.reference   ? 
# 
loop_
_struct_conn.id 
_struct_conn.conn_type_id 
_struct_conn.pdbx_leaving_atom_flag 
_struct_conn.pdbx_PDB_id 
_struct_conn.ptnr1_label_asym_id 
_struct_conn.ptnr1_label_comp_id 
_struct_conn.ptnr1_label_seq_id 
_struct_conn.ptnr1_label_atom_id 
_struct_conn.pdbx_ptnr1_label_alt_id 
_struct_conn.pdbx_ptnr1_PDB_ins_code 
_struct_conn.pdbx_ptnr1_standard_comp_id 
_struct_conn.ptnr1_symmetry 
_struct_conn.ptnr2_label_asym_id 
_struct_conn.ptnr2_label_comp_id 
_struct_conn.ptnr2_label_seq_id 
_struct_conn.ptnr2_label_atom_id 
_struct_conn.pdbx_ptnr2_label_alt_id 
_struct_conn.pdbx_ptnr2_PDB_ins_code 
_struct_conn.ptnr1_auth_asym_id 
_struct_conn.ptnr1_auth_comp_id 
_struct_conn.ptnr1_auth_seq_id 
_struct_conn.ptnr2_auth_asym_id 
_struct_conn.ptnr2_auth_comp_id 
_struct_conn.ptnr2_auth_seq_id 
_struct_conn.ptnr2_symmetry 
_struct_conn.pdbx_ptnr3_label_atom_id 
_struct_conn.pdbx_ptnr3_label_seq_id 
_struct_conn.pdbx_ptnr3_label_comp_id 
_struct_conn.pdbx_ptnr3_label_asym_id 
_struct_conn.pdbx_ptnr3_label_alt_id 
_struct_conn.pdbx_ptnr3_PDB_ins_code 
_struct_conn.details 
_struct_conn.pdbx_dist_value 
_struct_conn.pdbx_value_order 
_struct_conn.pdbx_role 
metalc1 metalc ? ? A GLU 19  OE1 ? ? ? 1_455 B ZN . ZN ? ? A GLU 248 A ZN 900 1_555 ? ? ? ? ? ? ? 1.983 ? ? 
metalc2 metalc ? ? A ASP 23  OD2 ? ? ? 1_455 B ZN . ZN ? ? A ASP 252 A ZN 900 1_555 ? ? ? ? ? ? ? 2.178 ? ? 
metalc3 metalc ? ? A ASP 23  OD1 ? ? ? 1_455 B ZN . ZN ? ? A ASP 252 A ZN 900 1_555 ? ? ? ? ? ? ? 2.645 ? ? 
metalc4 metalc ? ? A GLU 112 OE1 ? ? ? 1_555 B ZN . ZN ? ? A GLU 341 A ZN 900 1_555 ? ? ? ? ? ? ? 2.118 ? ? 
metalc5 metalc ? ? A HIS 116 NE2 ? ? ? 1_555 B ZN . ZN ? ? A HIS 345 A ZN 900 1_555 ? ? ? ? ? ? ? 2.076 ? ? 
# 
_struct_conn_type.id          metalc 
_struct_conn_type.criteria    ? 
_struct_conn_type.reference   ? 
# 
loop_
_pdbx_struct_conn_angle.id 
_pdbx_struct_conn_angle.ptnr1_label_atom_id 
_pdbx_struct_conn_angle.ptnr1_label_alt_id 
_pdbx_struct_conn_angle.ptnr1_label_asym_id 
_pdbx_struct_conn_angle.ptnr1_label_comp_id 
_pdbx_struct_conn_angle.ptnr1_label_seq_id 
_pdbx_struct_conn_angle.ptnr1_auth_atom_id 
_pdbx_struct_conn_angle.ptnr1_auth_asym_id 
_pdbx_struct_conn_angle.ptnr1_auth_comp_id 
_pdbx_struct_conn_angle.ptnr1_auth_seq_id 
_pdbx_struct_conn_angle.ptnr1_PDB_ins_code 
_pdbx_struct_conn_angle.ptnr1_symmetry 
_pdbx_struct_conn_angle.ptnr2_label_atom_id 
_pdbx_struct_conn_angle.ptnr2_label_alt_id 
_pdbx_struct_conn_angle.ptnr2_label_asym_id 
_pdbx_struct_conn_angle.ptnr2_label_comp_id 
_pdbx_struct_conn_angle.ptnr2_label_seq_id 
_pdbx_struct_conn_angle.ptnr2_auth_atom_id 
_pdbx_struct_conn_angle.ptnr2_auth_asym_id 
_pdbx_struct_conn_angle.ptnr2_auth_comp_id 
_pdbx_struct_conn_angle.ptnr2_auth_seq_id 
_pdbx_struct_conn_angle.ptnr2_PDB_ins_code 
_pdbx_struct_conn_angle.ptnr2_symmetry 
_pdbx_struct_conn_angle.ptnr3_label_atom_id 
_pdbx_struct_conn_angle.ptnr3_label_alt_id 
_pdbx_struct_conn_angle.ptnr3_label_asym_id 
_pdbx_struct_conn_angle.ptnr3_label_comp_id 
_pdbx_struct_conn_angle.ptnr3_label_seq_id 
_pdbx_struct_conn_angle.ptnr3_auth_atom_id 
_pdbx_struct_conn_angle.ptnr3_auth_asym_id 
_pdbx_struct_conn_angle.ptnr3_auth_comp_id 
_pdbx_struct_conn_angle.ptnr3_auth_seq_id 
_pdbx_struct_conn_angle.ptnr3_PDB_ins_code 
_pdbx_struct_conn_angle.ptnr3_symmetry 
_pdbx_struct_conn_angle.value 
_pdbx_struct_conn_angle.value_esd 
1  OE1 ? A GLU 19  ? A GLU 248 ? 1_455 ZN ? B ZN . ? A ZN 900 ? 1_555 OD2 ? A ASP 23  ? A ASP 252 ? 1_455 109.9 ? 
2  OE1 ? A GLU 19  ? A GLU 248 ? 1_455 ZN ? B ZN . ? A ZN 900 ? 1_555 OD1 ? A ASP 23  ? A ASP 252 ? 1_455 87.3  ? 
3  OD2 ? A ASP 23  ? A ASP 252 ? 1_455 ZN ? B ZN . ? A ZN 900 ? 1_555 OD1 ? A ASP 23  ? A ASP 252 ? 1_455 53.3  ? 
4  OE1 ? A GLU 19  ? A GLU 248 ? 1_455 ZN ? B ZN . ? A ZN 900 ? 1_555 OE1 ? A GLU 112 ? A GLU 341 ? 1_555 122.3 ? 
5  OD2 ? A ASP 23  ? A ASP 252 ? 1_455 ZN ? B ZN . ? A ZN 900 ? 1_555 OE1 ? A GLU 112 ? A GLU 341 ? 1_555 83.0  ? 
6  OD1 ? A ASP 23  ? A ASP 252 ? 1_455 ZN ? B ZN . ? A ZN 900 ? 1_555 OE1 ? A GLU 112 ? A GLU 341 ? 1_555 134.7 ? 
7  OE1 ? A GLU 19  ? A GLU 248 ? 1_455 ZN ? B ZN . ? A ZN 900 ? 1_555 NE2 ? A HIS 116 ? A HIS 345 ? 1_555 94.7  ? 
8  OD2 ? A ASP 23  ? A ASP 252 ? 1_455 ZN ? B ZN . ? A ZN 900 ? 1_555 NE2 ? A HIS 116 ? A HIS 345 ? 1_555 125.6 ? 
9  OD1 ? A ASP 23  ? A ASP 252 ? 1_455 ZN ? B ZN . ? A ZN 900 ? 1_555 NE2 ? A HIS 116 ? A HIS 345 ? 1_555 81.7  ? 
10 OE1 ? A GLU 112 ? A GLU 341 ? 1_555 ZN ? B ZN . ? A ZN 900 ? 1_555 NE2 ? A HIS 116 ? A HIS 345 ? 1_555 123.6 ? 
# 
_struct_sheet.id               A 
_struct_sheet.type             ? 
_struct_sheet.number_strands   7 
_struct_sheet.details          ? 
# 
loop_
_struct_sheet_order.sheet_id 
_struct_sheet_order.range_id_1 
_struct_sheet_order.range_id_2 
_struct_sheet_order.offset 
_struct_sheet_order.sense 
A 1 2 ? parallel 
A 2 3 ? parallel 
A 3 4 ? parallel 
A 4 5 ? parallel 
A 5 6 ? parallel 
A 6 7 ? parallel 
# 
loop_
_struct_sheet_range.sheet_id 
_struct_sheet_range.id 
_struct_sheet_range.beg_label_comp_id 
_struct_sheet_range.beg_label_asym_id 
_struct_sheet_range.beg_label_seq_id 
_struct_sheet_range.pdbx_beg_PDB_ins_code 
_struct_sheet_range.end_label_comp_id 
_struct_sheet_range.end_label_asym_id 
_struct_sheet_range.end_label_seq_id 
_struct_sheet_range.pdbx_end_PDB_ins_code 
_struct_sheet_range.beg_auth_comp_id 
_struct_sheet_range.beg_auth_asym_id 
_struct_sheet_range.beg_auth_seq_id 
_struct_sheet_range.end_auth_comp_id 
_struct_sheet_range.end_auth_asym_id 
_struct_sheet_range.end_auth_seq_id 
A 1 VAL A 57  ? ILE A 60  ? VAL A 286 ILE A 289 
A 2 ILE A 83  ? THR A 87  ? ILE A 312 THR A 316 
A 3 ALA A 33  ? CYS A 37  ? ALA A 262 CYS A 266 
A 4 LEU A 101 ? ASN A 104 ? LEU A 330 ASN A 333 
A 5 VAL A 129 ? THR A 135 ? VAL A 358 THR A 364 
A 6 LYS A 5   ? GLU A 12  ? LYS A 234 GLU A 241 
A 7 GLU A 154 ? GLU A 155 ? GLU A 383 GLU A 384 
# 
loop_
_pdbx_struct_sheet_hbond.sheet_id 
_pdbx_struct_sheet_hbond.range_id_1 
_pdbx_struct_sheet_hbond.range_id_2 
_pdbx_struct_sheet_hbond.range_1_label_atom_id 
_pdbx_struct_sheet_hbond.range_1_label_comp_id 
_pdbx_struct_sheet_hbond.range_1_label_asym_id 
_pdbx_struct_sheet_hbond.range_1_label_seq_id 
_pdbx_struct_sheet_hbond.range_1_PDB_ins_code 
_pdbx_struct_sheet_hbond.range_1_auth_atom_id 
_pdbx_struct_sheet_hbond.range_1_auth_comp_id 
_pdbx_struct_sheet_hbond.range_1_auth_asym_id 
_pdbx_struct_sheet_hbond.range_1_auth_seq_id 
_pdbx_struct_sheet_hbond.range_2_label_atom_id 
_pdbx_struct_sheet_hbond.range_2_label_comp_id 
_pdbx_struct_sheet_hbond.range_2_label_asym_id 
_pdbx_struct_sheet_hbond.range_2_label_seq_id 
_pdbx_struct_sheet_hbond.range_2_PDB_ins_code 
_pdbx_struct_sheet_hbond.range_2_auth_atom_id 
_pdbx_struct_sheet_hbond.range_2_auth_comp_id 
_pdbx_struct_sheet_hbond.range_2_auth_asym_id 
_pdbx_struct_sheet_hbond.range_2_auth_seq_id 
A 1 2 N SER A 58  ? N SER A 287 O ILE A 83  ? O ILE A 312 
A 2 3 N LEU A 84  ? N LEU A 313 O ALA A 33  ? O ALA A 262 
A 3 4 N VAL A 34  ? N VAL A 263 O LEU A 101 ? O LEU A 330 
A 4 5 N VAL A 102 ? N VAL A 331 O VAL A 129 ? O VAL A 358 
A 5 6 N ALA A 130 ? N ALA A 359 O LYS A 5   ? O LYS A 234 
A 6 7 O GLN A 6   ? O GLN A 235 N GLU A 154 ? N GLU A 383 
# 
_struct_site.id                   AC1 
_struct_site.pdbx_evidence_code   Software 
_struct_site.pdbx_auth_asym_id    A 
_struct_site.pdbx_auth_comp_id    ZN 
_struct_site.pdbx_auth_seq_id     900 
_struct_site.pdbx_auth_ins_code   ? 
_struct_site.pdbx_num_residues    4 
_struct_site.details              'BINDING SITE FOR RESIDUE ZN A 900' 
# 
loop_
_struct_site_gen.id 
_struct_site_gen.site_id 
_struct_site_gen.pdbx_num_res 
_struct_site_gen.label_comp_id 
_struct_site_gen.label_asym_id 
_struct_site_gen.label_seq_id 
_struct_site_gen.pdbx_auth_ins_code 
_struct_site_gen.auth_comp_id 
_struct_site_gen.auth_asym_id 
_struct_site_gen.auth_seq_id 
_struct_site_gen.label_atom_id 
_struct_site_gen.label_alt_id 
_struct_site_gen.symmetry 
_struct_site_gen.details 
1 AC1 4 GLU A 19  ? GLU A 248 . ? 1_455 ? 
2 AC1 4 ASP A 23  ? ASP A 252 . ? 1_455 ? 
3 AC1 4 GLU A 112 ? GLU A 341 . ? 1_555 ? 
4 AC1 4 HIS A 116 ? HIS A 345 . ? 1_555 ? 
# 
loop_
_pdbx_validate_torsion.id 
_pdbx_validate_torsion.PDB_model_num 
_pdbx_validate_torsion.auth_comp_id 
_pdbx_validate_torsion.auth_asym_id 
_pdbx_validate_torsion.auth_seq_id 
_pdbx_validate_torsion.PDB_ins_code 
_pdbx_validate_torsion.label_alt_id 
_pdbx_validate_torsion.phi 
_pdbx_validate_torsion.psi 
1 1 GLU A 241 ? ? 67.67  -49.55  
2 1 THR A 260 ? ? -95.15 -62.16  
3 1 LYS A 283 ? ? 82.32  -4.70   
4 1 ASP A 292 ? ? -66.90 0.54    
5 1 GLN A 326 ? ? -59.42 -125.10 
# 
loop_
_pdbx_unobs_or_zero_occ_residues.id 
_pdbx_unobs_or_zero_occ_residues.PDB_model_num 
_pdbx_unobs_or_zero_occ_residues.polymer_flag 
_pdbx_unobs_or_zero_occ_residues.occupancy_flag 
_pdbx_unobs_or_zero_occ_residues.auth_asym_id 
_pdbx_unobs_or_zero_occ_residues.auth_comp_id 
_pdbx_unobs_or_zero_occ_residues.auth_seq_id 
_pdbx_unobs_or_zero_occ_residues.PDB_ins_code 
_pdbx_unobs_or_zero_occ_residues.label_asym_id 
_pdbx_unobs_or_zero_occ_residues.label_comp_id 
_pdbx_unobs_or_zero_occ_residues.label_seq_id 
1 1 Y 1 A LEU 230 ? A LEU 1   
2 1 Y 1 A GLU 231 ? A GLU 2   
3 1 Y 1 A GLY 232 ? A GLY 3   
4 1 Y 1 A ARG 352 ? A ARG 123 
5 1 Y 1 A PHE 353 ? A PHE 124 
6 1 Y 1 A GLY 354 ? A GLY 125 
7 1 Y 1 A ARG 355 ? A ARG 126 
8 1 Y 1 A LYS 356 ? A LYS 127 
# 
loop_
_chem_comp_atom.comp_id 
_chem_comp_atom.atom_id 
_chem_comp_atom.type_symbol 
_chem_comp_atom.pdbx_aromatic_flag 
_chem_comp_atom.pdbx_stereo_config 
_chem_comp_atom.pdbx_ordinal 
ALA N    N  N N 1   
ALA CA   C  N S 2   
ALA C    C  N N 3   
ALA O    O  N N 4   
ALA CB   C  N N 5   
ALA OXT  O  N N 6   
ALA H    H  N N 7   
ALA H2   H  N N 8   
ALA HA   H  N N 9   
ALA HB1  H  N N 10  
ALA HB2  H  N N 11  
ALA HB3  H  N N 12  
ALA HXT  H  N N 13  
ARG N    N  N N 14  
ARG CA   C  N S 15  
ARG C    C  N N 16  
ARG O    O  N N 17  
ARG CB   C  N N 18  
ARG CG   C  N N 19  
ARG CD   C  N N 20  
ARG NE   N  N N 21  
ARG CZ   C  N N 22  
ARG NH1  N  N N 23  
ARG NH2  N  N N 24  
ARG OXT  O  N N 25  
ARG H    H  N N 26  
ARG H2   H  N N 27  
ARG HA   H  N N 28  
ARG HB2  H  N N 29  
ARG HB3  H  N N 30  
ARG HG2  H  N N 31  
ARG HG3  H  N N 32  
ARG HD2  H  N N 33  
ARG HD3  H  N N 34  
ARG HE   H  N N 35  
ARG HH11 H  N N 36  
ARG HH12 H  N N 37  
ARG HH21 H  N N 38  
ARG HH22 H  N N 39  
ARG HXT  H  N N 40  
ASN N    N  N N 41  
ASN CA   C  N S 42  
ASN C    C  N N 43  
ASN O    O  N N 44  
ASN CB   C  N N 45  
ASN CG   C  N N 46  
ASN OD1  O  N N 47  
ASN ND2  N  N N 48  
ASN OXT  O  N N 49  
ASN H    H  N N 50  
ASN H2   H  N N 51  
ASN HA   H  N N 52  
ASN HB2  H  N N 53  
ASN HB3  H  N N 54  
ASN HD21 H  N N 55  
ASN HD22 H  N N 56  
ASN HXT  H  N N 57  
ASP N    N  N N 58  
ASP CA   C  N S 59  
ASP C    C  N N 60  
ASP O    O  N N 61  
ASP CB   C  N N 62  
ASP CG   C  N N 63  
ASP OD1  O  N N 64  
ASP OD2  O  N N 65  
ASP OXT  O  N N 66  
ASP H    H  N N 67  
ASP H2   H  N N 68  
ASP HA   H  N N 69  
ASP HB2  H  N N 70  
ASP HB3  H  N N 71  
ASP HD2  H  N N 72  
ASP HXT  H  N N 73  
CYS N    N  N N 74  
CYS CA   C  N R 75  
CYS C    C  N N 76  
CYS O    O  N N 77  
CYS CB   C  N N 78  
CYS SG   S  N N 79  
CYS OXT  O  N N 80  
CYS H    H  N N 81  
CYS H2   H  N N 82  
CYS HA   H  N N 83  
CYS HB2  H  N N 84  
CYS HB3  H  N N 85  
CYS HG   H  N N 86  
CYS HXT  H  N N 87  
GLN N    N  N N 88  
GLN CA   C  N S 89  
GLN C    C  N N 90  
GLN O    O  N N 91  
GLN CB   C  N N 92  
GLN CG   C  N N 93  
GLN CD   C  N N 94  
GLN OE1  O  N N 95  
GLN NE2  N  N N 96  
GLN OXT  O  N N 97  
GLN H    H  N N 98  
GLN H2   H  N N 99  
GLN HA   H  N N 100 
GLN HB2  H  N N 101 
GLN HB3  H  N N 102 
GLN HG2  H  N N 103 
GLN HG3  H  N N 104 
GLN HE21 H  N N 105 
GLN HE22 H  N N 106 
GLN HXT  H  N N 107 
GLU N    N  N N 108 
GLU CA   C  N S 109 
GLU C    C  N N 110 
GLU O    O  N N 111 
GLU CB   C  N N 112 
GLU CG   C  N N 113 
GLU CD   C  N N 114 
GLU OE1  O  N N 115 
GLU OE2  O  N N 116 
GLU OXT  O  N N 117 
GLU H    H  N N 118 
GLU H2   H  N N 119 
GLU HA   H  N N 120 
GLU HB2  H  N N 121 
GLU HB3  H  N N 122 
GLU HG2  H  N N 123 
GLU HG3  H  N N 124 
GLU HE2  H  N N 125 
GLU HXT  H  N N 126 
GLY N    N  N N 127 
GLY CA   C  N N 128 
GLY C    C  N N 129 
GLY O    O  N N 130 
GLY OXT  O  N N 131 
GLY H    H  N N 132 
GLY H2   H  N N 133 
GLY HA2  H  N N 134 
GLY HA3  H  N N 135 
GLY HXT  H  N N 136 
HIS N    N  N N 137 
HIS CA   C  N S 138 
HIS C    C  N N 139 
HIS O    O  N N 140 
HIS CB   C  N N 141 
HIS CG   C  Y N 142 
HIS ND1  N  Y N 143 
HIS CD2  C  Y N 144 
HIS CE1  C  Y N 145 
HIS NE2  N  Y N 146 
HIS OXT  O  N N 147 
HIS H    H  N N 148 
HIS H2   H  N N 149 
HIS HA   H  N N 150 
HIS HB2  H  N N 151 
HIS HB3  H  N N 152 
HIS HD1  H  N N 153 
HIS HD2  H  N N 154 
HIS HE1  H  N N 155 
HIS HE2  H  N N 156 
HIS HXT  H  N N 157 
HOH O    O  N N 158 
HOH H1   H  N N 159 
HOH H2   H  N N 160 
ILE N    N  N N 161 
ILE CA   C  N S 162 
ILE C    C  N N 163 
ILE O    O  N N 164 
ILE CB   C  N S 165 
ILE CG1  C  N N 166 
ILE CG2  C  N N 167 
ILE CD1  C  N N 168 
ILE OXT  O  N N 169 
ILE H    H  N N 170 
ILE H2   H  N N 171 
ILE HA   H  N N 172 
ILE HB   H  N N 173 
ILE HG12 H  N N 174 
ILE HG13 H  N N 175 
ILE HG21 H  N N 176 
ILE HG22 H  N N 177 
ILE HG23 H  N N 178 
ILE HD11 H  N N 179 
ILE HD12 H  N N 180 
ILE HD13 H  N N 181 
ILE HXT  H  N N 182 
LEU N    N  N N 183 
LEU CA   C  N S 184 
LEU C    C  N N 185 
LEU O    O  N N 186 
LEU CB   C  N N 187 
LEU CG   C  N N 188 
LEU CD1  C  N N 189 
LEU CD2  C  N N 190 
LEU OXT  O  N N 191 
LEU H    H  N N 192 
LEU H2   H  N N 193 
LEU HA   H  N N 194 
LEU HB2  H  N N 195 
LEU HB3  H  N N 196 
LEU HG   H  N N 197 
LEU HD11 H  N N 198 
LEU HD12 H  N N 199 
LEU HD13 H  N N 200 
LEU HD21 H  N N 201 
LEU HD22 H  N N 202 
LEU HD23 H  N N 203 
LEU HXT  H  N N 204 
LYS N    N  N N 205 
LYS CA   C  N S 206 
LYS C    C  N N 207 
LYS O    O  N N 208 
LYS CB   C  N N 209 
LYS CG   C  N N 210 
LYS CD   C  N N 211 
LYS CE   C  N N 212 
LYS NZ   N  N N 213 
LYS OXT  O  N N 214 
LYS H    H  N N 215 
LYS H2   H  N N 216 
LYS HA   H  N N 217 
LYS HB2  H  N N 218 
LYS HB3  H  N N 219 
LYS HG2  H  N N 220 
LYS HG3  H  N N 221 
LYS HD2  H  N N 222 
LYS HD3  H  N N 223 
LYS HE2  H  N N 224 
LYS HE3  H  N N 225 
LYS HZ1  H  N N 226 
LYS HZ2  H  N N 227 
LYS HZ3  H  N N 228 
LYS HXT  H  N N 229 
MET N    N  N N 230 
MET CA   C  N S 231 
MET C    C  N N 232 
MET O    O  N N 233 
MET CB   C  N N 234 
MET CG   C  N N 235 
MET SD   S  N N 236 
MET CE   C  N N 237 
MET OXT  O  N N 238 
MET H    H  N N 239 
MET H2   H  N N 240 
MET HA   H  N N 241 
MET HB2  H  N N 242 
MET HB3  H  N N 243 
MET HG2  H  N N 244 
MET HG3  H  N N 245 
MET HE1  H  N N 246 
MET HE2  H  N N 247 
MET HE3  H  N N 248 
MET HXT  H  N N 249 
PHE N    N  N N 250 
PHE CA   C  N S 251 
PHE C    C  N N 252 
PHE O    O  N N 253 
PHE CB   C  N N 254 
PHE CG   C  Y N 255 
PHE CD1  C  Y N 256 
PHE CD2  C  Y N 257 
PHE CE1  C  Y N 258 
PHE CE2  C  Y N 259 
PHE CZ   C  Y N 260 
PHE OXT  O  N N 261 
PHE H    H  N N 262 
PHE H2   H  N N 263 
PHE HA   H  N N 264 
PHE HB2  H  N N 265 
PHE HB3  H  N N 266 
PHE HD1  H  N N 267 
PHE HD2  H  N N 268 
PHE HE1  H  N N 269 
PHE HE2  H  N N 270 
PHE HZ   H  N N 271 
PHE HXT  H  N N 272 
PRO N    N  N N 273 
PRO CA   C  N S 274 
PRO C    C  N N 275 
PRO O    O  N N 276 
PRO CB   C  N N 277 
PRO CG   C  N N 278 
PRO CD   C  N N 279 
PRO OXT  O  N N 280 
PRO H    H  N N 281 
PRO HA   H  N N 282 
PRO HB2  H  N N 283 
PRO HB3  H  N N 284 
PRO HG2  H  N N 285 
PRO HG3  H  N N 286 
PRO HD2  H  N N 287 
PRO HD3  H  N N 288 
PRO HXT  H  N N 289 
SER N    N  N N 290 
SER CA   C  N S 291 
SER C    C  N N 292 
SER O    O  N N 293 
SER CB   C  N N 294 
SER OG   O  N N 295 
SER OXT  O  N N 296 
SER H    H  N N 297 
SER H2   H  N N 298 
SER HA   H  N N 299 
SER HB2  H  N N 300 
SER HB3  H  N N 301 
SER HG   H  N N 302 
SER HXT  H  N N 303 
THR N    N  N N 304 
THR CA   C  N S 305 
THR C    C  N N 306 
THR O    O  N N 307 
THR CB   C  N R 308 
THR OG1  O  N N 309 
THR CG2  C  N N 310 
THR OXT  O  N N 311 
THR H    H  N N 312 
THR H2   H  N N 313 
THR HA   H  N N 314 
THR HB   H  N N 315 
THR HG1  H  N N 316 
THR HG21 H  N N 317 
THR HG22 H  N N 318 
THR HG23 H  N N 319 
THR HXT  H  N N 320 
TYR N    N  N N 321 
TYR CA   C  N S 322 
TYR C    C  N N 323 
TYR O    O  N N 324 
TYR CB   C  N N 325 
TYR CG   C  Y N 326 
TYR CD1  C  Y N 327 
TYR CD2  C  Y N 328 
TYR CE1  C  Y N 329 
TYR CE2  C  Y N 330 
TYR CZ   C  Y N 331 
TYR OH   O  N N 332 
TYR OXT  O  N N 333 
TYR H    H  N N 334 
TYR H2   H  N N 335 
TYR HA   H  N N 336 
TYR HB2  H  N N 337 
TYR HB3  H  N N 338 
TYR HD1  H  N N 339 
TYR HD2  H  N N 340 
TYR HE1  H  N N 341 
TYR HE2  H  N N 342 
TYR HH   H  N N 343 
TYR HXT  H  N N 344 
VAL N    N  N N 345 
VAL CA   C  N S 346 
VAL C    C  N N 347 
VAL O    O  N N 348 
VAL CB   C  N N 349 
VAL CG1  C  N N 350 
VAL CG2  C  N N 351 
VAL OXT  O  N N 352 
VAL H    H  N N 353 
VAL H2   H  N N 354 
VAL HA   H  N N 355 
VAL HB   H  N N 356 
VAL HG11 H  N N 357 
VAL HG12 H  N N 358 
VAL HG13 H  N N 359 
VAL HG21 H  N N 360 
VAL HG22 H  N N 361 
VAL HG23 H  N N 362 
VAL HXT  H  N N 363 
ZN  ZN   ZN N N 364 
# 
loop_
_chem_comp_bond.comp_id 
_chem_comp_bond.atom_id_1 
_chem_comp_bond.atom_id_2 
_chem_comp_bond.value_order 
_chem_comp_bond.pdbx_aromatic_flag 
_chem_comp_bond.pdbx_stereo_config 
_chem_comp_bond.pdbx_ordinal 
ALA N   CA   sing N N 1   
ALA N   H    sing N N 2   
ALA N   H2   sing N N 3   
ALA CA  C    sing N N 4   
ALA CA  CB   sing N N 5   
ALA CA  HA   sing N N 6   
ALA C   O    doub N N 7   
ALA C   OXT  sing N N 8   
ALA CB  HB1  sing N N 9   
ALA CB  HB2  sing N N 10  
ALA CB  HB3  sing N N 11  
ALA OXT HXT  sing N N 12  
ARG N   CA   sing N N 13  
ARG N   H    sing N N 14  
ARG N   H2   sing N N 15  
ARG CA  C    sing N N 16  
ARG CA  CB   sing N N 17  
ARG CA  HA   sing N N 18  
ARG C   O    doub N N 19  
ARG C   OXT  sing N N 20  
ARG CB  CG   sing N N 21  
ARG CB  HB2  sing N N 22  
ARG CB  HB3  sing N N 23  
ARG CG  CD   sing N N 24  
ARG CG  HG2  sing N N 25  
ARG CG  HG3  sing N N 26  
ARG CD  NE   sing N N 27  
ARG CD  HD2  sing N N 28  
ARG CD  HD3  sing N N 29  
ARG NE  CZ   sing N N 30  
ARG NE  HE   sing N N 31  
ARG CZ  NH1  sing N N 32  
ARG CZ  NH2  doub N N 33  
ARG NH1 HH11 sing N N 34  
ARG NH1 HH12 sing N N 35  
ARG NH2 HH21 sing N N 36  
ARG NH2 HH22 sing N N 37  
ARG OXT HXT  sing N N 38  
ASN N   CA   sing N N 39  
ASN N   H    sing N N 40  
ASN N   H2   sing N N 41  
ASN CA  C    sing N N 42  
ASN CA  CB   sing N N 43  
ASN CA  HA   sing N N 44  
ASN C   O    doub N N 45  
ASN C   OXT  sing N N 46  
ASN CB  CG   sing N N 47  
ASN CB  HB2  sing N N 48  
ASN CB  HB3  sing N N 49  
ASN CG  OD1  doub N N 50  
ASN CG  ND2  sing N N 51  
ASN ND2 HD21 sing N N 52  
ASN ND2 HD22 sing N N 53  
ASN OXT HXT  sing N N 54  
ASP N   CA   sing N N 55  
ASP N   H    sing N N 56  
ASP N   H2   sing N N 57  
ASP CA  C    sing N N 58  
ASP CA  CB   sing N N 59  
ASP CA  HA   sing N N 60  
ASP C   O    doub N N 61  
ASP C   OXT  sing N N 62  
ASP CB  CG   sing N N 63  
ASP CB  HB2  sing N N 64  
ASP CB  HB3  sing N N 65  
ASP CG  OD1  doub N N 66  
ASP CG  OD2  sing N N 67  
ASP OD2 HD2  sing N N 68  
ASP OXT HXT  sing N N 69  
CYS N   CA   sing N N 70  
CYS N   H    sing N N 71  
CYS N   H2   sing N N 72  
CYS CA  C    sing N N 73  
CYS CA  CB   sing N N 74  
CYS CA  HA   sing N N 75  
CYS C   O    doub N N 76  
CYS C   OXT  sing N N 77  
CYS CB  SG   sing N N 78  
CYS CB  HB2  sing N N 79  
CYS CB  HB3  sing N N 80  
CYS SG  HG   sing N N 81  
CYS OXT HXT  sing N N 82  
GLN N   CA   sing N N 83  
GLN N   H    sing N N 84  
GLN N   H2   sing N N 85  
GLN CA  C    sing N N 86  
GLN CA  CB   sing N N 87  
GLN CA  HA   sing N N 88  
GLN C   O    doub N N 89  
GLN C   OXT  sing N N 90  
GLN CB  CG   sing N N 91  
GLN CB  HB2  sing N N 92  
GLN CB  HB3  sing N N 93  
GLN CG  CD   sing N N 94  
GLN CG  HG2  sing N N 95  
GLN CG  HG3  sing N N 96  
GLN CD  OE1  doub N N 97  
GLN CD  NE2  sing N N 98  
GLN NE2 HE21 sing N N 99  
GLN NE2 HE22 sing N N 100 
GLN OXT HXT  sing N N 101 
GLU N   CA   sing N N 102 
GLU N   H    sing N N 103 
GLU N   H2   sing N N 104 
GLU CA  C    sing N N 105 
GLU CA  CB   sing N N 106 
GLU CA  HA   sing N N 107 
GLU C   O    doub N N 108 
GLU C   OXT  sing N N 109 
GLU CB  CG   sing N N 110 
GLU CB  HB2  sing N N 111 
GLU CB  HB3  sing N N 112 
GLU CG  CD   sing N N 113 
GLU CG  HG2  sing N N 114 
GLU CG  HG3  sing N N 115 
GLU CD  OE1  doub N N 116 
GLU CD  OE2  sing N N 117 
GLU OE2 HE2  sing N N 118 
GLU OXT HXT  sing N N 119 
GLY N   CA   sing N N 120 
GLY N   H    sing N N 121 
GLY N   H2   sing N N 122 
GLY CA  C    sing N N 123 
GLY CA  HA2  sing N N 124 
GLY CA  HA3  sing N N 125 
GLY C   O    doub N N 126 
GLY C   OXT  sing N N 127 
GLY OXT HXT  sing N N 128 
HIS N   CA   sing N N 129 
HIS N   H    sing N N 130 
HIS N   H2   sing N N 131 
HIS CA  C    sing N N 132 
HIS CA  CB   sing N N 133 
HIS CA  HA   sing N N 134 
HIS C   O    doub N N 135 
HIS C   OXT  sing N N 136 
HIS CB  CG   sing N N 137 
HIS CB  HB2  sing N N 138 
HIS CB  HB3  sing N N 139 
HIS CG  ND1  sing Y N 140 
HIS CG  CD2  doub Y N 141 
HIS ND1 CE1  doub Y N 142 
HIS ND1 HD1  sing N N 143 
HIS CD2 NE2  sing Y N 144 
HIS CD2 HD2  sing N N 145 
HIS CE1 NE2  sing Y N 146 
HIS CE1 HE1  sing N N 147 
HIS NE2 HE2  sing N N 148 
HIS OXT HXT  sing N N 149 
HOH O   H1   sing N N 150 
HOH O   H2   sing N N 151 
ILE N   CA   sing N N 152 
ILE N   H    sing N N 153 
ILE N   H2   sing N N 154 
ILE CA  C    sing N N 155 
ILE CA  CB   sing N N 156 
ILE CA  HA   sing N N 157 
ILE C   O    doub N N 158 
ILE C   OXT  sing N N 159 
ILE CB  CG1  sing N N 160 
ILE CB  CG2  sing N N 161 
ILE CB  HB   sing N N 162 
ILE CG1 CD1  sing N N 163 
ILE CG1 HG12 sing N N 164 
ILE CG1 HG13 sing N N 165 
ILE CG2 HG21 sing N N 166 
ILE CG2 HG22 sing N N 167 
ILE CG2 HG23 sing N N 168 
ILE CD1 HD11 sing N N 169 
ILE CD1 HD12 sing N N 170 
ILE CD1 HD13 sing N N 171 
ILE OXT HXT  sing N N 172 
LEU N   CA   sing N N 173 
LEU N   H    sing N N 174 
LEU N   H2   sing N N 175 
LEU CA  C    sing N N 176 
LEU CA  CB   sing N N 177 
LEU CA  HA   sing N N 178 
LEU C   O    doub N N 179 
LEU C   OXT  sing N N 180 
LEU CB  CG   sing N N 181 
LEU CB  HB2  sing N N 182 
LEU CB  HB3  sing N N 183 
LEU CG  CD1  sing N N 184 
LEU CG  CD2  sing N N 185 
LEU CG  HG   sing N N 186 
LEU CD1 HD11 sing N N 187 
LEU CD1 HD12 sing N N 188 
LEU CD1 HD13 sing N N 189 
LEU CD2 HD21 sing N N 190 
LEU CD2 HD22 sing N N 191 
LEU CD2 HD23 sing N N 192 
LEU OXT HXT  sing N N 193 
LYS N   CA   sing N N 194 
LYS N   H    sing N N 195 
LYS N   H2   sing N N 196 
LYS CA  C    sing N N 197 
LYS CA  CB   sing N N 198 
LYS CA  HA   sing N N 199 
LYS C   O    doub N N 200 
LYS C   OXT  sing N N 201 
LYS CB  CG   sing N N 202 
LYS CB  HB2  sing N N 203 
LYS CB  HB3  sing N N 204 
LYS CG  CD   sing N N 205 
LYS CG  HG2  sing N N 206 
LYS CG  HG3  sing N N 207 
LYS CD  CE   sing N N 208 
LYS CD  HD2  sing N N 209 
LYS CD  HD3  sing N N 210 
LYS CE  NZ   sing N N 211 
LYS CE  HE2  sing N N 212 
LYS CE  HE3  sing N N 213 
LYS NZ  HZ1  sing N N 214 
LYS NZ  HZ2  sing N N 215 
LYS NZ  HZ3  sing N N 216 
LYS OXT HXT  sing N N 217 
MET N   CA   sing N N 218 
MET N   H    sing N N 219 
MET N   H2   sing N N 220 
MET CA  C    sing N N 221 
MET CA  CB   sing N N 222 
MET CA  HA   sing N N 223 
MET C   O    doub N N 224 
MET C   OXT  sing N N 225 
MET CB  CG   sing N N 226 
MET CB  HB2  sing N N 227 
MET CB  HB3  sing N N 228 
MET CG  SD   sing N N 229 
MET CG  HG2  sing N N 230 
MET CG  HG3  sing N N 231 
MET SD  CE   sing N N 232 
MET CE  HE1  sing N N 233 
MET CE  HE2  sing N N 234 
MET CE  HE3  sing N N 235 
MET OXT HXT  sing N N 236 
PHE N   CA   sing N N 237 
PHE N   H    sing N N 238 
PHE N   H2   sing N N 239 
PHE CA  C    sing N N 240 
PHE CA  CB   sing N N 241 
PHE CA  HA   sing N N 242 
PHE C   O    doub N N 243 
PHE C   OXT  sing N N 244 
PHE CB  CG   sing N N 245 
PHE CB  HB2  sing N N 246 
PHE CB  HB3  sing N N 247 
PHE CG  CD1  doub Y N 248 
PHE CG  CD2  sing Y N 249 
PHE CD1 CE1  sing Y N 250 
PHE CD1 HD1  sing N N 251 
PHE CD2 CE2  doub Y N 252 
PHE CD2 HD2  sing N N 253 
PHE CE1 CZ   doub Y N 254 
PHE CE1 HE1  sing N N 255 
PHE CE2 CZ   sing Y N 256 
PHE CE2 HE2  sing N N 257 
PHE CZ  HZ   sing N N 258 
PHE OXT HXT  sing N N 259 
PRO N   CA   sing N N 260 
PRO N   CD   sing N N 261 
PRO N   H    sing N N 262 
PRO CA  C    sing N N 263 
PRO CA  CB   sing N N 264 
PRO CA  HA   sing N N 265 
PRO C   O    doub N N 266 
PRO C   OXT  sing N N 267 
PRO CB  CG   sing N N 268 
PRO CB  HB2  sing N N 269 
PRO CB  HB3  sing N N 270 
PRO CG  CD   sing N N 271 
PRO CG  HG2  sing N N 272 
PRO CG  HG3  sing N N 273 
PRO CD  HD2  sing N N 274 
PRO CD  HD3  sing N N 275 
PRO OXT HXT  sing N N 276 
SER N   CA   sing N N 277 
SER N   H    sing N N 278 
SER N   H2   sing N N 279 
SER CA  C    sing N N 280 
SER CA  CB   sing N N 281 
SER CA  HA   sing N N 282 
SER C   O    doub N N 283 
SER C   OXT  sing N N 284 
SER CB  OG   sing N N 285 
SER CB  HB2  sing N N 286 
SER CB  HB3  sing N N 287 
SER OG  HG   sing N N 288 
SER OXT HXT  sing N N 289 
THR N   CA   sing N N 290 
THR N   H    sing N N 291 
THR N   H2   sing N N 292 
THR CA  C    sing N N 293 
THR CA  CB   sing N N 294 
THR CA  HA   sing N N 295 
THR C   O    doub N N 296 
THR C   OXT  sing N N 297 
THR CB  OG1  sing N N 298 
THR CB  CG2  sing N N 299 
THR CB  HB   sing N N 300 
THR OG1 HG1  sing N N 301 
THR CG2 HG21 sing N N 302 
THR CG2 HG22 sing N N 303 
THR CG2 HG23 sing N N 304 
THR OXT HXT  sing N N 305 
TYR N   CA   sing N N 306 
TYR N   H    sing N N 307 
TYR N   H2   sing N N 308 
TYR CA  C    sing N N 309 
TYR CA  CB   sing N N 310 
TYR CA  HA   sing N N 311 
TYR C   O    doub N N 312 
TYR C   OXT  sing N N 313 
TYR CB  CG   sing N N 314 
TYR CB  HB2  sing N N 315 
TYR CB  HB3  sing N N 316 
TYR CG  CD1  doub Y N 317 
TYR CG  CD2  sing Y N 318 
TYR CD1 CE1  sing Y N 319 
TYR CD1 HD1  sing N N 320 
TYR CD2 CE2  doub Y N 321 
TYR CD2 HD2  sing N N 322 
TYR CE1 CZ   doub Y N 323 
TYR CE1 HE1  sing N N 324 
TYR CE2 CZ   sing Y N 325 
TYR CE2 HE2  sing N N 326 
TYR CZ  OH   sing N N 327 
TYR OH  HH   sing N N 328 
TYR OXT HXT  sing N N 329 
VAL N   CA   sing N N 330 
VAL N   H    sing N N 331 
VAL N   H2   sing N N 332 
VAL CA  C    sing N N 333 
VAL CA  CB   sing N N 334 
VAL CA  HA   sing N N 335 
VAL C   O    doub N N 336 
VAL C   OXT  sing N N 337 
VAL CB  CG1  sing N N 338 
VAL CB  CG2  sing N N 339 
VAL CB  HB   sing N N 340 
VAL CG1 HG11 sing N N 341 
VAL CG1 HG12 sing N N 342 
VAL CG1 HG13 sing N N 343 
VAL CG2 HG21 sing N N 344 
VAL CG2 HG22 sing N N 345 
VAL CG2 HG23 sing N N 346 
VAL OXT HXT  sing N N 347 
# 
_atom_sites.entry_id                    1FUK 
_atom_sites.fract_transf_matrix[1][1]   0.00569443 
_atom_sites.fract_transf_matrix[1][2]   0.02824978 
_atom_sites.fract_transf_matrix[1][3]   0.00002867 
_atom_sites.fract_transf_matrix[2][1]   0.00646554 
_atom_sites.fract_transf_matrix[2][2]   -0.00132158 
_atom_sites.fract_transf_matrix[2][3]   0.01802387 
_atom_sites.fract_transf_matrix[3][1]   0.01118608 
_atom_sites.fract_transf_matrix[3][2]   -0.00225059 
_atom_sites.fract_transf_matrix[3][3]   -0.00417771 
_atom_sites.fract_transf_vector[1]      0.355770 
_atom_sites.fract_transf_vector[2]      0.426194 
_atom_sites.fract_transf_vector[3]      0.369921 
# 
loop_
_atom_type.symbol 
C  
N  
O  
S  
ZN 
# 
loop_
_atom_site.group_PDB 
_atom_site.id 
_atom_site.type_symbol 
_atom_site.label_atom_id 
_atom_site.label_alt_id 
_atom_site.label_comp_id 
_atom_site.label_asym_id 
_atom_site.label_entity_id 
_atom_site.label_seq_id 
_atom_site.pdbx_PDB_ins_code 
_atom_site.Cartn_x 
_atom_site.Cartn_y 
_atom_site.Cartn_z 
_atom_site.occupancy 
_atom_site.B_iso_or_equiv 
_atom_site.pdbx_formal_charge 
_atom_site.auth_seq_id 
_atom_site.auth_comp_id 
_atom_site.auth_asym_id 
_atom_site.auth_atom_id 
_atom_site.pdbx_PDB_model_num 
ATOM   1    N  N   . ILE A 1 4   ? -14.401 -3.676  3.582   1.00 41.66 ? 233 ILE A N   1 
ATOM   2    C  CA  . ILE A 1 4   ? -13.233 -2.970  2.972   1.00 32.86 ? 233 ILE A CA  1 
ATOM   3    C  C   . ILE A 1 4   ? -13.649 -2.101  1.795   1.00 24.57 ? 233 ILE A C   1 
ATOM   4    O  O   . ILE A 1 4   ? -14.233 -2.592  0.833   1.00 34.66 ? 233 ILE A O   1 
ATOM   5    C  CB  . ILE A 1 4   ? -12.173 -3.969  2.445   1.00 32.06 ? 233 ILE A CB  1 
ATOM   6    C  CG1 . ILE A 1 4   ? -11.693 -4.875  3.581   1.00 34.73 ? 233 ILE A CG1 1 
ATOM   7    C  CG2 . ILE A 1 4   ? -10.989 -3.206  1.848   1.00 23.97 ? 233 ILE A CG2 1 
ATOM   8    C  CD1 . ILE A 1 4   ? -10.697 -5.931  3.141   1.00 30.52 ? 233 ILE A CD1 1 
ATOM   9    N  N   . LYS A 1 5   ? -13.358 -0.808  1.882   1.00 26.49 ? 234 LYS A N   1 
ATOM   10   C  CA  . LYS A 1 5   ? -13.659 0.113   0.795   1.00 28.31 ? 234 LYS A CA  1 
ATOM   11   C  C   . LYS A 1 5   ? -12.430 0.119   -0.112  1.00 25.89 ? 234 LYS A C   1 
ATOM   12   O  O   . LYS A 1 5   ? -11.309 0.296   0.368   1.00 28.88 ? 234 LYS A O   1 
ATOM   13   C  CB  . LYS A 1 5   ? -13.892 1.531   1.323   1.00 31.60 ? 234 LYS A CB  1 
ATOM   14   C  CG  . LYS A 1 5   ? -15.178 1.718   2.102   1.00 44.51 ? 234 LYS A CG  1 
ATOM   15   C  CD  . LYS A 1 5   ? -15.380 3.181   2.444   1.00 43.59 ? 234 LYS A CD  1 
ATOM   16   C  CE  . LYS A 1 5   ? -16.781 3.440   2.970   1.00 54.71 ? 234 LYS A CE  1 
ATOM   17   N  NZ  . LYS A 1 5   ? -17.009 4.892   3.224   1.00 56.99 ? 234 LYS A NZ  1 
ATOM   18   N  N   . GLN A 1 6   ? -12.639 -0.073  -1.409  1.00 23.63 ? 235 GLN A N   1 
ATOM   19   C  CA  . GLN A 1 6   ? -11.538 -0.088  -2.368  1.00 21.23 ? 235 GLN A CA  1 
ATOM   20   C  C   . GLN A 1 6   ? -11.611 1.105   -3.313  1.00 26.52 ? 235 GLN A C   1 
ATOM   21   O  O   . GLN A 1 6   ? -12.652 1.367   -3.921  1.00 24.93 ? 235 GLN A O   1 
ATOM   22   C  CB  . GLN A 1 6   ? -11.574 -1.369  -3.194  1.00 24.09 ? 235 GLN A CB  1 
ATOM   23   C  CG  . GLN A 1 6   ? -11.475 -2.644  -2.390  1.00 25.37 ? 235 GLN A CG  1 
ATOM   24   C  CD  . GLN A 1 6   ? -11.759 -3.859  -3.234  1.00 22.88 ? 235 GLN A CD  1 
ATOM   25   O  OE1 . GLN A 1 6   ? -11.080 -4.118  -4.231  1.00 30.51 ? 235 GLN A OE1 1 
ATOM   26   N  NE2 . GLN A 1 6   ? -12.776 -4.620  -2.844  1.00 39.87 ? 235 GLN A NE2 1 
ATOM   27   N  N   . PHE A 1 7   ? -10.501 1.826   -3.438  1.00 21.87 ? 236 PHE A N   1 
ATOM   28   C  CA  . PHE A 1 7   ? -10.454 2.989   -4.322  1.00 23.32 ? 236 PHE A CA  1 
ATOM   29   C  C   . PHE A 1 7   ? -9.208  2.959   -5.180  1.00 24.94 ? 236 PHE A C   1 
ATOM   30   O  O   . PHE A 1 7   ? -8.321  2.137   -4.982  1.00 18.53 ? 236 PHE A O   1 
ATOM   31   C  CB  . PHE A 1 7   ? -10.392 4.292   -3.534  1.00 21.81 ? 236 PHE A CB  1 
ATOM   32   C  CG  . PHE A 1 7   ? -11.510 4.483   -2.558  1.00 23.52 ? 236 PHE A CG  1 
ATOM   33   C  CD1 . PHE A 1 7   ? -11.349 4.129   -1.222  1.00 25.38 ? 236 PHE A CD1 1 
ATOM   34   C  CD2 . PHE A 1 7   ? -12.705 5.060   -2.960  1.00 25.35 ? 236 PHE A CD2 1 
ATOM   35   C  CE1 . PHE A 1 7   ? -12.366 4.356   -0.294  1.00 32.84 ? 236 PHE A CE1 1 
ATOM   36   C  CE2 . PHE A 1 7   ? -13.727 5.290   -2.041  1.00 22.68 ? 236 PHE A CE2 1 
ATOM   37   C  CZ  . PHE A 1 7   ? -13.555 4.940   -0.709  1.00 25.67 ? 236 PHE A CZ  1 
ATOM   38   N  N   . TYR A 1 8   ? -9.146  3.867   -6.142  1.00 24.49 ? 237 TYR A N   1 
ATOM   39   C  CA  . TYR A 1 8   ? -7.962  3.981   -6.974  1.00 23.62 ? 237 TYR A CA  1 
ATOM   40   C  C   . TYR A 1 8   ? -7.738  5.465   -7.192  1.00 26.24 ? 237 TYR A C   1 
ATOM   41   O  O   . TYR A 1 8   ? -8.675  6.257   -7.112  1.00 20.53 ? 237 TYR A O   1 
ATOM   42   C  CB  . TYR A 1 8   ? -8.132  3.247   -8.317  1.00 21.25 ? 237 TYR A CB  1 
ATOM   43   C  CG  . TYR A 1 8   ? -9.025  3.921   -9.343  1.00 22.03 ? 237 TYR A CG  1 
ATOM   44   C  CD1 . TYR A 1 8   ? -8.514  4.876   -10.224 1.00 30.46 ? 237 TYR A CD1 1 
ATOM   45   C  CD2 . TYR A 1 8   ? -10.375 3.587   -9.446  1.00 29.22 ? 237 TYR A CD2 1 
ATOM   46   C  CE1 . TYR A 1 8   ? -9.323  5.480   -11.188 1.00 30.48 ? 237 TYR A CE1 1 
ATOM   47   C  CE2 . TYR A 1 8   ? -11.192 4.187   -10.401 1.00 23.36 ? 237 TYR A CE2 1 
ATOM   48   C  CZ  . TYR A 1 8   ? -10.658 5.133   -11.272 1.00 28.91 ? 237 TYR A CZ  1 
ATOM   49   O  OH  . TYR A 1 8   ? -11.458 5.734   -12.226 1.00 31.71 ? 237 TYR A OH  1 
ATOM   50   N  N   . VAL A 1 9   ? -6.481  5.838   -7.396  1.00 16.93 ? 238 VAL A N   1 
ATOM   51   C  CA  . VAL A 1 9   ? -6.124  7.220   -7.672  1.00 18.95 ? 238 VAL A CA  1 
ATOM   52   C  C   . VAL A 1 9   ? -5.382  7.135   -8.989  1.00 21.10 ? 238 VAL A C   1 
ATOM   53   O  O   . VAL A 1 9   ? -4.453  6.343   -9.131  1.00 18.02 ? 238 VAL A O   1 
ATOM   54   C  CB  . VAL A 1 9   ? -5.164  7.824   -6.617  1.00 27.81 ? 238 VAL A CB  1 
ATOM   55   C  CG1 . VAL A 1 9   ? -4.816  9.267   -7.000  1.00 29.03 ? 238 VAL A CG1 1 
ATOM   56   C  CG2 . VAL A 1 9   ? -5.797  7.784   -5.236  1.00 38.28 ? 238 VAL A CG2 1 
ATOM   57   N  N   . ASN A 1 10  ? -5.807  7.901   -9.986  1.00 21.25 ? 239 ASN A N   1 
ATOM   58   C  CA  . ASN A 1 10  ? -5.075  7.854   -11.238 1.00 25.20 ? 239 ASN A CA  1 
ATOM   59   C  C   . ASN A 1 10  ? -3.955  8.880   -11.117 1.00 30.25 ? 239 ASN A C   1 
ATOM   60   O  O   . ASN A 1 10  ? -4.191  10.083  -11.214 1.00 32.39 ? 239 ASN A O   1 
ATOM   61   C  CB  . ASN A 1 10  ? -5.958  8.204   -12.428 1.00 31.84 ? 239 ASN A CB  1 
ATOM   62   C  CG  . ASN A 1 10  ? -5.282  7.884   -13.746 1.00 36.09 ? 239 ASN A CG  1 
ATOM   63   O  OD1 . ASN A 1 10  ? -4.079  8.115   -13.908 1.00 26.81 ? 239 ASN A OD1 1 
ATOM   64   N  ND2 . ASN A 1 10  ? -6.045  7.355   -14.697 1.00 30.04 ? 239 ASN A ND2 1 
ATOM   65   N  N   . VAL A 1 11  ? -2.740  8.400   -10.880 1.00 25.94 ? 240 VAL A N   1 
ATOM   66   C  CA  . VAL A 1 11  ? -1.582  9.279   -10.744 1.00 26.34 ? 240 VAL A CA  1 
ATOM   67   C  C   . VAL A 1 11  ? -1.026  9.642   -12.117 1.00 30.83 ? 240 VAL A C   1 
ATOM   68   O  O   . VAL A 1 11  ? -0.063  10.402  -12.224 1.00 28.14 ? 240 VAL A O   1 
ATOM   69   C  CB  . VAL A 1 11  ? -0.467  8.605   -9.919  1.00 26.28 ? 240 VAL A CB  1 
ATOM   70   C  CG1 . VAL A 1 11  ? -0.956  8.353   -8.502  1.00 32.07 ? 240 VAL A CG1 1 
ATOM   71   C  CG2 . VAL A 1 11  ? -0.039  7.304   -10.582 1.00 29.30 ? 240 VAL A CG2 1 
ATOM   72   N  N   . GLU A 1 12  ? -1.640  9.072   -13.150 1.00 27.93 ? 241 GLU A N   1 
ATOM   73   C  CA  . GLU A 1 12  ? -1.272  9.301   -14.548 1.00 32.10 ? 241 GLU A CA  1 
ATOM   74   C  C   . GLU A 1 12  ? 0.085   8.750   -14.954 1.00 27.88 ? 241 GLU A C   1 
ATOM   75   O  O   . GLU A 1 12  ? 0.198   8.060   -15.969 1.00 29.50 ? 241 GLU A O   1 
ATOM   76   C  CB  . GLU A 1 12  ? -1.342  10.794  -14.873 1.00 39.53 ? 241 GLU A CB  1 
ATOM   77   C  CG  . GLU A 1 12  ? -2.733  11.263  -15.262 1.00 52.39 ? 241 GLU A CG  1 
ATOM   78   C  CD  . GLU A 1 12  ? -2.806  12.762  -15.483 1.00 61.29 ? 241 GLU A CD  1 
ATOM   79   O  OE1 . GLU A 1 12  ? -1.911  13.312  -16.163 1.00 61.73 ? 241 GLU A OE1 1 
ATOM   80   O  OE2 . GLU A 1 12  ? -3.765  13.389  -14.981 1.00 62.96 ? 241 GLU A OE2 1 
ATOM   81   N  N   . GLU A 1 13  ? 1.111   9.055   -14.167 1.00 30.98 ? 242 GLU A N   1 
ATOM   82   C  CA  . GLU A 1 13  ? 2.458   8.589   -14.461 1.00 28.82 ? 242 GLU A CA  1 
ATOM   83   C  C   . GLU A 1 13  ? 3.199   8.192   -13.201 1.00 24.78 ? 242 GLU A C   1 
ATOM   84   O  O   . GLU A 1 13  ? 2.962   8.746   -12.123 1.00 26.39 ? 242 GLU A O   1 
ATOM   85   C  CB  . GLU A 1 13  ? 3.234   9.674   -15.210 1.00 35.21 ? 242 GLU A CB  1 
ATOM   86   C  CG  . GLU A 1 13  ? 2.863   9.764   -16.682 1.00 42.29 ? 242 GLU A CG  1 
ATOM   87   C  CD  . GLU A 1 13  ? 3.124   11.133  -17.270 1.00 37.06 ? 242 GLU A CD  1 
ATOM   88   O  OE1 . GLU A 1 13  ? 3.057   11.272  -18.506 1.00 39.23 ? 242 GLU A OE1 1 
ATOM   89   O  OE2 . GLU A 1 13  ? 3.380   12.072  -16.494 1.00 58.28 ? 242 GLU A OE2 1 
ATOM   90   N  N   . GLU A 1 14  ? 4.094   7.220   -13.345 1.00 21.91 ? 243 GLU A N   1 
ATOM   91   C  CA  . GLU A 1 14  ? 4.882   6.714   -12.234 1.00 22.30 ? 243 GLU A CA  1 
ATOM   92   C  C   . GLU A 1 14  ? 5.551   7.821   -11.424 1.00 29.31 ? 243 GLU A C   1 
ATOM   93   O  O   . GLU A 1 14  ? 5.613   7.743   -10.202 1.00 25.61 ? 243 GLU A O   1 
ATOM   94   C  CB  . GLU A 1 14  ? 5.951   5.746   -12.757 1.00 23.15 ? 243 GLU A CB  1 
ATOM   95   C  CG  . GLU A 1 14  ? 6.935   5.240   -11.700 1.00 28.86 ? 243 GLU A CG  1 
ATOM   96   C  CD  . GLU A 1 14  ? 6.353   4.172   -10.781 1.00 31.41 ? 243 GLU A CD  1 
ATOM   97   O  OE1 . GLU A 1 14  ? 6.926   3.967   -9.691  1.00 29.31 ? 243 GLU A OE1 1 
ATOM   98   O  OE2 . GLU A 1 14  ? 5.338   3.531   -11.144 1.00 27.22 ? 243 GLU A OE2 1 
ATOM   99   N  N   . GLU A 1 15  ? 6.050   8.857   -12.095 1.00 26.71 ? 244 GLU A N   1 
ATOM   100  C  CA  . GLU A 1 15  ? 6.741   9.930   -11.384 1.00 23.91 ? 244 GLU A CA  1 
ATOM   101  C  C   . GLU A 1 15  ? 5.932   10.683  -10.332 1.00 24.73 ? 244 GLU A C   1 
ATOM   102  O  O   . GLU A 1 15  ? 6.503   11.212  -9.380  1.00 25.78 ? 244 GLU A O   1 
ATOM   103  C  CB  . GLU A 1 15  ? 7.327   10.938  -12.376 1.00 37.70 ? 244 GLU A CB  1 
ATOM   104  C  CG  . GLU A 1 15  ? 8.014   12.117  -11.700 1.00 44.51 ? 244 GLU A CG  1 
ATOM   105  C  CD  . GLU A 1 15  ? 9.116   12.718  -12.551 1.00 55.60 ? 244 GLU A CD  1 
ATOM   106  O  OE1 . GLU A 1 15  ? 10.118  12.012  -12.806 1.00 52.47 ? 244 GLU A OE1 1 
ATOM   107  O  OE2 . GLU A 1 15  ? 8.979   13.891  -12.959 1.00 55.68 ? 244 GLU A OE2 1 
ATOM   108  N  N   . TYR A 1 16  ? 4.614   10.724  -10.494 1.00 19.15 ? 245 TYR A N   1 
ATOM   109  C  CA  . TYR A 1 16  ? 3.739   11.432  -9.561  1.00 23.66 ? 245 TYR A CA  1 
ATOM   110  C  C   . TYR A 1 16  ? 3.311   10.591  -8.356  1.00 26.09 ? 245 TYR A C   1 
ATOM   111  O  O   . TYR A 1 16  ? 2.657   11.106  -7.448  1.00 24.61 ? 245 TYR A O   1 
ATOM   112  C  CB  . TYR A 1 16  ? 2.481   11.903  -10.292 1.00 22.12 ? 245 TYR A CB  1 
ATOM   113  C  CG  . TYR A 1 16  ? 2.738   12.855  -11.443 1.00 23.99 ? 245 TYR A CG  1 
ATOM   114  C  CD1 . TYR A 1 16  ? 1.902   12.860  -12.555 1.00 34.99 ? 245 TYR A CD1 1 
ATOM   115  C  CD2 . TYR A 1 16  ? 3.814   13.741  -11.426 1.00 36.01 ? 245 TYR A CD2 1 
ATOM   116  C  CE1 . TYR A 1 16  ? 2.122   13.718  -13.625 1.00 30.72 ? 245 TYR A CE1 1 
ATOM   117  C  CE2 . TYR A 1 16  ? 4.045   14.606  -12.493 1.00 34.75 ? 245 TYR A CE2 1 
ATOM   118  C  CZ  . TYR A 1 16  ? 3.194   14.585  -13.589 1.00 35.08 ? 245 TYR A CZ  1 
ATOM   119  O  OH  . TYR A 1 16  ? 3.414   15.417  -14.659 1.00 32.62 ? 245 TYR A OH  1 
ATOM   120  N  N   . LYS A 1 17  ? 3.679   9.312   -8.340  1.00 22.38 ? 246 LYS A N   1 
ATOM   121  C  CA  . LYS A 1 17  ? 3.281   8.417   -7.252  1.00 22.03 ? 246 LYS A CA  1 
ATOM   122  C  C   . LYS A 1 17  ? 3.776   8.826   -5.871  1.00 22.11 ? 246 LYS A C   1 
ATOM   123  O  O   . LYS A 1 17  ? 3.005   8.846   -4.909  1.00 21.15 ? 246 LYS A O   1 
ATOM   124  C  CB  . LYS A 1 17  ? 3.747   6.984   -7.532  1.00 19.19 ? 246 LYS A CB  1 
ATOM   125  C  CG  . LYS A 1 17  ? 2.893   6.214   -8.531  1.00 20.34 ? 246 LYS A CG  1 
ATOM   126  C  CD  . LYS A 1 17  ? 3.359   4.766   -8.613  1.00 15.26 ? 246 LYS A CD  1 
ATOM   127  C  CE  . LYS A 1 17  ? 2.477   3.955   -9.551  1.00 22.38 ? 246 LYS A CE  1 
ATOM   128  N  NZ  . LYS A 1 17  ? 3.110   2.649   -9.847  1.00 17.83 ? 246 LYS A NZ  1 
ATOM   129  N  N   . TYR A 1 18  ? 5.059   9.148   -5.762  1.00 18.09 ? 247 TYR A N   1 
ATOM   130  C  CA  . TYR A 1 18  ? 5.601   9.519   -4.467  1.00 18.31 ? 247 TYR A CA  1 
ATOM   131  C  C   . TYR A 1 18  ? 4.868   10.708  -3.852  1.00 25.30 ? 247 TYR A C   1 
ATOM   132  O  O   . TYR A 1 18  ? 4.463   10.655  -2.690  1.00 17.35 ? 247 TYR A O   1 
ATOM   133  C  CB  . TYR A 1 18  ? 7.090   9.840   -4.556  1.00 21.35 ? 247 TYR A CB  1 
ATOM   134  C  CG  . TYR A 1 18  ? 7.676   10.063  -3.185  1.00 23.74 ? 247 TYR A CG  1 
ATOM   135  C  CD1 . TYR A 1 18  ? 7.811   9.006   -2.286  1.00 20.70 ? 247 TYR A CD1 1 
ATOM   136  C  CD2 . TYR A 1 18  ? 8.019   11.341  -2.757  1.00 24.60 ? 247 TYR A CD2 1 
ATOM   137  C  CE1 . TYR A 1 18  ? 8.274   9.218   -0.984  1.00 24.70 ? 247 TYR A CE1 1 
ATOM   138  C  CE2 . TYR A 1 18  ? 8.479   11.566  -1.467  1.00 25.09 ? 247 TYR A CE2 1 
ATOM   139  C  CZ  . TYR A 1 18  ? 8.603   10.506  -0.589  1.00 28.46 ? 247 TYR A CZ  1 
ATOM   140  O  OH  . TYR A 1 18  ? 9.058   10.735  0.678   1.00 27.19 ? 247 TYR A OH  1 
ATOM   141  N  N   . GLU A 1 19  ? 4.700   11.780  -4.623  1.00 23.11 ? 248 GLU A N   1 
ATOM   142  C  CA  . GLU A 1 19  ? 4.015   12.962  -4.113  1.00 22.73 ? 248 GLU A CA  1 
ATOM   143  C  C   . GLU A 1 19  ? 2.556   12.661  -3.776  1.00 22.10 ? 248 GLU A C   1 
ATOM   144  O  O   . GLU A 1 19  ? 2.007   13.210  -2.818  1.00 22.52 ? 248 GLU A O   1 
ATOM   145  C  CB  . GLU A 1 19  ? 4.072   14.102  -5.133  1.00 29.32 ? 248 GLU A CB  1 
ATOM   146  C  CG  . GLU A 1 19  ? 3.512   15.415  -4.599  1.00 30.61 ? 248 GLU A CG  1 
ATOM   147  C  CD  . GLU A 1 19  ? 4.426   16.043  -3.566  1.00 31.65 ? 248 GLU A CD  1 
ATOM   148  O  OE1 . GLU A 1 19  ? 3.971   16.931  -2.816  1.00 34.94 ? 248 GLU A OE1 1 
ATOM   149  O  OE2 . GLU A 1 19  ? 5.610   15.655  -3.507  1.00 29.96 ? 248 GLU A OE2 1 
ATOM   150  N  N   . CYS A 1 20  ? 1.921   11.801  -4.566  1.00 17.88 ? 249 CYS A N   1 
ATOM   151  C  CA  . CYS A 1 20  ? 0.531   11.454  -4.305  1.00 20.84 ? 249 CYS A CA  1 
ATOM   152  C  C   . CYS A 1 20  ? 0.433   10.719  -2.969  1.00 16.42 ? 249 CYS A C   1 
ATOM   153  O  O   . CYS A 1 20  ? -0.484  10.961  -2.190  1.00 22.69 ? 249 CYS A O   1 
ATOM   154  C  CB  . CYS A 1 20  ? -0.014  10.562  -5.412  1.00 23.86 ? 249 CYS A CB  1 
ATOM   155  S  SG  . CYS A 1 20  ? -1.724  10.023  -5.153  1.00 42.45 ? 249 CYS A SG  1 
ATOM   156  N  N   . LEU A 1 21  ? 1.395   9.831   -2.718  1.00 16.10 ? 250 LEU A N   1 
ATOM   157  C  CA  . LEU A 1 21  ? 1.438   9.054   -1.480  1.00 17.72 ? 250 LEU A CA  1 
ATOM   158  C  C   . LEU A 1 21  ? 1.599   9.949   -0.255  1.00 20.08 ? 250 LEU A C   1 
ATOM   159  O  O   . LEU A 1 21  ? 0.809   9.867   0.687   1.00 22.13 ? 250 LEU A O   1 
ATOM   160  C  CB  . LEU A 1 21  ? 2.598   8.041   -1.510  1.00 17.30 ? 250 LEU A CB  1 
ATOM   161  C  CG  . LEU A 1 21  ? 2.954   7.367   -0.177  1.00 17.96 ? 250 LEU A CG  1 
ATOM   162  C  CD1 . LEU A 1 21  ? 1.762   6.545   0.332   1.00 21.07 ? 250 LEU A CD1 1 
ATOM   163  C  CD2 . LEU A 1 21  ? 4.176   6.475   -0.361  1.00 21.74 ? 250 LEU A CD2 1 
ATOM   164  N  N   . THR A 1 22  ? 2.621   10.805  -0.262  1.00 24.22 ? 251 THR A N   1 
ATOM   165  C  CA  . THR A 1 22  ? 2.860   11.679  0.885   1.00 24.36 ? 251 THR A CA  1 
ATOM   166  C  C   . THR A 1 22  ? 1.729   12.680  1.131   1.00 26.65 ? 251 THR A C   1 
ATOM   167  O  O   . THR A 1 22  ? 1.370   12.936  2.285   1.00 24.90 ? 251 THR A O   1 
ATOM   168  C  CB  . THR A 1 22  ? 4.208   12.423  0.751   1.00 25.44 ? 251 THR A CB  1 
ATOM   169  O  OG1 . THR A 1 22  ? 4.272   13.070  -0.524  1.00 26.60 ? 251 THR A OG1 1 
ATOM   170  C  CG2 . THR A 1 22  ? 5.367   11.449  0.886   1.00 29.39 ? 251 THR A CG2 1 
ATOM   171  N  N   . ASP A 1 23  ? 1.165   13.240  0.061   1.00 23.78 ? 252 ASP A N   1 
ATOM   172  C  CA  . ASP A 1 23  ? 0.047   14.175  0.200   1.00 28.33 ? 252 ASP A CA  1 
ATOM   173  C  C   . ASP A 1 23  ? -1.173  13.443  0.721   1.00 29.93 ? 252 ASP A C   1 
ATOM   174  O  O   . ASP A 1 23  ? -1.921  13.974  1.541   1.00 26.89 ? 252 ASP A O   1 
ATOM   175  C  CB  . ASP A 1 23  ? -0.323  14.806  -1.132  1.00 27.81 ? 252 ASP A CB  1 
ATOM   176  C  CG  . ASP A 1 23  ? 0.705   15.798  -1.616  1.00 36.60 ? 252 ASP A CG  1 
ATOM   177  O  OD1 . ASP A 1 23  ? 1.546   16.235  -0.801  1.00 29.57 ? 252 ASP A OD1 1 
ATOM   178  O  OD2 . ASP A 1 23  ? 0.656   16.142  -2.813  1.00 27.02 ? 252 ASP A OD2 1 
ATOM   179  N  N   . LEU A 1 24  ? -1.391  12.232  0.211   1.00 27.03 ? 253 LEU A N   1 
ATOM   180  C  CA  . LEU A 1 24  ? -2.518  11.418  0.644   1.00 28.92 ? 253 LEU A CA  1 
ATOM   181  C  C   . LEU A 1 24  ? -2.342  11.148  2.126   1.00 30.77 ? 253 LEU A C   1 
ATOM   182  O  O   . LEU A 1 24  ? -3.259  11.364  2.921   1.00 29.47 ? 253 LEU A O   1 
ATOM   183  C  CB  . LEU A 1 24  ? -2.543  10.090  -0.117  1.00 28.69 ? 253 LEU A CB  1 
ATOM   184  C  CG  . LEU A 1 24  ? -3.474  8.995   0.402   1.00 37.83 ? 253 LEU A CG  1 
ATOM   185  C  CD1 . LEU A 1 24  ? -4.925  9.453   0.329   1.00 39.27 ? 253 LEU A CD1 1 
ATOM   186  C  CD2 . LEU A 1 24  ? -3.266  7.738   -0.430  1.00 41.60 ? 253 LEU A CD2 1 
ATOM   187  N  N   . TYR A 1 25  ? -1.149  10.690  2.490   1.00 24.18 ? 254 TYR A N   1 
ATOM   188  C  CA  . TYR A 1 25  ? -0.843  10.381  3.877   1.00 25.76 ? 254 TYR A CA  1 
ATOM   189  C  C   . TYR A 1 25  ? -1.241  11.518  4.808   1.00 35.40 ? 254 TYR A C   1 
ATOM   190  O  O   . TYR A 1 25  ? -1.766  11.280  5.894   1.00 38.20 ? 254 TYR A O   1 
ATOM   191  C  CB  . TYR A 1 25  ? 0.643   10.090  4.047   1.00 34.02 ? 254 TYR A CB  1 
ATOM   192  C  CG  . TYR A 1 25  ? 0.970   9.651   5.444   1.00 29.78 ? 254 TYR A CG  1 
ATOM   193  C  CD1 . TYR A 1 25  ? 0.737   8.337   5.850   1.00 35.43 ? 254 TYR A CD1 1 
ATOM   194  C  CD2 . TYR A 1 25  ? 1.445   10.561  6.386   1.00 30.33 ? 254 TYR A CD2 1 
ATOM   195  C  CE1 . TYR A 1 25  ? 0.965   7.940   7.164   1.00 39.30 ? 254 TYR A CE1 1 
ATOM   196  C  CE2 . TYR A 1 25  ? 1.677   10.174  7.705   1.00 36.30 ? 254 TYR A CE2 1 
ATOM   197  C  CZ  . TYR A 1 25  ? 1.431   8.864   8.084   1.00 31.64 ? 254 TYR A CZ  1 
ATOM   198  O  OH  . TYR A 1 25  ? 1.632   8.481   9.389   1.00 35.22 ? 254 TYR A OH  1 
ATOM   199  N  N   . ASP A 1 26  ? -0.984  12.753  4.392   1.00 31.12 ? 255 ASP A N   1 
ATOM   200  C  CA  . ASP A 1 26  ? -1.354  13.900  5.208   1.00 35.23 ? 255 ASP A CA  1 
ATOM   201  C  C   . ASP A 1 26  ? -2.846  14.214  5.116   1.00 35.62 ? 255 ASP A C   1 
ATOM   202  O  O   . ASP A 1 26  ? -3.503  14.426  6.134   1.00 37.41 ? 255 ASP A O   1 
ATOM   203  C  CB  . ASP A 1 26  ? -0.540  15.129  4.804   1.00 43.88 ? 255 ASP A CB  1 
ATOM   204  C  CG  . ASP A 1 26  ? 0.742   15.261  5.601   1.00 60.34 ? 255 ASP A CG  1 
ATOM   205  O  OD1 . ASP A 1 26  ? 1.622   14.382  5.474   1.00 65.46 ? 255 ASP A OD1 1 
ATOM   206  O  OD2 . ASP A 1 26  ? 0.864   16.244  6.365   1.00 64.17 ? 255 ASP A OD2 1 
ATOM   207  N  N   . SER A 1 27  ? -3.379  14.224  3.898   1.00 33.69 ? 256 SER A N   1 
ATOM   208  C  CA  . SER A 1 27  ? -4.788  14.520  3.671   1.00 31.98 ? 256 SER A CA  1 
ATOM   209  C  C   . SER A 1 27  ? -5.766  13.603  4.398   1.00 37.77 ? 256 SER A C   1 
ATOM   210  O  O   . SER A 1 27  ? -6.771  14.069  4.939   1.00 38.15 ? 256 SER A O   1 
ATOM   211  C  CB  . SER A 1 27  ? -5.097  14.487  2.170   1.00 35.02 ? 256 SER A CB  1 
ATOM   212  O  OG  . SER A 1 27  ? -4.428  15.536  1.493   1.00 41.19 ? 256 SER A OG  1 
ATOM   213  N  N   . ILE A 1 28  ? -5.490  12.302  4.403   1.00 31.03 ? 257 ILE A N   1 
ATOM   214  C  CA  . ILE A 1 28  ? -6.386  11.361  5.069   1.00 38.04 ? 257 ILE A CA  1 
ATOM   215  C  C   . ILE A 1 28  ? -6.123  11.247  6.565   1.00 38.01 ? 257 ILE A C   1 
ATOM   216  O  O   . ILE A 1 28  ? -6.806  10.500  7.264   1.00 34.06 ? 257 ILE A O   1 
ATOM   217  C  CB  . ILE A 1 28  ? -6.296  9.964   4.443   1.00 36.17 ? 257 ILE A CB  1 
ATOM   218  C  CG1 . ILE A 1 28  ? -4.844  9.486   4.444   1.00 39.63 ? 257 ILE A CG1 1 
ATOM   219  C  CG2 . ILE A 1 28  ? -6.879  9.992   3.043   1.00 46.96 ? 257 ILE A CG2 1 
ATOM   220  C  CD1 . ILE A 1 28  ? -4.614  8.211   3.665   1.00 52.58 ? 257 ILE A CD1 1 
ATOM   221  N  N   . SER A 1 29  ? -5.132  11.986  7.051   1.00 36.41 ? 258 SER A N   1 
ATOM   222  C  CA  . SER A 1 29  ? -4.795  11.982  8.471   1.00 42.12 ? 258 SER A CA  1 
ATOM   223  C  C   . SER A 1 29  ? -4.734  10.593  9.095   1.00 43.83 ? 258 SER A C   1 
ATOM   224  O  O   . SER A 1 29  ? -5.368  10.337  10.115  1.00 51.00 ? 258 SER A O   1 
ATOM   225  C  CB  . SER A 1 29  ? -5.802  12.832  9.257   1.00 46.97 ? 258 SER A CB  1 
ATOM   226  O  OG  . SER A 1 29  ? -5.725  14.202  8.897   1.00 57.46 ? 258 SER A OG  1 
ATOM   227  N  N   . VAL A 1 30  ? -3.985  9.688   8.485   1.00 51.01 ? 259 VAL A N   1 
ATOM   228  C  CA  . VAL A 1 30  ? -3.860  8.349   9.045   1.00 50.32 ? 259 VAL A CA  1 
ATOM   229  C  C   . VAL A 1 30  ? -2.507  8.284   9.741   1.00 39.57 ? 259 VAL A C   1 
ATOM   230  O  O   . VAL A 1 30  ? -1.590  9.031   9.398   1.00 41.46 ? 259 VAL A O   1 
ATOM   231  C  CB  . VAL A 1 30  ? -3.933  7.258   7.951   1.00 53.88 ? 259 VAL A CB  1 
ATOM   232  C  CG1 . VAL A 1 30  ? -3.818  5.875   8.581   1.00 57.26 ? 259 VAL A CG1 1 
ATOM   233  C  CG2 . VAL A 1 30  ? -5.244  7.381   7.180   1.00 58.63 ? 259 VAL A CG2 1 
ATOM   234  N  N   . THR A 1 31  ? -2.389  7.407   10.730  1.00 34.36 ? 260 THR A N   1 
ATOM   235  C  CA  . THR A 1 31  ? -1.138  7.263   11.460  1.00 33.62 ? 260 THR A CA  1 
ATOM   236  C  C   . THR A 1 31  ? -0.293  6.133   10.885  1.00 32.32 ? 260 THR A C   1 
ATOM   237  O  O   . THR A 1 31  ? 0.814   6.370   10.396  1.00 38.28 ? 260 THR A O   1 
ATOM   238  C  CB  . THR A 1 31  ? -1.409  7.010   12.947  1.00 33.56 ? 260 THR A CB  1 
ATOM   239  O  OG1 . THR A 1 31  ? -2.065  8.159   13.492  1.00 30.70 ? 260 THR A OG1 1 
ATOM   240  C  CG2 . THR A 1 31  ? -0.115  6.753   13.705  1.00 32.93 ? 260 THR A CG2 1 
ATOM   241  N  N   . GLN A 1 32  ? -0.810  4.910   10.934  1.00 23.26 ? 261 GLN A N   1 
ATOM   242  C  CA  . GLN A 1 32  ? -0.070  3.774   10.398  1.00 27.05 ? 261 GLN A CA  1 
ATOM   243  C  C   . GLN A 1 32  ? -0.693  3.242   9.116   1.00 30.24 ? 261 GLN A C   1 
ATOM   244  O  O   . GLN A 1 32  ? -1.913  3.254   8.956   1.00 26.20 ? 261 GLN A O   1 
ATOM   245  C  CB  . GLN A 1 32  ? -0.003  2.645   11.419  1.00 26.62 ? 261 GLN A CB  1 
ATOM   246  C  CG  . GLN A 1 32  ? 0.899   2.929   12.605  1.00 26.00 ? 261 GLN A CG  1 
ATOM   247  C  CD  . GLN A 1 32  ? 1.432   1.650   13.206  1.00 33.91 ? 261 GLN A CD  1 
ATOM   248  O  OE1 . GLN A 1 32  ? 2.645   1.450   13.297  1.00 30.60 ? 261 GLN A OE1 1 
ATOM   249  N  NE2 . GLN A 1 32  ? 0.527   0.764   13.607  1.00 33.49 ? 261 GLN A NE2 1 
ATOM   250  N  N   . ALA A 1 33  ? 0.151   2.769   8.204   1.00 20.33 ? 262 ALA A N   1 
ATOM   251  C  CA  . ALA A 1 33  ? -0.337  2.228   6.944   1.00 16.99 ? 262 ALA A CA  1 
ATOM   252  C  C   . ALA A 1 33  ? 0.607   1.167   6.424   1.00 16.99 ? 262 ALA A C   1 
ATOM   253  O  O   . ALA A 1 33  ? 1.794   1.152   6.779   1.00 14.35 ? 262 ALA A O   1 
ATOM   254  C  CB  . ALA A 1 33  ? -0.462  3.347   5.913   1.00 22.53 ? 262 ALA A CB  1 
ATOM   255  N  N   . VAL A 1 34  ? 0.070   0.273   5.600   1.00 16.04 ? 263 VAL A N   1 
ATOM   256  C  CA  . VAL A 1 34  ? 0.865   -0.761  4.957   1.00 14.00 ? 263 VAL A CA  1 
ATOM   257  C  C   . VAL A 1 34  ? 0.874   -0.445  3.461   1.00 18.10 ? 263 VAL A C   1 
ATOM   258  O  O   . VAL A 1 34  ? -0.161  -0.115  2.882   1.00 18.17 ? 263 VAL A O   1 
ATOM   259  C  CB  . VAL A 1 34  ? 0.278   -2.163  5.187   1.00 20.00 ? 263 VAL A CB  1 
ATOM   260  C  CG1 . VAL A 1 34  ? 1.098   -3.218  4.410   1.00 22.50 ? 263 VAL A CG1 1 
ATOM   261  C  CG2 . VAL A 1 34  ? 0.302   -2.483  6.673   1.00 27.50 ? 263 VAL A CG2 1 
ATOM   262  N  N   . ILE A 1 35  ? 2.051   -0.528  2.844   1.00 11.59 ? 264 ILE A N   1 
ATOM   263  C  CA  . ILE A 1 35  ? 2.195   -0.249  1.424   1.00 13.91 ? 264 ILE A CA  1 
ATOM   264  C  C   . ILE A 1 35  ? 2.798   -1.434  0.685   1.00 10.88 ? 264 ILE A C   1 
ATOM   265  O  O   . ILE A 1 35  ? 3.798   -2.023  1.133   1.00 16.08 ? 264 ILE A O   1 
ATOM   266  C  CB  . ILE A 1 35  ? 3.119   0.973   1.189   1.00 13.37 ? 264 ILE A CB  1 
ATOM   267  C  CG1 . ILE A 1 35  ? 2.604   2.180   1.973   1.00 17.70 ? 264 ILE A CG1 1 
ATOM   268  C  CG2 . ILE A 1 35  ? 3.193   1.310   -0.295  1.00 16.56 ? 264 ILE A CG2 1 
ATOM   269  C  CD1 . ILE A 1 35  ? 3.466   3.421   1.792   1.00 15.87 ? 264 ILE A CD1 1 
ATOM   270  N  N   . PHE A 1 36  ? 2.202   -1.782  -0.446  1.00 13.53 ? 265 PHE A N   1 
ATOM   271  C  CA  . PHE A 1 36  ? 2.718   -2.869  -1.268  1.00 13.15 ? 265 PHE A CA  1 
ATOM   272  C  C   . PHE A 1 36  ? 3.266   -2.353  -2.595  1.00 15.37 ? 265 PHE A C   1 
ATOM   273  O  O   . PHE A 1 36  ? 2.657   -1.485  -3.235  1.00 15.05 ? 265 PHE A O   1 
ATOM   274  C  CB  . PHE A 1 36  ? 1.619   -3.908  -1.557  1.00 19.80 ? 265 PHE A CB  1 
ATOM   275  C  CG  . PHE A 1 36  ? 1.199   -4.715  -0.349  1.00 18.28 ? 265 PHE A CG  1 
ATOM   276  C  CD1 . PHE A 1 36  ? -0.076  -4.575  0.190   1.00 17.47 ? 265 PHE A CD1 1 
ATOM   277  C  CD2 . PHE A 1 36  ? 2.096   -5.603  0.263   1.00 24.24 ? 265 PHE A CD2 1 
ATOM   278  C  CE1 . PHE A 1 36  ? -0.461  -5.304  1.326   1.00 18.21 ? 265 PHE A CE1 1 
ATOM   279  C  CE2 . PHE A 1 36  ? 1.725   -6.338  1.401   1.00 19.88 ? 265 PHE A CE2 1 
ATOM   280  C  CZ  . PHE A 1 36  ? 0.450   -6.188  1.934   1.00 18.78 ? 265 PHE A CZ  1 
ATOM   281  N  N   . CYS A 1 37  ? 4.428   -2.869  -2.994  1.00 15.29 ? 266 CYS A N   1 
ATOM   282  C  CA  . CYS A 1 37  ? 5.042   -2.530  -4.273  1.00 13.95 ? 266 CYS A CA  1 
ATOM   283  C  C   . CYS A 1 37  ? 5.233   -3.884  -4.941  1.00 16.90 ? 266 CYS A C   1 
ATOM   284  O  O   . CYS A 1 37  ? 5.212   -4.915  -4.253  1.00 17.30 ? 266 CYS A O   1 
ATOM   285  C  CB  . CYS A 1 37  ? 6.392   -1.842  -4.093  1.00 18.30 ? 266 CYS A CB  1 
ATOM   286  S  SG  . CYS A 1 37  ? 6.262   -0.206  -3.329  1.00 17.27 ? 266 CYS A SG  1 
ATOM   287  N  N   . ASN A 1 38  ? 5.416   -3.894  -6.259  1.00 17.19 ? 267 ASN A N   1 
ATOM   288  C  CA  . ASN A 1 38  ? 5.571   -5.160  -6.976  1.00 17.25 ? 267 ASN A CA  1 
ATOM   289  C  C   . ASN A 1 38  ? 6.976   -5.739  -7.009  1.00 20.24 ? 267 ASN A C   1 
ATOM   290  O  O   . ASN A 1 38  ? 7.156   -6.892  -7.384  1.00 23.56 ? 267 ASN A O   1 
ATOM   291  C  CB  . ASN A 1 38  ? 5.067   -5.018  -8.414  1.00 18.59 ? 267 ASN A CB  1 
ATOM   292  C  CG  . ASN A 1 38  ? 3.557   -4.874  -8.502  1.00 21.29 ? 267 ASN A CG  1 
ATOM   293  O  OD1 . ASN A 1 38  ? 3.003   -4.743  -9.598  1.00 22.10 ? 267 ASN A OD1 1 
ATOM   294  N  ND2 . ASN A 1 38  ? 2.883   -4.894  -7.354  1.00 17.48 ? 267 ASN A ND2 1 
ATOM   295  N  N   . THR A 1 39  ? 7.966   -4.952  -6.604  1.00 15.62 ? 268 THR A N   1 
ATOM   296  C  CA  . THR A 1 39  ? 9.355   -5.387  -6.642  1.00 20.34 ? 268 THR A CA  1 
ATOM   297  C  C   . THR A 1 39  ? 10.171  -4.920  -5.441  1.00 23.61 ? 268 THR A C   1 
ATOM   298  O  O   . THR A 1 39  ? 9.912   -3.857  -4.869  1.00 24.09 ? 268 THR A O   1 
ATOM   299  C  CB  . THR A 1 39  ? 10.056  -4.855  -7.915  1.00 19.29 ? 268 THR A CB  1 
ATOM   300  O  OG1 . THR A 1 39  ? 10.060  -3.422  -7.901  1.00 23.46 ? 268 THR A OG1 1 
ATOM   301  C  CG2 . THR A 1 39  ? 9.340   -5.335  -9.166  1.00 23.94 ? 268 THR A CG2 1 
ATOM   302  N  N   . ARG A 1 40  ? 11.160  -5.720  -5.058  1.00 20.15 ? 269 ARG A N   1 
ATOM   303  C  CA  . ARG A 1 40  ? 12.028  -5.353  -3.947  1.00 21.72 ? 269 ARG A CA  1 
ATOM   304  C  C   . ARG A 1 40  ? 12.687  -4.006  -4.218  1.00 23.29 ? 269 ARG A C   1 
ATOM   305  O  O   . ARG A 1 40  ? 12.840  -3.186  -3.318  1.00 23.09 ? 269 ARG A O   1 
ATOM   306  C  CB  . ARG A 1 40  ? 13.127  -6.399  -3.740  1.00 24.54 ? 269 ARG A CB  1 
ATOM   307  C  CG  . ARG A 1 40  ? 14.357  -5.816  -3.053  1.00 33.19 ? 269 ARG A CG  1 
ATOM   308  C  CD  . ARG A 1 40  ? 15.346  -6.882  -2.622  1.00 48.81 ? 269 ARG A CD  1 
ATOM   309  N  NE  . ARG A 1 40  ? 16.561  -6.277  -2.087  1.00 57.14 ? 269 ARG A NE  1 
ATOM   310  C  CZ  . ARG A 1 40  ? 17.474  -6.932  -1.377  1.00 66.32 ? 269 ARG A CZ  1 
ATOM   311  N  NH1 . ARG A 1 40  ? 17.310  -8.220  -1.107  1.00 65.63 ? 269 ARG A NH1 1 
ATOM   312  N  NH2 . ARG A 1 40  ? 18.555  -6.298  -0.939  1.00 62.68 ? 269 ARG A NH2 1 
ATOM   313  N  N   . ARG A 1 41  ? 13.085  -3.781  -5.467  1.00 22.20 ? 270 ARG A N   1 
ATOM   314  C  CA  . ARG A 1 41  ? 13.741  -2.541  -5.828  1.00 21.76 ? 270 ARG A CA  1 
ATOM   315  C  C   . ARG A 1 41  ? 12.859  -1.318  -5.549  1.00 22.25 ? 270 ARG A C   1 
ATOM   316  O  O   . ARG A 1 41  ? 13.341  -0.294  -5.060  1.00 26.23 ? 270 ARG A O   1 
ATOM   317  C  CB  . ARG A 1 41  ? 14.125  -2.566  -7.310  1.00 26.84 ? 270 ARG A CB  1 
ATOM   318  C  CG  . ARG A 1 41  ? 14.888  -1.337  -7.766  1.00 39.28 ? 270 ARG A CG  1 
ATOM   319  C  CD  . ARG A 1 41  ? 14.932  -1.245  -9.285  1.00 44.94 ? 270 ARG A CD  1 
ATOM   320  N  NE  . ARG A 1 41  ? 15.533  -2.424  -9.900  1.00 62.11 ? 270 ARG A NE  1 
ATOM   321  C  CZ  . ARG A 1 41  ? 15.611  -2.618  -11.213 1.00 69.17 ? 270 ARG A CZ  1 
ATOM   322  N  NH1 . ARG A 1 41  ? 15.124  -1.709  -12.048 1.00 70.74 ? 270 ARG A NH1 1 
ATOM   323  N  NH2 . ARG A 1 41  ? 16.172  -3.721  -11.692 1.00 73.02 ? 270 ARG A NH2 1 
ATOM   324  N  N   . LYS A 1 42  ? 11.571  -1.417  -5.869  1.00 21.82 ? 271 LYS A N   1 
ATOM   325  C  CA  . LYS A 1 42  ? 10.668  -0.288  -5.644  1.00 17.60 ? 271 LYS A CA  1 
ATOM   326  C  C   . LYS A 1 42  ? 10.486  -0.083  -4.131  1.00 17.31 ? 271 LYS A C   1 
ATOM   327  O  O   . LYS A 1 42  ? 10.447  1.060   -3.649  1.00 22.35 ? 271 LYS A O   1 
ATOM   328  C  CB  . LYS A 1 42  ? 9.317   -0.543  -6.339  1.00 19.81 ? 271 LYS A CB  1 
ATOM   329  C  CG  . LYS A 1 42  ? 8.321   0.623   -6.295  1.00 24.29 ? 271 LYS A CG  1 
ATOM   330  C  CD  . LYS A 1 42  ? 8.698   1.745   -7.258  1.00 30.36 ? 271 LYS A CD  1 
ATOM   331  C  CE  . LYS A 1 42  ? 8.540   1.324   -8.721  1.00 30.74 ? 271 LYS A CE  1 
ATOM   332  N  NZ  . LYS A 1 42  ? 7.122   1.274   -9.179  1.00 23.14 ? 271 LYS A NZ  1 
ATOM   333  N  N   . VAL A 1 43  ? 10.381  -1.183  -3.383  1.00 16.64 ? 272 VAL A N   1 
ATOM   334  C  CA  . VAL A 1 43  ? 10.233  -1.113  -1.927  1.00 22.85 ? 272 VAL A CA  1 
ATOM   335  C  C   . VAL A 1 43  ? 11.438  -0.377  -1.342  1.00 25.94 ? 272 VAL A C   1 
ATOM   336  O  O   . VAL A 1 43  ? 11.288  0.574   -0.570  1.00 22.43 ? 272 VAL A O   1 
ATOM   337  C  CB  . VAL A 1 43  ? 10.170  -2.525  -1.278  1.00 15.81 ? 272 VAL A CB  1 
ATOM   338  C  CG1 . VAL A 1 43  ? 10.249  -2.414  0.235   1.00 18.00 ? 272 VAL A CG1 1 
ATOM   339  C  CG2 . VAL A 1 43  ? 8.890   -3.236  -1.683  1.00 15.61 ? 272 VAL A CG2 1 
ATOM   340  N  N   . GLU A 1 44  ? 12.637  -0.808  -1.726  1.00 24.31 ? 273 GLU A N   1 
ATOM   341  C  CA  . GLU A 1 44  ? 13.854  -0.177  -1.220  1.00 28.56 ? 273 GLU A CA  1 
ATOM   342  C  C   . GLU A 1 44  ? 13.933  1.310   -1.578  1.00 29.03 ? 273 GLU A C   1 
ATOM   343  O  O   . GLU A 1 44  ? 14.268  2.143   -0.728  1.00 30.60 ? 273 GLU A O   1 
ATOM   344  C  CB  . GLU A 1 44  ? 15.098  -0.913  -1.747  1.00 30.30 ? 273 GLU A CB  1 
ATOM   345  C  CG  . GLU A 1 44  ? 15.105  -2.398  -1.438  1.00 45.00 ? 273 GLU A CG  1 
ATOM   346  C  CD  . GLU A 1 44  ? 16.410  -3.081  -1.818  1.00 55.44 ? 273 GLU A CD  1 
ATOM   347  O  OE1 . GLU A 1 44  ? 16.868  -2.904  -2.966  1.00 58.99 ? 273 GLU A OE1 1 
ATOM   348  O  OE2 . GLU A 1 44  ? 16.971  -3.804  -0.968  1.00 60.69 ? 273 GLU A OE2 1 
ATOM   349  N  N   . GLU A 1 45  ? 13.611  1.648   -2.823  1.00 25.08 ? 274 GLU A N   1 
ATOM   350  C  CA  . GLU A 1 45  ? 13.672  3.037   -3.266  1.00 25.86 ? 274 GLU A CA  1 
ATOM   351  C  C   . GLU A 1 45  ? 12.632  3.925   -2.596  1.00 31.83 ? 274 GLU A C   1 
ATOM   352  O  O   . GLU A 1 45  ? 12.921  5.066   -2.233  1.00 26.12 ? 274 GLU A O   1 
ATOM   353  C  CB  . GLU A 1 45  ? 13.522  3.125   -4.784  1.00 35.34 ? 274 GLU A CB  1 
ATOM   354  C  CG  . GLU A 1 45  ? 14.731  2.604   -5.542  1.00 28.61 ? 274 GLU A CG  1 
ATOM   355  C  CD  . GLU A 1 45  ? 14.549  2.673   -7.041  1.00 46.08 ? 274 GLU A CD  1 
ATOM   356  O  OE1 . GLU A 1 45  ? 14.233  3.768   -7.549  1.00 51.36 ? 274 GLU A OE1 1 
ATOM   357  O  OE2 . GLU A 1 45  ? 14.723  1.636   -7.712  1.00 56.15 ? 274 GLU A OE2 1 
ATOM   358  N  N   . LEU A 1 46  ? 11.418  3.412   -2.437  1.00 24.85 ? 275 LEU A N   1 
ATOM   359  C  CA  . LEU A 1 46  ? 10.367  4.194   -1.792  1.00 21.91 ? 275 LEU A CA  1 
ATOM   360  C  C   . LEU A 1 46  ? 10.687  4.354   -0.309  1.00 20.51 ? 275 LEU A C   1 
ATOM   361  O  O   . LEU A 1 46  ? 10.418  5.401   0.280   1.00 21.86 ? 275 LEU A O   1 
ATOM   362  C  CB  . LEU A 1 46  ? 9.013   3.501   -1.971  1.00 15.07 ? 275 LEU A CB  1 
ATOM   363  C  CG  . LEU A 1 46  ? 7.781   4.040   -1.239  1.00 18.20 ? 275 LEU A CG  1 
ATOM   364  C  CD1 . LEU A 1 46  ? 7.484   5.482   -1.643  1.00 18.60 ? 275 LEU A CD1 1 
ATOM   365  C  CD2 . LEU A 1 46  ? 6.590   3.155   -1.584  1.00 17.04 ? 275 LEU A CD2 1 
ATOM   366  N  N   . THR A 1 47  ? 11.253  3.311   0.298   1.00 22.43 ? 276 THR A N   1 
ATOM   367  C  CA  . THR A 1 47  ? 11.603  3.356   1.720   1.00 25.68 ? 276 THR A CA  1 
ATOM   368  C  C   . THR A 1 47  ? 12.649  4.449   1.943   1.00 32.53 ? 276 THR A C   1 
ATOM   369  O  O   . THR A 1 47  ? 12.531  5.263   2.862   1.00 24.06 ? 276 THR A O   1 
ATOM   370  C  CB  . THR A 1 47  ? 12.164  2.000   2.208   1.00 26.93 ? 276 THR A CB  1 
ATOM   371  O  OG1 . THR A 1 47  ? 11.144  0.997   2.116   1.00 22.37 ? 276 THR A OG1 1 
ATOM   372  C  CG2 . THR A 1 47  ? 12.632  2.094   3.660   1.00 23.57 ? 276 THR A CG2 1 
ATOM   373  N  N   . THR A 1 48  ? 13.664  4.469   1.087   1.00 27.54 ? 277 THR A N   1 
ATOM   374  C  CA  . THR A 1 48  ? 14.725  5.466   1.185   1.00 32.16 ? 277 THR A CA  1 
ATOM   375  C  C   . THR A 1 48  ? 14.175  6.886   1.084   1.00 28.38 ? 277 THR A C   1 
ATOM   376  O  O   . THR A 1 48  ? 14.495  7.746   1.913   1.00 29.74 ? 277 THR A O   1 
ATOM   377  C  CB  . THR A 1 48  ? 15.782  5.254   0.082   1.00 30.91 ? 277 THR A CB  1 
ATOM   378  O  OG1 . THR A 1 48  ? 16.448  4.005   0.304   1.00 30.83 ? 277 THR A OG1 1 
ATOM   379  C  CG2 . THR A 1 48  ? 16.808  6.380   0.093   1.00 28.25 ? 277 THR A CG2 1 
ATOM   380  N  N   . LYS A 1 49  ? 13.350  7.138   0.074   1.00 26.15 ? 278 LYS A N   1 
ATOM   381  C  CA  . LYS A 1 49  ? 12.764  8.462   -0.102  1.00 29.84 ? 278 LYS A CA  1 
ATOM   382  C  C   . LYS A 1 49  ? 11.929  8.848   1.109   1.00 34.89 ? 278 LYS A C   1 
ATOM   383  O  O   . LYS A 1 49  ? 12.080  9.935   1.661   1.00 35.00 ? 278 LYS A O   1 
ATOM   384  C  CB  . LYS A 1 49  ? 11.904  8.512   -1.367  1.00 34.64 ? 278 LYS A CB  1 
ATOM   385  C  CG  . LYS A 1 49  ? 12.716  8.726   -2.633  1.00 43.21 ? 278 LYS A CG  1 
ATOM   386  C  CD  . LYS A 1 49  ? 11.842  8.948   -3.857  1.00 49.98 ? 278 LYS A CD  1 
ATOM   387  C  CE  . LYS A 1 49  ? 11.200  7.661   -4.333  1.00 54.23 ? 278 LYS A CE  1 
ATOM   388  N  NZ  . LYS A 1 49  ? 10.530  7.849   -5.650  1.00 57.80 ? 278 LYS A NZ  1 
ATOM   389  N  N   . LEU A 1 50  ? 11.049  7.947   1.528   1.00 27.05 ? 279 LEU A N   1 
ATOM   390  C  CA  . LEU A 1 50  ? 10.203  8.207   2.680   1.00 27.63 ? 279 LEU A CA  1 
ATOM   391  C  C   . LEU A 1 50  ? 11.010  8.538   3.930   1.00 32.54 ? 279 LEU A C   1 
ATOM   392  O  O   . LEU A 1 50  ? 10.701  9.495   4.644   1.00 27.19 ? 279 LEU A O   1 
ATOM   393  C  CB  . LEU A 1 50  ? 9.302   7.001   2.938   1.00 24.34 ? 279 LEU A CB  1 
ATOM   394  C  CG  . LEU A 1 50  ? 8.078   6.975   2.017   1.00 20.15 ? 279 LEU A CG  1 
ATOM   395  C  CD1 . LEU A 1 50  ? 7.316   5.671   2.247   1.00 26.12 ? 279 LEU A CD1 1 
ATOM   396  C  CD2 . LEU A 1 50  ? 7.187   8.195   2.292   1.00 20.08 ? 279 LEU A CD2 1 
ATOM   397  N  N   . ARG A 1 51  ? 12.044  7.751   4.198   1.00 29.73 ? 280 ARG A N   1 
ATOM   398  C  CA  . ARG A 1 51  ? 12.877  8.005   5.363   1.00 34.23 ? 280 ARG A CA  1 
ATOM   399  C  C   . ARG A 1 51  ? 13.522  9.383   5.265   1.00 35.79 ? 280 ARG A C   1 
ATOM   400  O  O   . ARG A 1 51  ? 13.550  10.123  6.247   1.00 35.50 ? 280 ARG A O   1 
ATOM   401  C  CB  . ARG A 1 51  ? 13.937  6.911   5.501   1.00 27.44 ? 280 ARG A CB  1 
ATOM   402  C  CG  . ARG A 1 51  ? 13.400  5.669   6.188   1.00 28.86 ? 280 ARG A CG  1 
ATOM   403  C  CD  . ARG A 1 51  ? 14.342  4.487   6.113   1.00 30.31 ? 280 ARG A CD  1 
ATOM   404  N  NE  . ARG A 1 51  ? 13.813  3.326   6.825   1.00 28.92 ? 280 ARG A NE  1 
ATOM   405  C  CZ  . ARG A 1 51  ? 14.277  2.088   6.679   1.00 30.58 ? 280 ARG A CZ  1 
ATOM   406  N  NH1 . ARG A 1 51  ? 15.283  1.851   5.844   1.00 39.18 ? 280 ARG A NH1 1 
ATOM   407  N  NH2 . ARG A 1 51  ? 13.742  1.084   7.360   1.00 26.23 ? 280 ARG A NH2 1 
ATOM   408  N  N   . ASN A 1 52  ? 14.026  9.740   4.086   1.00 38.62 ? 281 ASN A N   1 
ATOM   409  C  CA  . ASN A 1 52  ? 14.641  11.056  3.923   1.00 37.20 ? 281 ASN A CA  1 
ATOM   410  C  C   . ASN A 1 52  ? 13.634  12.136  4.276   1.00 44.26 ? 281 ASN A C   1 
ATOM   411  O  O   . ASN A 1 52  ? 13.993  13.176  4.826   1.00 41.55 ? 281 ASN A O   1 
ATOM   412  C  CB  . ASN A 1 52  ? 15.132  11.272  2.488   1.00 43.69 ? 281 ASN A CB  1 
ATOM   413  C  CG  . ASN A 1 52  ? 16.272  10.348  2.116   1.00 40.71 ? 281 ASN A CG  1 
ATOM   414  O  OD1 . ASN A 1 52  ? 17.068  9.953   2.968   1.00 40.47 ? 281 ASN A OD1 1 
ATOM   415  N  ND2 . ASN A 1 52  ? 16.365  10.009  0.834   1.00 50.15 ? 281 ASN A ND2 1 
ATOM   416  N  N   . ASP A 1 53  ? 12.368  11.889  3.957   1.00 36.91 ? 282 ASP A N   1 
ATOM   417  C  CA  . ASP A 1 53  ? 11.313  12.849  4.256   1.00 34.72 ? 282 ASP A CA  1 
ATOM   418  C  C   . ASP A 1 53  ? 10.878  12.803  5.718   1.00 34.79 ? 282 ASP A C   1 
ATOM   419  O  O   . ASP A 1 53  ? 9.844   13.369  6.082   1.00 34.35 ? 282 ASP A O   1 
ATOM   420  C  CB  . ASP A 1 53  ? 10.111  12.616  3.345   1.00 33.30 ? 282 ASP A CB  1 
ATOM   421  C  CG  . ASP A 1 53  ? 10.072  13.583  2.183   1.00 47.95 ? 282 ASP A CG  1 
ATOM   422  O  OD1 . ASP A 1 53  ? 9.241   13.392  1.268   1.00 48.41 ? 282 ASP A OD1 1 
ATOM   423  O  OD2 . ASP A 1 53  ? 10.871  14.544  2.191   1.00 48.53 ? 282 ASP A OD2 1 
ATOM   424  N  N   . LYS A 1 54  ? 11.663  12.114  6.546   1.00 30.10 ? 283 LYS A N   1 
ATOM   425  C  CA  . LYS A 1 54  ? 11.404  12.004  7.981   1.00 41.62 ? 283 LYS A CA  1 
ATOM   426  C  C   . LYS A 1 54  ? 10.393  10.948  8.425   1.00 42.35 ? 283 LYS A C   1 
ATOM   427  O  O   . LYS A 1 54  ? 10.196  10.760  9.625   1.00 39.22 ? 283 LYS A O   1 
ATOM   428  C  CB  . LYS A 1 54  ? 10.985  13.364  8.559   1.00 46.15 ? 283 LYS A CB  1 
ATOM   429  C  CG  . LYS A 1 54  ? 12.000  14.478  8.361   1.00 55.90 ? 283 LYS A CG  1 
ATOM   430  C  CD  . LYS A 1 54  ? 13.317  14.169  9.054   1.00 62.42 ? 283 LYS A CD  1 
ATOM   431  C  CE  . LYS A 1 54  ? 14.300  15.325  8.913   1.00 70.99 ? 283 LYS A CE  1 
ATOM   432  N  NZ  . LYS A 1 54  ? 13.775  16.592  9.508   1.00 65.31 ? 283 LYS A NZ  1 
ATOM   433  N  N   . PHE A 1 55  ? 9.742   10.264  7.485   1.00 34.81 ? 284 PHE A N   1 
ATOM   434  C  CA  . PHE A 1 55  ? 8.793   9.230   7.885   1.00 24.40 ? 284 PHE A CA  1 
ATOM   435  C  C   . PHE A 1 55  ? 9.559   8.058   8.480   1.00 25.26 ? 284 PHE A C   1 
ATOM   436  O  O   . PHE A 1 55  ? 10.675  7.758   8.056   1.00 34.58 ? 284 PHE A O   1 
ATOM   437  C  CB  . PHE A 1 55  ? 7.997   8.674   6.697   1.00 24.57 ? 284 PHE A CB  1 
ATOM   438  C  CG  . PHE A 1 55  ? 7.107   9.670   6.017   1.00 35.25 ? 284 PHE A CG  1 
ATOM   439  C  CD1 . PHE A 1 55  ? 7.628   10.594  5.122   1.00 24.17 ? 284 PHE A CD1 1 
ATOM   440  C  CD2 . PHE A 1 55  ? 5.733   9.648   6.237   1.00 32.05 ? 284 PHE A CD2 1 
ATOM   441  C  CE1 . PHE A 1 55  ? 6.789   11.484  4.448   1.00 35.91 ? 284 PHE A CE1 1 
ATOM   442  C  CE2 . PHE A 1 55  ? 4.889   10.532  5.570   1.00 33.34 ? 284 PHE A CE2 1 
ATOM   443  C  CZ  . PHE A 1 55  ? 5.418   11.449  4.675   1.00 29.53 ? 284 PHE A CZ  1 
ATOM   444  N  N   . THR A 1 56  ? 8.960   7.392   9.460   1.00 21.67 ? 285 THR A N   1 
ATOM   445  C  CA  . THR A 1 56  ? 9.577   6.216   10.051  1.00 25.11 ? 285 THR A CA  1 
ATOM   446  C  C   . THR A 1 56  ? 8.965   5.047   9.280   1.00 28.89 ? 285 THR A C   1 
ATOM   447  O  O   . THR A 1 56  ? 7.743   4.886   9.249   1.00 23.59 ? 285 THR A O   1 
ATOM   448  C  CB  . THR A 1 56  ? 9.252   6.080   11.555  1.00 32.39 ? 285 THR A CB  1 
ATOM   449  O  OG1 . THR A 1 56  ? 7.838   6.190   11.761  1.00 30.41 ? 285 THR A OG1 1 
ATOM   450  C  CG2 . THR A 1 56  ? 9.969   7.163   12.350  1.00 33.45 ? 285 THR A CG2 1 
ATOM   451  N  N   . VAL A 1 57  ? 9.811   4.246   8.646   1.00 24.30 ? 286 VAL A N   1 
ATOM   452  C  CA  . VAL A 1 57  ? 9.333   3.132   7.846   1.00 24.42 ? 286 VAL A CA  1 
ATOM   453  C  C   . VAL A 1 57  ? 10.098  1.841   8.071   1.00 25.78 ? 286 VAL A C   1 
ATOM   454  O  O   . VAL A 1 57  ? 11.302  1.853   8.344   1.00 36.46 ? 286 VAL A O   1 
ATOM   455  C  CB  . VAL A 1 57  ? 9.398   3.482   6.339   1.00 24.16 ? 286 VAL A CB  1 
ATOM   456  C  CG1 . VAL A 1 57  ? 10.762  4.013   5.995   1.00 36.91 ? 286 VAL A CG1 1 
ATOM   457  C  CG2 . VAL A 1 57  ? 9.092   2.245   5.491   1.00 22.62 ? 286 VAL A CG2 1 
ATOM   458  N  N   . SER A 1 58  ? 9.378   0.733   7.962   1.00 23.52 ? 287 SER A N   1 
ATOM   459  C  CA  . SER A 1 58  ? 9.940   -0.599  8.094   1.00 25.16 ? 287 SER A CA  1 
ATOM   460  C  C   . SER A 1 58  ? 9.664   -1.275  6.754   1.00 32.93 ? 287 SER A C   1 
ATOM   461  O  O   . SER A 1 58  ? 8.584   -1.103  6.182   1.00 23.44 ? 287 SER A O   1 
ATOM   462  C  CB  . SER A 1 58  ? 9.240   -1.378  9.202   1.00 34.46 ? 287 SER A CB  1 
ATOM   463  O  OG  . SER A 1 58  ? 9.517   -0.822  10.472  1.00 32.07 ? 287 SER A OG  1 
ATOM   464  N  N   . ALA A 1 59  ? 10.634  -2.033  6.255   1.00 23.52 ? 288 ALA A N   1 
ATOM   465  C  CA  . ALA A 1 59  ? 10.468  -2.721  4.982   1.00 22.12 ? 288 ALA A CA  1 
ATOM   466  C  C   . ALA A 1 59  ? 10.754  -4.210  5.122   1.00 23.37 ? 288 ALA A C   1 
ATOM   467  O  O   . ALA A 1 59  ? 11.700  -4.607  5.803   1.00 26.53 ? 288 ALA A O   1 
ATOM   468  C  CB  . ALA A 1 59  ? 11.387  -2.099  3.935   1.00 21.98 ? 288 ALA A CB  1 
ATOM   469  N  N   . ILE A 1 60  ? 9.921   -5.043  4.505   1.00 19.87 ? 289 ILE A N   1 
ATOM   470  C  CA  . ILE A 1 60  ? 10.143  -6.484  4.557   1.00 27.82 ? 289 ILE A CA  1 
ATOM   471  C  C   . ILE A 1 60  ? 10.355  -7.033  3.157   1.00 33.53 ? 289 ILE A C   1 
ATOM   472  O  O   . ILE A 1 60  ? 9.609   -6.706  2.232   1.00 26.73 ? 289 ILE A O   1 
ATOM   473  C  CB  . ILE A 1 60  ? 8.971   -7.248  5.206   1.00 29.91 ? 289 ILE A CB  1 
ATOM   474  C  CG1 . ILE A 1 60  ? 8.891   -6.929  6.695   1.00 40.87 ? 289 ILE A CG1 1 
ATOM   475  C  CG2 . ILE A 1 60  ? 9.167   -8.749  5.023   1.00 31.90 ? 289 ILE A CG2 1 
ATOM   476  C  CD1 . ILE A 1 60  ? 7.900   -7.800  7.437   1.00 45.00 ? 289 ILE A CD1 1 
ATOM   477  N  N   . TYR A 1 61  ? 11.390  -7.863  3.028   1.00 35.25 ? 290 TYR A N   1 
ATOM   478  C  CA  . TYR A 1 61  ? 11.778  -8.505  1.771   1.00 40.39 ? 290 TYR A CA  1 
ATOM   479  C  C   . TYR A 1 61  ? 11.867  -10.013 2.008   1.00 39.10 ? 290 TYR A C   1 
ATOM   480  O  O   . TYR A 1 61  ? 12.029  -10.460 3.143   1.00 38.16 ? 290 TYR A O   1 
ATOM   481  C  CB  . TYR A 1 61  ? 13.157  -8.020  1.335   1.00 38.23 ? 290 TYR A CB  1 
ATOM   482  C  CG  . TYR A 1 61  ? 13.318  -6.524  1.310   1.00 37.20 ? 290 TYR A CG  1 
ATOM   483  C  CD1 . TYR A 1 61  ? 12.749  -5.763  0.292   1.00 38.79 ? 290 TYR A CD1 1 
ATOM   484  C  CD2 . TYR A 1 61  ? 14.047  -5.867  2.301   1.00 34.52 ? 290 TYR A CD2 1 
ATOM   485  C  CE1 . TYR A 1 61  ? 12.902  -4.387  0.256   1.00 35.55 ? 290 TYR A CE1 1 
ATOM   486  C  CE2 . TYR A 1 61  ? 14.205  -4.484  2.275   1.00 34.92 ? 290 TYR A CE2 1 
ATOM   487  C  CZ  . TYR A 1 61  ? 13.628  -3.751  1.248   1.00 37.48 ? 290 TYR A CZ  1 
ATOM   488  O  OH  . TYR A 1 61  ? 13.765  -2.384  1.203   1.00 43.44 ? 290 TYR A OH  1 
ATOM   489  N  N   . SER A 1 62  ? 11.785  -10.790 0.932   1.00 45.10 ? 291 SER A N   1 
ATOM   490  C  CA  . SER A 1 62  ? 11.861  -12.245 1.036   1.00 37.14 ? 291 SER A CA  1 
ATOM   491  C  C   . SER A 1 62  ? 13.222  -12.710 1.542   1.00 38.27 ? 291 SER A C   1 
ATOM   492  O  O   . SER A 1 62  ? 13.318  -13.691 2.276   1.00 45.48 ? 291 SER A O   1 
ATOM   493  C  CB  . SER A 1 62  ? 11.581  -12.888 -0.324  1.00 45.53 ? 291 SER A CB  1 
ATOM   494  O  OG  . SER A 1 62  ? 10.255  -12.628 -0.753  1.00 46.42 ? 291 SER A OG  1 
ATOM   495  N  N   . ASP A 1 63  ? 14.274  -11.994 1.158   1.00 40.11 ? 292 ASP A N   1 
ATOM   496  C  CA  . ASP A 1 63  ? 15.634  -12.348 1.550   1.00 52.02 ? 292 ASP A CA  1 
ATOM   497  C  C   . ASP A 1 63  ? 15.925  -12.206 3.043   1.00 50.20 ? 292 ASP A C   1 
ATOM   498  O  O   . ASP A 1 63  ? 17.043  -12.470 3.483   1.00 49.52 ? 292 ASP A O   1 
ATOM   499  C  CB  . ASP A 1 63  ? 16.633  -11.507 0.752   1.00 60.02 ? 292 ASP A CB  1 
ATOM   500  C  CG  . ASP A 1 63  ? 16.409  -11.607 -0.748  1.00 74.09 ? 292 ASP A CG  1 
ATOM   501  O  OD1 . ASP A 1 63  ? 16.519  -12.725 -1.298  1.00 71.78 ? 292 ASP A OD1 1 
ATOM   502  O  OD2 . ASP A 1 63  ? 16.118  -10.565 -1.375  1.00 76.57 ? 292 ASP A OD2 1 
ATOM   503  N  N   . LEU A 1 64  ? 14.929  -11.794 3.821   1.00 47.86 ? 293 LEU A N   1 
ATOM   504  C  CA  . LEU A 1 64  ? 15.119  -11.627 5.260   1.00 34.53 ? 293 LEU A CA  1 
ATOM   505  C  C   . LEU A 1 64  ? 14.827  -12.900 6.044   1.00 40.18 ? 293 LEU A C   1 
ATOM   506  O  O   . LEU A 1 64  ? 13.811  -13.564 5.821   1.00 43.36 ? 293 LEU A O   1 
ATOM   507  C  CB  . LEU A 1 64  ? 14.215  -10.513 5.806   1.00 38.77 ? 293 LEU A CB  1 
ATOM   508  C  CG  . LEU A 1 64  ? 14.377  -9.088  5.276   1.00 42.22 ? 293 LEU A CG  1 
ATOM   509  C  CD1 . LEU A 1 64  ? 13.448  -8.158  6.058   1.00 31.27 ? 293 LEU A CD1 1 
ATOM   510  C  CD2 . LEU A 1 64  ? 15.822  -8.637  5.412   1.00 38.95 ? 293 LEU A CD2 1 
ATOM   511  N  N   . PRO A 1 65  ? 15.719  -13.263 6.974   1.00 39.96 ? 294 PRO A N   1 
ATOM   512  C  CA  . PRO A 1 65  ? 15.494  -14.469 7.775   1.00 44.27 ? 294 PRO A CA  1 
ATOM   513  C  C   . PRO A 1 65  ? 14.346  -14.199 8.750   1.00 43.79 ? 294 PRO A C   1 
ATOM   514  O  O   . PRO A 1 65  ? 14.120  -13.053 9.143   1.00 37.55 ? 294 PRO A O   1 
ATOM   515  C  CB  . PRO A 1 65  ? 16.837  -14.673 8.473   1.00 42.70 ? 294 PRO A CB  1 
ATOM   516  C  CG  . PRO A 1 65  ? 17.355  -13.269 8.618   1.00 52.04 ? 294 PRO A CG  1 
ATOM   517  C  CD  . PRO A 1 65  ? 17.031  -12.664 7.274   1.00 41.71 ? 294 PRO A CD  1 
ATOM   518  N  N   . GLN A 1 66  ? 13.622  -15.246 9.133   1.00 46.88 ? 295 GLN A N   1 
ATOM   519  C  CA  . GLN A 1 66  ? 12.486  -15.099 10.038  1.00 47.71 ? 295 GLN A CA  1 
ATOM   520  C  C   . GLN A 1 66  ? 12.737  -14.164 11.214  1.00 51.01 ? 295 GLN A C   1 
ATOM   521  O  O   . GLN A 1 66  ? 11.840  -13.429 11.631  1.00 53.88 ? 295 GLN A O   1 
ATOM   522  C  CB  . GLN A 1 66  ? 12.046  -16.464 10.571  1.00 49.63 ? 295 GLN A CB  1 
ATOM   523  C  CG  . GLN A 1 66  ? 10.784  -16.385 11.406  1.00 51.88 ? 295 GLN A CG  1 
ATOM   524  C  CD  . GLN A 1 66  ? 9.587   -15.900 10.607  1.00 58.99 ? 295 GLN A CD  1 
ATOM   525  O  OE1 . GLN A 1 66  ? 8.587   -15.456 11.172  1.00 65.52 ? 295 GLN A OE1 1 
ATOM   526  N  NE2 . GLN A 1 66  ? 9.679   -15.994 9.284   1.00 56.33 ? 295 GLN A NE2 1 
ATOM   527  N  N   . GLN A 1 67  ? 13.949  -14.191 11.756  1.00 46.49 ? 296 GLN A N   1 
ATOM   528  C  CA  . GLN A 1 67  ? 14.282  -13.336 12.888  1.00 47.20 ? 296 GLN A CA  1 
ATOM   529  C  C   . GLN A 1 67  ? 14.119  -11.860 12.552  1.00 42.11 ? 296 GLN A C   1 
ATOM   530  O  O   . GLN A 1 67  ? 13.478  -11.107 13.292  1.00 41.52 ? 296 GLN A O   1 
ATOM   531  C  CB  . GLN A 1 67  ? 15.723  -13.603 13.348  1.00 43.13 ? 296 GLN A CB  1 
ATOM   532  C  CG  . GLN A 1 67  ? 16.287  -12.528 14.273  1.00 41.25 ? 296 GLN A CG  1 
ATOM   533  C  CD  . GLN A 1 67  ? 17.649  -12.887 14.836  1.00 47.94 ? 296 GLN A CD  1 
ATOM   534  O  OE1 . GLN A 1 67  ? 18.412  -12.007 15.239  1.00 44.99 ? 296 GLN A OE1 1 
ATOM   535  N  NE2 . GLN A 1 67  ? 17.955  -14.183 14.882  1.00 34.16 ? 296 GLN A NE2 1 
ATOM   536  N  N   . GLU A 1 68  ? 14.701  -11.455 11.431  1.00 40.00 ? 297 GLU A N   1 
ATOM   537  C  CA  . GLU A 1 68  ? 14.652  -10.067 10.996  1.00 41.30 ? 297 GLU A CA  1 
ATOM   538  C  C   . GLU A 1 68  ? 13.232  -9.602  10.698  1.00 42.93 ? 297 GLU A C   1 
ATOM   539  O  O   . GLU A 1 68  ? 12.885  -8.457  10.975  1.00 35.86 ? 297 GLU A O   1 
ATOM   540  C  CB  . GLU A 1 68  ? 15.537  -9.871  9.763   1.00 45.67 ? 297 GLU A CB  1 
ATOM   541  C  CG  . GLU A 1 68  ? 15.732  -8.415  9.380   1.00 58.03 ? 297 GLU A CG  1 
ATOM   542  C  CD  . GLU A 1 68  ? 16.178  -7.567  10.552  1.00 62.01 ? 297 GLU A CD  1 
ATOM   543  O  OE1 . GLU A 1 68  ? 17.196  -7.916  11.187  1.00 70.29 ? 297 GLU A OE1 1 
ATOM   544  O  OE2 . GLU A 1 68  ? 15.512  -6.552  10.842  1.00 69.70 ? 297 GLU A OE2 1 
ATOM   545  N  N   . ARG A 1 69  ? 12.416  -10.487 10.134  1.00 39.35 ? 298 ARG A N   1 
ATOM   546  C  CA  . ARG A 1 69  ? 11.034  -10.145 9.823   1.00 39.48 ? 298 ARG A CA  1 
ATOM   547  C  C   . ARG A 1 69  ? 10.242  -9.923  11.104  1.00 38.47 ? 298 ARG A C   1 
ATOM   548  O  O   . ARG A 1 69  ? 9.493   -8.953  11.216  1.00 39.37 ? 298 ARG A O   1 
ATOM   549  C  CB  . ARG A 1 69  ? 10.370  -11.257 9.009   1.00 36.25 ? 298 ARG A CB  1 
ATOM   550  C  CG  . ARG A 1 69  ? 10.983  -11.481 7.638   1.00 46.36 ? 298 ARG A CG  1 
ATOM   551  C  CD  . ARG A 1 69  ? 10.251  -12.577 6.880   1.00 49.65 ? 298 ARG A CD  1 
ATOM   552  N  NE  . ARG A 1 69  ? 10.861  -12.852 5.581   1.00 54.54 ? 298 ARG A NE  1 
ATOM   553  C  CZ  . ARG A 1 69  ? 10.432  -13.782 4.735   1.00 56.93 ? 298 ARG A CZ  1 
ATOM   554  N  NH1 . ARG A 1 69  ? 9.383   -14.532 5.048   1.00 61.94 ? 298 ARG A NH1 1 
ATOM   555  N  NH2 . ARG A 1 69  ? 11.050  -13.967 3.577   1.00 58.72 ? 298 ARG A NH2 1 
ATOM   556  N  N   . ASP A 1 70  ? 10.406  -10.827 12.067  1.00 40.56 ? 299 ASP A N   1 
ATOM   557  C  CA  . ASP A 1 70  ? 9.703   -10.726 13.344  1.00 43.06 ? 299 ASP A CA  1 
ATOM   558  C  C   . ASP A 1 70  ? 10.083  -9.449  14.087  1.00 37.29 ? 299 ASP A C   1 
ATOM   559  O  O   . ASP A 1 70  ? 9.273   -8.883  14.821  1.00 42.38 ? 299 ASP A O   1 
ATOM   560  C  CB  . ASP A 1 70  ? 10.000  -11.948 14.216  1.00 49.22 ? 299 ASP A CB  1 
ATOM   561  C  CG  . ASP A 1 70  ? 9.296   -13.199 13.723  1.00 57.24 ? 299 ASP A CG  1 
ATOM   562  O  OD1 . ASP A 1 70  ? 9.562   -14.290 14.270  1.00 57.68 ? 299 ASP A OD1 1 
ATOM   563  O  OD2 . ASP A 1 70  ? 8.472   -13.091 12.791  1.00 60.22 ? 299 ASP A OD2 1 
ATOM   564  N  N   . THR A 1 71  ? 11.318  -9.001  13.901  1.00 32.75 ? 300 THR A N   1 
ATOM   565  C  CA  . THR A 1 71  ? 11.779  -7.775  14.539  1.00 35.18 ? 300 THR A CA  1 
ATOM   566  C  C   . THR A 1 71  ? 11.054  -6.607  13.877  1.00 37.58 ? 300 THR A C   1 
ATOM   567  O  O   . THR A 1 71  ? 10.485  -5.743  14.552  1.00 34.99 ? 300 THR A O   1 
ATOM   568  C  CB  . THR A 1 71  ? 13.302  -7.592  14.359  1.00 36.92 ? 300 THR A CB  1 
ATOM   569  O  OG1 . THR A 1 71  ? 13.991  -8.593  15.116  1.00 46.79 ? 300 THR A OG1 1 
ATOM   570  C  CG2 . THR A 1 71  ? 13.746  -6.210  14.828  1.00 37.90 ? 300 THR A CG2 1 
ATOM   571  N  N   . ILE A 1 72  ? 11.081  -6.597  12.546  1.00 32.09 ? 301 ILE A N   1 
ATOM   572  C  CA  . ILE A 1 72  ? 10.434  -5.550  11.759  1.00 32.46 ? 301 ILE A CA  1 
ATOM   573  C  C   . ILE A 1 72  ? 8.961   -5.403  12.141  1.00 31.18 ? 301 ILE A C   1 
ATOM   574  O  O   . ILE A 1 72  ? 8.463   -4.285  12.320  1.00 35.30 ? 301 ILE A O   1 
ATOM   575  C  CB  . ILE A 1 72  ? 10.523  -5.863  10.252  1.00 34.30 ? 301 ILE A CB  1 
ATOM   576  C  CG1 . ILE A 1 72  ? 11.988  -5.956  9.822   1.00 38.39 ? 301 ILE A CG1 1 
ATOM   577  C  CG2 . ILE A 1 72  ? 9.803   -4.785  9.452   1.00 39.76 ? 301 ILE A CG2 1 
ATOM   578  C  CD1 . ILE A 1 72  ? 12.796  -4.701  10.090  1.00 35.33 ? 301 ILE A CD1 1 
ATOM   579  N  N   . MET A 1 73  ? 8.267   -6.532  12.253  1.00 33.20 ? 302 MET A N   1 
ATOM   580  C  CA  . MET A 1 73  ? 6.861   -6.516  12.621  1.00 39.19 ? 302 MET A CA  1 
ATOM   581  C  C   . MET A 1 73  ? 6.664   -5.893  13.998  1.00 44.35 ? 302 MET A C   1 
ATOM   582  O  O   . MET A 1 73  ? 5.748   -5.097  14.192  1.00 40.89 ? 302 MET A O   1 
ATOM   583  C  CB  . MET A 1 73  ? 6.289   -7.933  12.596  1.00 39.01 ? 302 MET A CB  1 
ATOM   584  C  CG  . MET A 1 73  ? 6.198   -8.542  11.203  1.00 42.69 ? 302 MET A CG  1 
ATOM   585  S  SD  . MET A 1 73  ? 4.999   -7.710  10.127  1.00 52.55 ? 302 MET A SD  1 
ATOM   586  C  CE  . MET A 1 73  ? 5.975   -6.398  9.510   1.00 39.67 ? 302 MET A CE  1 
ATOM   587  N  N   . LYS A 1 74  ? 7.523   -6.243  14.953  1.00 42.03 ? 303 LYS A N   1 
ATOM   588  C  CA  . LYS A 1 74  ? 7.412   -5.683  16.300  1.00 39.60 ? 303 LYS A CA  1 
ATOM   589  C  C   . LYS A 1 74  ? 7.652   -4.179  16.230  1.00 31.93 ? 303 LYS A C   1 
ATOM   590  O  O   . LYS A 1 74  ? 7.036   -3.399  16.958  1.00 38.16 ? 303 LYS A O   1 
ATOM   591  C  CB  . LYS A 1 74  ? 8.433   -6.340  17.236  1.00 33.94 ? 303 LYS A CB  1 
ATOM   592  N  N   . GLU A 1 75  ? 8.557   -3.780  15.345  1.00 30.50 ? 304 GLU A N   1 
ATOM   593  C  CA  . GLU A 1 75  ? 8.876   -2.372  15.150  1.00 38.26 ? 304 GLU A CA  1 
ATOM   594  C  C   . GLU A 1 75  ? 7.603   -1.637  14.719  1.00 39.22 ? 304 GLU A C   1 
ATOM   595  O  O   . GLU A 1 75  ? 7.320   -0.526  15.176  1.00 31.28 ? 304 GLU A O   1 
ATOM   596  C  CB  . GLU A 1 75  ? 9.942   -2.234  14.058  1.00 42.43 ? 304 GLU A CB  1 
ATOM   597  C  CG  . GLU A 1 75  ? 10.426  -0.814  13.810  1.00 55.45 ? 304 GLU A CG  1 
ATOM   598  C  CD  . GLU A 1 75  ? 11.821  -0.574  14.353  1.00 65.92 ? 304 GLU A CD  1 
ATOM   599  O  OE1 . GLU A 1 75  ? 12.745  -1.323  13.968  1.00 67.04 ? 304 GLU A OE1 1 
ATOM   600  O  OE2 . GLU A 1 75  ? 11.998  0.364   15.160  1.00 67.84 ? 304 GLU A OE2 1 
ATOM   601  N  N   . PHE A 1 76  ? 6.842   -2.280  13.839  1.00 33.35 ? 305 PHE A N   1 
ATOM   602  C  CA  . PHE A 1 76  ? 5.599   -1.720  13.314  1.00 29.47 ? 305 PHE A CA  1 
ATOM   603  C  C   . PHE A 1 76  ? 4.480   -1.766  14.354  1.00 26.25 ? 305 PHE A C   1 
ATOM   604  O  O   . PHE A 1 76  ? 3.854   -0.751  14.650  1.00 27.91 ? 305 PHE A O   1 
ATOM   605  C  CB  . PHE A 1 76  ? 5.172   -2.495  12.060  1.00 26.20 ? 305 PHE A CB  1 
ATOM   606  C  CG  . PHE A 1 76  ? 3.993   -1.891  11.337  1.00 24.21 ? 305 PHE A CG  1 
ATOM   607  C  CD1 . PHE A 1 76  ? 4.050   -0.589  10.847  1.00 24.45 ? 305 PHE A CD1 1 
ATOM   608  C  CD2 . PHE A 1 76  ? 2.836   -2.634  11.132  1.00 27.44 ? 305 PHE A CD2 1 
ATOM   609  C  CE1 . PHE A 1 76  ? 2.966   -0.038  10.158  1.00 26.97 ? 305 PHE A CE1 1 
ATOM   610  C  CE2 . PHE A 1 76  ? 1.750   -2.096  10.451  1.00 24.25 ? 305 PHE A CE2 1 
ATOM   611  C  CZ  . PHE A 1 76  ? 1.811   -0.804  9.962   1.00 24.41 ? 305 PHE A CZ  1 
ATOM   612  N  N   . ARG A 1 77  ? 4.232   -2.943  14.912  1.00 28.61 ? 306 ARG A N   1 
ATOM   613  C  CA  . ARG A 1 77  ? 3.176   -3.083  15.910  1.00 32.80 ? 306 ARG A CA  1 
ATOM   614  C  C   . ARG A 1 77  ? 3.316   -2.143  17.107  1.00 28.12 ? 306 ARG A C   1 
ATOM   615  O  O   . ARG A 1 77  ? 2.315   -1.705  17.664  1.00 31.04 ? 306 ARG A O   1 
ATOM   616  C  CB  . ARG A 1 77  ? 3.102   -4.529  16.401  1.00 34.06 ? 306 ARG A CB  1 
ATOM   617  C  CG  . ARG A 1 77  ? 2.787   -5.517  15.296  1.00 46.00 ? 306 ARG A CG  1 
ATOM   618  C  CD  . ARG A 1 77  ? 1.607   -6.401  15.661  1.00 56.89 ? 306 ARG A CD  1 
ATOM   619  N  NE  . ARG A 1 77  ? 1.839   -7.172  16.877  1.00 62.35 ? 306 ARG A NE  1 
ATOM   620  C  CZ  . ARG A 1 77  ? 0.990   -8.077  17.354  1.00 70.81 ? 306 ARG A CZ  1 
ATOM   621  N  NH1 . ARG A 1 77  ? -0.146  -8.318  16.714  1.00 71.50 ? 306 ARG A NH1 1 
ATOM   622  N  NH2 . ARG A 1 77  ? 1.275   -8.740  18.466  1.00 73.22 ? 306 ARG A NH2 1 
ATOM   623  N  N   . SER A 1 78  ? 4.550   -1.824  17.489  1.00 26.07 ? 307 SER A N   1 
ATOM   624  C  CA  . SER A 1 78  ? 4.796   -0.939  18.633  1.00 28.32 ? 307 SER A CA  1 
ATOM   625  C  C   . SER A 1 78  ? 4.659   0.533   18.260  1.00 29.06 ? 307 SER A C   1 
ATOM   626  O  O   . SER A 1 78  ? 4.644   1.411   19.132  1.00 29.57 ? 307 SER A O   1 
ATOM   627  C  CB  . SER A 1 78  ? 6.198   -1.169  19.194  1.00 30.93 ? 307 SER A CB  1 
ATOM   628  O  OG  . SER A 1 78  ? 7.171   -0.614  18.328  1.00 36.35 ? 307 SER A OG  1 
ATOM   629  N  N   . GLY A 1 79  ? 4.577   0.807   16.964  1.00 27.43 ? 308 GLY A N   1 
ATOM   630  C  CA  . GLY A 1 79  ? 4.443   2.179   16.519  1.00 23.96 ? 308 GLY A CA  1 
ATOM   631  C  C   . GLY A 1 79  ? 5.763   2.872   16.272  1.00 29.58 ? 308 GLY A C   1 
ATOM   632  O  O   . GLY A 1 79  ? 5.777   4.055   15.941  1.00 28.39 ? 308 GLY A O   1 
ATOM   633  N  N   . SER A 1 80  ? 6.873   2.154   16.441  1.00 24.11 ? 309 SER A N   1 
ATOM   634  C  CA  . SER A 1 80  ? 8.185   2.736   16.200  1.00 27.70 ? 309 SER A CA  1 
ATOM   635  C  C   . SER A 1 80  ? 8.249   3.200   14.747  1.00 25.56 ? 309 SER A C   1 
ATOM   636  O  O   . SER A 1 80  ? 8.879   4.209   14.428  1.00 29.54 ? 309 SER A O   1 
ATOM   637  C  CB  . SER A 1 80  ? 9.283   1.710   16.466  1.00 32.31 ? 309 SER A CB  1 
ATOM   638  O  OG  . SER A 1 80  ? 10.551  2.249   16.137  1.00 45.06 ? 309 SER A OG  1 
ATOM   639  N  N   . SER A 1 81  ? 7.596   2.446   13.866  1.00 29.38 ? 310 SER A N   1 
ATOM   640  C  CA  . SER A 1 81  ? 7.539   2.788   12.445  1.00 24.58 ? 310 SER A CA  1 
ATOM   641  C  C   . SER A 1 81  ? 6.074   3.008   12.107  1.00 24.24 ? 310 SER A C   1 
ATOM   642  O  O   . SER A 1 81  ? 5.228   2.186   12.462  1.00 27.59 ? 310 SER A O   1 
ATOM   643  C  CB  . SER A 1 81  ? 8.058   1.640   11.576  1.00 28.71 ? 310 SER A CB  1 
ATOM   644  O  OG  . SER A 1 81  ? 9.344   1.216   11.980  1.00 39.00 ? 310 SER A OG  1 
ATOM   645  N  N   . ARG A 1 82  ? 5.777   4.094   11.412  1.00 27.05 ? 311 ARG A N   1 
ATOM   646  C  CA  . ARG A 1 82  ? 4.401   4.379   11.036  1.00 28.33 ? 311 ARG A CA  1 
ATOM   647  C  C   . ARG A 1 82  ? 4.024   3.654   9.751   1.00 22.83 ? 311 ARG A C   1 
ATOM   648  O  O   . ARG A 1 82  ? 2.855   3.345   9.524   1.00 21.60 ? 311 ARG A O   1 
ATOM   649  C  CB  . ARG A 1 82  ? 4.215   5.885   10.854  1.00 37.80 ? 311 ARG A CB  1 
ATOM   650  C  CG  . ARG A 1 82  ? 4.593   6.676   12.093  1.00 52.52 ? 311 ARG A CG  1 
ATOM   651  C  CD  . ARG A 1 82  ? 4.332   8.166   11.950  1.00 66.58 ? 311 ARG A CD  1 
ATOM   652  N  NE  . ARG A 1 82  ? 2.917   8.465   11.764  1.00 74.28 ? 311 ARG A NE  1 
ATOM   653  C  CZ  . ARG A 1 82  ? 2.375   9.663   11.963  1.00 71.34 ? 311 ARG A CZ  1 
ATOM   654  N  NH1 . ARG A 1 82  ? 3.128   10.679  12.362  1.00 65.25 ? 311 ARG A NH1 1 
ATOM   655  N  NH2 . ARG A 1 82  ? 1.079   9.847   11.752  1.00 72.35 ? 311 ARG A NH2 1 
ATOM   656  N  N   . ILE A 1 83  ? 5.022   3.360   8.921   1.00 22.78 ? 312 ILE A N   1 
ATOM   657  C  CA  . ILE A 1 83  ? 4.764   2.704   7.644   1.00 16.90 ? 312 ILE A CA  1 
ATOM   658  C  C   . ILE A 1 83  ? 5.504   1.380   7.470   1.00 20.45 ? 312 ILE A C   1 
ATOM   659  O  O   . ILE A 1 83  ? 6.700   1.271   7.760   1.00 20.43 ? 312 ILE A O   1 
ATOM   660  C  CB  . ILE A 1 83  ? 5.134   3.655   6.486   1.00 21.10 ? 312 ILE A CB  1 
ATOM   661  C  CG1 . ILE A 1 83  ? 4.303   4.936   6.601   1.00 24.35 ? 312 ILE A CG1 1 
ATOM   662  C  CG2 . ILE A 1 83  ? 4.882   2.971   5.125   1.00 17.01 ? 312 ILE A CG2 1 
ATOM   663  C  CD1 . ILE A 1 83  ? 4.762   6.047   5.693   1.00 31.32 ? 312 ILE A CD1 1 
ATOM   664  N  N   . LEU A 1 84  ? 4.769   0.369   7.020   1.00 16.16 ? 313 LEU A N   1 
ATOM   665  C  CA  . LEU A 1 84  ? 5.341   -0.952  6.741   1.00 17.88 ? 313 LEU A CA  1 
ATOM   666  C  C   . LEU A 1 84  ? 5.232   -1.137  5.234   1.00 20.99 ? 313 LEU A C   1 
ATOM   667  O  O   . LEU A 1 84  ? 4.139   -1.023  4.679   1.00 16.14 ? 313 LEU A O   1 
ATOM   668  C  CB  . LEU A 1 84  ? 4.530   -2.052  7.421   1.00 21.92 ? 313 LEU A CB  1 
ATOM   669  C  CG  . LEU A 1 84  ? 4.979   -3.461  7.008   1.00 21.73 ? 313 LEU A CG  1 
ATOM   670  C  CD1 . LEU A 1 84  ? 6.433   -3.659  7.443   1.00 26.54 ? 313 LEU A CD1 1 
ATOM   671  C  CD2 . LEU A 1 84  ? 4.074   -4.512  7.621   1.00 25.01 ? 313 LEU A CD2 1 
ATOM   672  N  N   . ILE A 1 85  ? 6.346   -1.427  4.566   1.00 18.32 ? 314 ILE A N   1 
ATOM   673  C  CA  . ILE A 1 85  ? 6.304   -1.607  3.110   1.00 16.40 ? 314 ILE A CA  1 
ATOM   674  C  C   . ILE A 1 85  ? 6.774   -3.002  2.745   1.00 18.10 ? 314 ILE A C   1 
ATOM   675  O  O   . ILE A 1 85  ? 7.808   -3.474  3.224   1.00 17.77 ? 314 ILE A O   1 
ATOM   676  C  CB  . ILE A 1 85  ? 7.183   -0.554  2.386   1.00 16.88 ? 314 ILE A CB  1 
ATOM   677  C  CG1 . ILE A 1 85  ? 6.789   0.853   2.858   1.00 23.23 ? 314 ILE A CG1 1 
ATOM   678  C  CG2 . ILE A 1 85  ? 6.983   -0.653  0.864   1.00 14.05 ? 314 ILE A CG2 1 
ATOM   679  C  CD1 . ILE A 1 85  ? 7.557   1.981   2.200   1.00 21.97 ? 314 ILE A CD1 1 
ATOM   680  N  N   . SER A 1 86  ? 5.999   -3.677  1.907   1.00 16.57 ? 315 SER A N   1 
ATOM   681  C  CA  . SER A 1 86  ? 6.360   -5.024  1.498   1.00 18.35 ? 315 SER A CA  1 
ATOM   682  C  C   . SER A 1 86  ? 6.153   -5.262  0.012   1.00 17.94 ? 315 SER A C   1 
ATOM   683  O  O   . SER A 1 86  ? 5.603   -4.423  -0.709  1.00 18.73 ? 315 SER A O   1 
ATOM   684  C  CB  . SER A 1 86  ? 5.551   -6.049  2.287   1.00 20.59 ? 315 SER A CB  1 
ATOM   685  O  OG  . SER A 1 86  ? 6.028   -7.353  2.018   1.00 38.81 ? 315 SER A OG  1 
ATOM   686  N  N   . THR A 1 87  ? 6.606   -6.419  -0.445  1.00 19.19 ? 316 THR A N   1 
ATOM   687  C  CA  . THR A 1 87  ? 6.468   -6.787  -1.842  1.00 20.87 ? 316 THR A CA  1 
ATOM   688  C  C   . THR A 1 87  ? 5.213   -7.609  -2.083  1.00 26.29 ? 316 THR A C   1 
ATOM   689  O  O   . THR A 1 87  ? 4.605   -8.148  -1.150  1.00 30.93 ? 316 THR A O   1 
ATOM   690  C  CB  . THR A 1 87  ? 7.650   -7.635  -2.300  1.00 22.16 ? 316 THR A CB  1 
ATOM   691  O  OG1 . THR A 1 87  ? 7.742   -8.794  -1.462  1.00 27.36 ? 316 THR A OG1 1 
ATOM   692  C  CG2 . THR A 1 87  ? 8.938   -6.837  -2.222  1.00 19.62 ? 316 THR A CG2 1 
ATOM   693  N  N   . ASP A 1 88  ? 4.856   -7.710  -3.358  1.00 26.37 ? 317 ASP A N   1 
ATOM   694  C  CA  . ASP A 1 88  ? 3.696   -8.460  -3.823  1.00 29.17 ? 317 ASP A CA  1 
ATOM   695  C  C   . ASP A 1 88  ? 3.781   -9.920  -3.387  1.00 30.30 ? 317 ASP A C   1 
ATOM   696  O  O   . ASP A 1 88  ? 2.816   -10.494 -2.884  1.00 29.80 ? 317 ASP A O   1 
ATOM   697  C  CB  . ASP A 1 88  ? 3.633   -8.357  -5.355  1.00 33.57 ? 317 ASP A CB  1 
ATOM   698  C  CG  . ASP A 1 88  ? 2.674   -9.352  -5.978  1.00 40.30 ? 317 ASP A CG  1 
ATOM   699  O  OD1 . ASP A 1 88  ? 3.105   -10.491 -6.258  1.00 40.38 ? 317 ASP A OD1 1 
ATOM   700  O  OD2 . ASP A 1 88  ? 1.493   -8.999  -6.185  1.00 39.26 ? 317 ASP A OD2 1 
ATOM   701  N  N   . LEU A 1 89  ? 4.954   -10.505 -3.567  1.00 35.25 ? 318 LEU A N   1 
ATOM   702  C  CA  . LEU A 1 89  ? 5.185   -11.901 -3.221  1.00 40.73 ? 318 LEU A CA  1 
ATOM   703  C  C   . LEU A 1 89  ? 4.941   -12.238 -1.745  1.00 34.20 ? 318 LEU A C   1 
ATOM   704  O  O   . LEU A 1 89  ? 4.507   -13.343 -1.420  1.00 37.68 ? 318 LEU A O   1 
ATOM   705  C  CB  . LEU A 1 89  ? 6.613   -12.276 -3.620  1.00 42.65 ? 318 LEU A CB  1 
ATOM   706  C  CG  . LEU A 1 89  ? 6.944   -13.747 -3.859  1.00 55.96 ? 318 LEU A CG  1 
ATOM   707  C  CD1 . LEU A 1 89  ? 5.951   -14.350 -4.837  1.00 51.19 ? 318 LEU A CD1 1 
ATOM   708  C  CD2 . LEU A 1 89  ? 8.363   -13.852 -4.401  1.00 54.71 ? 318 LEU A CD2 1 
ATOM   709  N  N   . LEU A 1 90  ? 5.200   -11.288 -0.851  1.00 35.25 ? 319 LEU A N   1 
ATOM   710  C  CA  . LEU A 1 90  ? 5.030   -11.519 0.585   1.00 34.30 ? 319 LEU A CA  1 
ATOM   711  C  C   . LEU A 1 90  ? 3.689   -11.084 1.181   1.00 35.66 ? 319 LEU A C   1 
ATOM   712  O  O   . LEU A 1 90  ? 3.426   -11.318 2.363   1.00 28.61 ? 319 LEU A O   1 
ATOM   713  C  CB  . LEU A 1 90  ? 6.158   -10.822 1.352   1.00 34.84 ? 319 LEU A CB  1 
ATOM   714  C  CG  . LEU A 1 90  ? 7.599   -11.240 1.047   1.00 41.23 ? 319 LEU A CG  1 
ATOM   715  C  CD1 . LEU A 1 90  ? 8.564   -10.285 1.733   1.00 40.88 ? 319 LEU A CD1 1 
ATOM   716  C  CD2 . LEU A 1 90  ? 7.835   -12.665 1.519   1.00 40.15 ? 319 LEU A CD2 1 
ATOM   717  N  N   . ALA A 1 91  ? 2.841   -10.459 0.369   1.00 29.39 ? 320 ALA A N   1 
ATOM   718  C  CA  . ALA A 1 91  ? 1.551   -9.968  0.842   1.00 26.70 ? 320 ALA A CA  1 
ATOM   719  C  C   . ALA A 1 91  ? 0.716   -10.945 1.669   1.00 35.52 ? 320 ALA A C   1 
ATOM   720  O  O   . ALA A 1 91  ? 0.236   -10.598 2.754   1.00 32.75 ? 320 ALA A O   1 
ATOM   721  C  CB  . ALA A 1 91  ? 0.726   -9.472  -0.337  1.00 26.47 ? 320 ALA A CB  1 
ATOM   722  N  N   . ARG A 1 92  ? 0.524   -12.157 1.156   1.00 40.92 ? 321 ARG A N   1 
ATOM   723  C  CA  . ARG A 1 92  ? -0.285  -13.144 1.864   1.00 46.48 ? 321 ARG A CA  1 
ATOM   724  C  C   . ARG A 1 92  ? 0.335   -13.576 3.187   1.00 47.21 ? 321 ARG A C   1 
ATOM   725  O  O   . ARG A 1 92  ? -0.378  -13.867 4.147   1.00 43.55 ? 321 ARG A O   1 
ATOM   726  C  CB  . ARG A 1 92  ? -0.533  -14.368 0.973   1.00 49.77 ? 321 ARG A CB  1 
ATOM   727  C  CG  . ARG A 1 92  ? 0.730   -15.049 0.474   1.00 61.01 ? 321 ARG A CG  1 
ATOM   728  C  CD  . ARG A 1 92  ? 0.416   -16.174 -0.504  1.00 66.04 ? 321 ARG A CD  1 
ATOM   729  N  NE  . ARG A 1 92  ? 1.618   -16.894 -0.920  1.00 69.35 ? 321 ARG A NE  1 
ATOM   730  C  CZ  . ARG A 1 92  ? 2.423   -17.553 -0.091  1.00 66.51 ? 321 ARG A CZ  1 
ATOM   731  N  NH1 . ARG A 1 92  ? 2.160   -17.586 1.209   1.00 68.34 ? 321 ARG A NH1 1 
ATOM   732  N  NH2 . ARG A 1 92  ? 3.491   -18.185 -0.560  1.00 68.48 ? 321 ARG A NH2 1 
ATOM   733  N  N   . GLY A 1 93  ? 1.663   -13.597 3.242   1.00 40.03 ? 322 GLY A N   1 
ATOM   734  C  CA  . GLY A 1 93  ? 2.344   -14.004 4.459   1.00 44.41 ? 322 GLY A CA  1 
ATOM   735  C  C   . GLY A 1 93  ? 2.462   -12.911 5.504   1.00 46.54 ? 322 GLY A C   1 
ATOM   736  O  O   . GLY A 1 93  ? 2.857   -13.173 6.641   1.00 49.99 ? 322 GLY A O   1 
ATOM   737  N  N   . ILE A 1 94  ? 2.127   -11.681 5.128   1.00 40.85 ? 323 ILE A N   1 
ATOM   738  C  CA  . ILE A 1 94  ? 2.206   -10.568 6.064   1.00 45.61 ? 323 ILE A CA  1 
ATOM   739  C  C   . ILE A 1 94  ? 0.917   -10.416 6.850   1.00 45.64 ? 323 ILE A C   1 
ATOM   740  O  O   . ILE A 1 94  ? -0.153  -10.203 6.280   1.00 43.35 ? 323 ILE A O   1 
ATOM   741  C  CB  . ILE A 1 94  ? 2.529   -9.246  5.337   1.00 39.91 ? 323 ILE A CB  1 
ATOM   742  C  CG1 . ILE A 1 94  ? 3.992   -9.262  4.900   1.00 46.36 ? 323 ILE A CG1 1 
ATOM   743  C  CG2 . ILE A 1 94  ? 2.242   -8.052  6.245   1.00 47.35 ? 323 ILE A CG2 1 
ATOM   744  C  CD1 . ILE A 1 94  ? 4.491   -7.938  4.423   1.00 43.68 ? 323 ILE A CD1 1 
ATOM   745  N  N   . ASP A 1 95  ? 1.027   -10.525 8.168   1.00 45.13 ? 324 ASP A N   1 
ATOM   746  C  CA  . ASP A 1 95  ? -0.140  -10.410 9.022   1.00 51.93 ? 324 ASP A CA  1 
ATOM   747  C  C   . ASP A 1 95  ? -0.468  -8.957  9.324   1.00 53.04 ? 324 ASP A C   1 
ATOM   748  O  O   . ASP A 1 95  ? -0.207  -8.469  10.427  1.00 50.06 ? 324 ASP A O   1 
ATOM   749  C  CB  . ASP A 1 95  ? 0.080   -11.160 10.336  1.00 57.57 ? 324 ASP A CB  1 
ATOM   750  C  CG  . ASP A 1 95  ? -1.207  -11.355 11.116  1.00 62.63 ? 324 ASP A CG  1 
ATOM   751  O  OD1 . ASP A 1 95  ? -2.019  -10.406 11.178  1.00 64.95 ? 324 ASP A OD1 1 
ATOM   752  O  OD2 . ASP A 1 95  ? -1.406  -12.456 11.671  1.00 61.38 ? 324 ASP A OD2 1 
ATOM   753  N  N   . VAL A 1 96  ? -1.021  -8.256  8.341   1.00 55.86 ? 325 VAL A N   1 
ATOM   754  C  CA  . VAL A 1 96  ? -1.401  -6.872  8.565   1.00 55.61 ? 325 VAL A CA  1 
ATOM   755  C  C   . VAL A 1 96  ? -2.446  -7.001  9.659   1.00 59.17 ? 325 VAL A C   1 
ATOM   756  O  O   . VAL A 1 96  ? -3.455  -7.682  9.481   1.00 66.67 ? 325 VAL A O   1 
ATOM   757  C  CB  . VAL A 1 96  ? -2.018  -6.226  7.290   1.00 54.13 ? 325 VAL A CB  1 
ATOM   758  C  CG1 . VAL A 1 96  ? -0.973  -6.182  6.180   1.00 48.22 ? 325 VAL A CG1 1 
ATOM   759  C  CG2 . VAL A 1 96  ? -3.241  -7.010  6.826   1.00 49.96 ? 325 VAL A CG2 1 
ATOM   760  N  N   . GLN A 1 97  ? -2.184  -6.391  10.808  1.00 61.50 ? 326 GLN A N   1 
ATOM   761  C  CA  . GLN A 1 97  ? -3.114  -6.476  11.926  1.00 58.07 ? 326 GLN A CA  1 
ATOM   762  C  C   . GLN A 1 97  ? -4.467  -5.911  11.517  1.00 49.52 ? 326 GLN A C   1 
ATOM   763  O  O   . GLN A 1 97  ? -5.068  -6.345  10.536  1.00 43.20 ? 326 GLN A O   1 
ATOM   764  C  CB  . GLN A 1 97  ? -2.563  -5.705  13.132  1.00 68.28 ? 326 GLN A CB  1 
ATOM   765  C  CG  . GLN A 1 97  ? -1.169  -6.145  13.573  1.00 73.06 ? 326 GLN A CG  1 
ATOM   766  C  CD  . GLN A 1 97  ? -0.067  -5.615  12.671  1.00 75.11 ? 326 GLN A CD  1 
ATOM   767  O  OE1 . GLN A 1 97  ? 1.083   -6.050  12.754  1.00 74.11 ? 326 GLN A OE1 1 
ATOM   768  N  NE2 . GLN A 1 97  ? -0.409  -4.661  11.812  1.00 77.21 ? 326 GLN A NE2 1 
ATOM   769  N  N   . GLN A 1 98  ? -4.958  -4.946  12.279  1.00 39.33 ? 327 GLN A N   1 
ATOM   770  C  CA  . GLN A 1 98  ? -6.224  -4.330  11.949  1.00 35.24 ? 327 GLN A CA  1 
ATOM   771  C  C   . GLN A 1 98  ? -5.906  -2.964  11.348  1.00 44.20 ? 327 GLN A C   1 
ATOM   772  O  O   . GLN A 1 98  ? -6.620  -1.987  11.569  1.00 49.25 ? 327 GLN A O   1 
ATOM   773  C  CB  . GLN A 1 98  ? -7.078  -4.209  13.207  1.00 49.32 ? 327 GLN A CB  1 
ATOM   774  C  CG  . GLN A 1 98  ? -7.275  -5.555  13.901  1.00 56.44 ? 327 GLN A CG  1 
ATOM   775  C  CD  . GLN A 1 98  ? -8.069  -5.454  15.186  1.00 58.01 ? 327 GLN A CD  1 
ATOM   776  O  OE1 . GLN A 1 98  ? -7.689  -4.734  16.108  1.00 68.00 ? 327 GLN A OE1 1 
ATOM   777  N  NE2 . GLN A 1 98  ? -9.175  -6.182  15.253  1.00 65.42 ? 327 GLN A NE2 1 
ATOM   778  N  N   . VAL A 1 99  ? -4.813  -2.914  10.589  1.00 38.49 ? 328 VAL A N   1 
ATOM   779  C  CA  . VAL A 1 99  ? -4.376  -1.689  9.926   1.00 26.87 ? 328 VAL A CA  1 
ATOM   780  C  C   . VAL A 1 99  ? -5.552  -1.170  9.106   1.00 28.75 ? 328 VAL A C   1 
ATOM   781  O  O   . VAL A 1 99  ? -6.116  -1.899  8.290   1.00 32.41 ? 328 VAL A O   1 
ATOM   782  C  CB  . VAL A 1 99  ? -3.192  -1.956  8.966   1.00 28.00 ? 328 VAL A CB  1 
ATOM   783  C  CG1 . VAL A 1 99  ? -2.757  -0.662  8.309   1.00 34.32 ? 328 VAL A CG1 1 
ATOM   784  C  CG2 . VAL A 1 99  ? -2.031  -2.581  9.723   1.00 43.92 ? 328 VAL A CG2 1 
ATOM   785  N  N   . SER A 1 100 ? -5.907  0.092   9.304   1.00 29.55 ? 329 SER A N   1 
ATOM   786  C  CA  . SER A 1 100 ? -7.042  0.670   8.595   1.00 36.05 ? 329 SER A CA  1 
ATOM   787  C  C   . SER A 1 100 ? -6.755  1.132   7.173   1.00 30.11 ? 329 SER A C   1 
ATOM   788  O  O   . SER A 1 100 ? -7.683  1.393   6.416   1.00 31.00 ? 329 SER A O   1 
ATOM   789  C  CB  . SER A 1 100 ? -7.604  1.847   9.385   1.00 37.46 ? 329 SER A CB  1 
ATOM   790  O  OG  . SER A 1 100 ? -6.708  2.940   9.338   1.00 37.44 ? 329 SER A OG  1 
ATOM   791  N  N   . LEU A 1 101 ? -5.484  1.239   6.803   1.00 26.05 ? 330 LEU A N   1 
ATOM   792  C  CA  . LEU A 1 101 ? -5.160  1.695   5.459   1.00 17.97 ? 330 LEU A CA  1 
ATOM   793  C  C   . LEU A 1 101 ? -4.074  0.908   4.761   1.00 18.38 ? 330 LEU A C   1 
ATOM   794  O  O   . LEU A 1 101 ? -2.951  0.796   5.259   1.00 22.62 ? 330 LEU A O   1 
ATOM   795  C  CB  . LEU A 1 101 ? -4.744  3.171   5.481   1.00 21.28 ? 330 LEU A CB  1 
ATOM   796  C  CG  . LEU A 1 101 ? -4.235  3.776   4.155   1.00 22.09 ? 330 LEU A CG  1 
ATOM   797  C  CD1 . LEU A 1 101 ? -5.362  3.829   3.159   1.00 16.82 ? 330 LEU A CD1 1 
ATOM   798  C  CD2 . LEU A 1 101 ? -3.690  5.188   4.378   1.00 23.72 ? 330 LEU A CD2 1 
ATOM   799  N  N   . VAL A 1 102 ? -4.416  0.367   3.601   1.00 14.92 ? 331 VAL A N   1 
ATOM   800  C  CA  . VAL A 1 102 ? -3.454  -0.347  2.782   1.00 16.21 ? 331 VAL A CA  1 
ATOM   801  C  C   . VAL A 1 102 ? -3.340  0.393   1.443   1.00 17.00 ? 331 VAL A C   1 
ATOM   802  O  O   . VAL A 1 102 ? -4.354  0.787   0.843   1.00 16.95 ? 331 VAL A O   1 
ATOM   803  C  CB  . VAL A 1 102 ? -3.879  -1.798  2.540   1.00 16.84 ? 331 VAL A CB  1 
ATOM   804  C  CG1 . VAL A 1 102 ? -2.972  -2.432  1.478   1.00 16.38 ? 331 VAL A CG1 1 
ATOM   805  C  CG2 . VAL A 1 102 ? -3.772  -2.578  3.852   1.00 18.95 ? 331 VAL A CG2 1 
ATOM   806  N  N   . ILE A 1 103 ? -2.110  0.601   0.978   1.00 14.77 ? 332 ILE A N   1 
ATOM   807  C  CA  . ILE A 1 103 ? -1.916  1.299   -0.282  1.00 16.15 ? 332 ILE A CA  1 
ATOM   808  C  C   . ILE A 1 103 ? -1.137  0.459   -1.275  1.00 16.18 ? 332 ILE A C   1 
ATOM   809  O  O   . ILE A 1 103 ? -0.039  -0.022  -0.966  1.00 15.13 ? 332 ILE A O   1 
ATOM   810  C  CB  . ILE A 1 103 ? -1.147  2.641   -0.083  1.00 15.90 ? 332 ILE A CB  1 
ATOM   811  C  CG1 . ILE A 1 103 ? -2.027  3.632   0.689   1.00 18.87 ? 332 ILE A CG1 1 
ATOM   812  C  CG2 . ILE A 1 103 ? -0.744  3.213   -1.435  1.00 15.90 ? 332 ILE A CG2 1 
ATOM   813  C  CD1 . ILE A 1 103 ? -1.284  4.816   1.257   1.00 26.43 ? 332 ILE A CD1 1 
ATOM   814  N  N   . ASN A 1 104 ? -1.710  0.247   -2.455  1.00 13.86 ? 333 ASN A N   1 
ATOM   815  C  CA  . ASN A 1 104 ? -0.985  -0.476  -3.489  1.00 13.90 ? 333 ASN A CA  1 
ATOM   816  C  C   . ASN A 1 104 ? -0.295  0.561   -4.356  1.00 15.83 ? 333 ASN A C   1 
ATOM   817  O  O   . ASN A 1 104 ? -0.887  1.155   -5.264  1.00 18.39 ? 333 ASN A O   1 
ATOM   818  C  CB  . ASN A 1 104 ? -1.924  -1.370  -4.292  1.00 16.49 ? 333 ASN A CB  1 
ATOM   819  C  CG  . ASN A 1 104 ? -2.267  -2.624  -3.527  1.00 17.79 ? 333 ASN A CG  1 
ATOM   820  O  OD1 . ASN A 1 104 ? -1.361  -3.363  -3.120  1.00 18.87 ? 333 ASN A OD1 1 
ATOM   821  N  ND2 . ASN A 1 104 ? -3.560  -2.861  -3.294  1.00 18.06 ? 333 ASN A ND2 1 
ATOM   822  N  N   . TYR A 1 105 ? 0.962   0.815   -4.013  1.00 14.79 ? 334 TYR A N   1 
ATOM   823  C  CA  . TYR A 1 105 ? 1.782   1.795   -4.709  1.00 15.65 ? 334 TYR A CA  1 
ATOM   824  C  C   . TYR A 1 105 ? 1.902   1.376   -6.170  1.00 17.77 ? 334 TYR A C   1 
ATOM   825  O  O   . TYR A 1 105 ? 1.980   2.209   -7.065  1.00 15.47 ? 334 TYR A O   1 
ATOM   826  C  CB  . TYR A 1 105 ? 3.148   1.846   -4.035  1.00 14.43 ? 334 TYR A CB  1 
ATOM   827  C  CG  . TYR A 1 105 ? 3.957   3.065   -4.390  1.00 12.23 ? 334 TYR A CG  1 
ATOM   828  C  CD1 . TYR A 1 105 ? 3.763   4.276   -3.721  1.00 15.30 ? 334 TYR A CD1 1 
ATOM   829  C  CD2 . TYR A 1 105 ? 4.929   3.000   -5.382  1.00 15.88 ? 334 TYR A CD2 1 
ATOM   830  C  CE1 . TYR A 1 105 ? 4.535   5.391   -4.030  1.00 18.31 ? 334 TYR A CE1 1 
ATOM   831  C  CE2 . TYR A 1 105 ? 5.701   4.120   -5.708  1.00 15.29 ? 334 TYR A CE2 1 
ATOM   832  C  CZ  . TYR A 1 105 ? 5.500   5.300   -5.022  1.00 24.29 ? 334 TYR A CZ  1 
ATOM   833  O  OH  . TYR A 1 105 ? 6.291   6.381   -5.312  1.00 21.50 ? 334 TYR A OH  1 
ATOM   834  N  N   . ASP A 1 106 ? 1.924   0.064   -6.391  1.00 17.59 ? 335 ASP A N   1 
ATOM   835  C  CA  . ASP A 1 106 ? 1.978   -0.534  -7.723  1.00 14.32 ? 335 ASP A CA  1 
ATOM   836  C  C   . ASP A 1 106 ? 0.705   -1.363  -7.788  1.00 17.02 ? 335 ASP A C   1 
ATOM   837  O  O   . ASP A 1 106 ? 0.327   -1.994  -6.801  1.00 19.63 ? 335 ASP A O   1 
ATOM   838  C  CB  . ASP A 1 106 ? 3.166   -1.485  -7.853  1.00 14.85 ? 335 ASP A CB  1 
ATOM   839  C  CG  . ASP A 1 106 ? 4.489   -0.766  -7.930  1.00 19.55 ? 335 ASP A CG  1 
ATOM   840  O  OD1 . ASP A 1 106 ? 5.508   -1.382  -7.557  1.00 20.82 ? 335 ASP A OD1 1 
ATOM   841  O  OD2 . ASP A 1 106 ? 4.523   0.406   -8.365  1.00 20.87 ? 335 ASP A OD2 1 
ATOM   842  N  N   . LEU A 1 107 ? 0.022   -1.333  -8.923  1.00 21.40 ? 336 LEU A N   1 
ATOM   843  C  CA  . LEU A 1 107 ? -1.183  -2.135  -9.069  1.00 24.81 ? 336 LEU A CA  1 
ATOM   844  C  C   . LEU A 1 107 ? -0.693  -3.565  -9.227  1.00 17.87 ? 336 LEU A C   1 
ATOM   845  O  O   . LEU A 1 107 ? 0.257   -3.819  -9.978  1.00 22.01 ? 336 LEU A O   1 
ATOM   846  C  CB  . LEU A 1 107 ? -1.958  -1.733  -10.324 1.00 23.79 ? 336 LEU A CB  1 
ATOM   847  C  CG  . LEU A 1 107 ? -3.292  -2.467  -10.509 1.00 29.66 ? 336 LEU A CG  1 
ATOM   848  C  CD1 . LEU A 1 107 ? -4.239  -2.098  -9.378  1.00 29.18 ? 336 LEU A CD1 1 
ATOM   849  C  CD2 . LEU A 1 107 ? -3.903  -2.098  -11.850 1.00 31.25 ? 336 LEU A CD2 1 
ATOM   850  N  N   . PRO A 1 108 ? -1.320  -4.518  -8.516  1.00 19.42 ? 337 PRO A N   1 
ATOM   851  C  CA  . PRO A 1 108 ? -0.925  -5.924  -8.602  1.00 22.77 ? 337 PRO A CA  1 
ATOM   852  C  C   . PRO A 1 108 ? -0.962  -6.403  -10.048 1.00 23.91 ? 337 PRO A C   1 
ATOM   853  O  O   . PRO A 1 108 ? -1.966  -6.220  -10.745 1.00 29.53 ? 337 PRO A O   1 
ATOM   854  C  CB  . PRO A 1 108 ? -1.974  -6.633  -7.742  1.00 22.57 ? 337 PRO A CB  1 
ATOM   855  C  CG  . PRO A 1 108 ? -2.363  -5.586  -6.749  1.00 28.42 ? 337 PRO A CG  1 
ATOM   856  C  CD  . PRO A 1 108 ? -2.480  -4.362  -7.623  1.00 20.95 ? 337 PRO A CD  1 
ATOM   857  N  N   . ALA A 1 109 ? 0.134   -7.014  -10.490 1.00 24.03 ? 338 ALA A N   1 
ATOM   858  C  CA  . ALA A 1 109 ? 0.231   -7.525  -11.851 1.00 27.58 ? 338 ALA A CA  1 
ATOM   859  C  C   . ALA A 1 109 ? -0.359  -8.927  -11.888 1.00 27.93 ? 338 ALA A C   1 
ATOM   860  O  O   . ALA A 1 109 ? -0.819  -9.389  -12.928 1.00 33.76 ? 338 ALA A O   1 
ATOM   861  C  CB  . ALA A 1 109 ? 1.683   -7.537  -12.303 1.00 28.82 ? 338 ALA A CB  1 
ATOM   862  N  N   . ASN A 1 110 ? -0.339  -9.601  -10.742 1.00 31.43 ? 339 ASN A N   1 
ATOM   863  C  CA  . ASN A 1 110 ? -0.920  -10.939 -10.618 1.00 37.15 ? 339 ASN A CA  1 
ATOM   864  C  C   . ASN A 1 110 ? -2.316  -10.733 -10.038 1.00 35.71 ? 339 ASN A C   1 
ATOM   865  O  O   . ASN A 1 110 ? -2.476  -10.512 -8.838  1.00 32.43 ? 339 ASN A O   1 
ATOM   866  C  CB  . ASN A 1 110 ? -0.078  -11.806 -9.683  1.00 34.48 ? 339 ASN A CB  1 
ATOM   867  C  CG  . ASN A 1 110 ? -0.804  -13.070 -9.240  1.00 43.92 ? 339 ASN A CG  1 
ATOM   868  O  OD1 . ASN A 1 110 ? -1.731  -13.536 -9.902  1.00 48.50 ? 339 ASN A OD1 1 
ATOM   869  N  ND2 . ASN A 1 110 ? -0.373  -13.636 -8.122  1.00 41.58 ? 339 ASN A ND2 1 
ATOM   870  N  N   . LYS A 1 111 ? -3.322  -10.802 -10.904 1.00 32.85 ? 340 LYS A N   1 
ATOM   871  C  CA  . LYS A 1 111 ? -4.717  -10.583 -10.521 1.00 36.29 ? 340 LYS A CA  1 
ATOM   872  C  C   . LYS A 1 111 ? -5.178  -11.311 -9.266  1.00 41.65 ? 340 LYS A C   1 
ATOM   873  O  O   . LYS A 1 111 ? -5.973  -10.779 -8.490  1.00 36.35 ? 340 LYS A O   1 
ATOM   874  C  CB  . LYS A 1 111 ? -5.635  -10.958 -11.687 1.00 46.69 ? 340 LYS A CB  1 
ATOM   875  C  CG  . LYS A 1 111 ? -5.289  -10.248 -12.986 1.00 54.33 ? 340 LYS A CG  1 
ATOM   876  C  CD  . LYS A 1 111 ? -5.980  -10.880 -14.182 1.00 56.07 ? 340 LYS A CD  1 
ATOM   877  C  CE  . LYS A 1 111 ? -5.443  -10.304 -15.486 1.00 59.99 ? 340 LYS A CE  1 
ATOM   878  N  NZ  . LYS A 1 111 ? -6.003  -10.985 -16.688 1.00 67.83 ? 340 LYS A NZ  1 
ATOM   879  N  N   . GLU A 1 112 ? -4.678  -12.522 -9.059  1.00 38.14 ? 341 GLU A N   1 
ATOM   880  C  CA  . GLU A 1 112 ? -5.084  -13.301 -7.902  1.00 34.40 ? 341 GLU A CA  1 
ATOM   881  C  C   . GLU A 1 112 ? -4.578  -12.714 -6.591  1.00 33.07 ? 341 GLU A C   1 
ATOM   882  O  O   . GLU A 1 112 ? -5.302  -12.684 -5.591  1.00 30.03 ? 341 GLU A O   1 
ATOM   883  C  CB  . GLU A 1 112 ? -4.585  -14.740 -8.045  1.00 35.92 ? 341 GLU A CB  1 
ATOM   884  C  CG  . GLU A 1 112 ? -5.276  -15.722 -7.119  1.00 35.79 ? 341 GLU A CG  1 
ATOM   885  C  CD  . GLU A 1 112 ? -4.830  -15.591 -5.678  1.00 31.13 ? 341 GLU A CD  1 
ATOM   886  O  OE1 . GLU A 1 112 ? -5.656  -15.854 -4.776  1.00 36.35 ? 341 GLU A OE1 1 
ATOM   887  O  OE2 . GLU A 1 112 ? -3.656  -15.238 -5.445  1.00 34.30 ? 341 GLU A OE2 1 
ATOM   888  N  N   . ASN A 1 113 ? -3.337  -12.241 -6.601  1.00 32.10 ? 342 ASN A N   1 
ATOM   889  C  CA  . ASN A 1 113 ? -2.730  -11.698 -5.393  1.00 28.26 ? 342 ASN A CA  1 
ATOM   890  C  C   . ASN A 1 113 ? -3.405  -10.444 -4.861  1.00 27.31 ? 342 ASN A C   1 
ATOM   891  O  O   . ASN A 1 113 ? -3.197  -10.067 -3.710  1.00 24.37 ? 342 ASN A O   1 
ATOM   892  C  CB  . ASN A 1 113 ? -1.242  -11.436 -5.624  1.00 30.51 ? 342 ASN A CB  1 
ATOM   893  C  CG  . ASN A 1 113 ? -0.456  -11.442 -4.333  1.00 37.36 ? 342 ASN A CG  1 
ATOM   894  O  OD1 . ASN A 1 113 ? -0.663  -12.304 -3.478  1.00 35.56 ? 342 ASN A OD1 1 
ATOM   895  N  ND2 . ASN A 1 113 ? 0.455   -10.488 -4.182  1.00 37.42 ? 342 ASN A ND2 1 
ATOM   896  N  N   . TYR A 1 114 ? -4.239  -9.817  -5.683  1.00 29.03 ? 343 TYR A N   1 
ATOM   897  C  CA  . TYR A 1 114 ? -4.935  -8.608  -5.265  1.00 22.05 ? 343 TYR A CA  1 
ATOM   898  C  C   . TYR A 1 114 ? -5.738  -8.735  -3.968  1.00 30.81 ? 343 TYR A C   1 
ATOM   899  O  O   . TYR A 1 114 ? -5.712  -7.823  -3.141  1.00 25.29 ? 343 TYR A O   1 
ATOM   900  C  CB  . TYR A 1 114 ? -5.858  -8.109  -6.383  1.00 30.36 ? 343 TYR A CB  1 
ATOM   901  C  CG  . TYR A 1 114 ? -6.613  -6.856  -6.010  1.00 27.41 ? 343 TYR A CG  1 
ATOM   902  C  CD1 . TYR A 1 114 ? -5.945  -5.638  -5.855  1.00 27.11 ? 343 TYR A CD1 1 
ATOM   903  C  CD2 . TYR A 1 114 ? -7.985  -6.896  -5.750  1.00 20.01 ? 343 TYR A CD2 1 
ATOM   904  C  CE1 . TYR A 1 114 ? -6.629  -4.491  -5.443  1.00 30.85 ? 343 TYR A CE1 1 
ATOM   905  C  CE2 . TYR A 1 114 ? -8.675  -5.771  -5.338  1.00 20.34 ? 343 TYR A CE2 1 
ATOM   906  C  CZ  . TYR A 1 114 ? -7.992  -4.565  -5.186  1.00 28.98 ? 343 TYR A CZ  1 
ATOM   907  O  OH  . TYR A 1 114 ? -8.673  -3.445  -4.774  1.00 25.43 ? 343 TYR A OH  1 
ATOM   908  N  N   . ILE A 1 115 ? -6.462  -9.839  -3.761  1.00 22.98 ? 344 ILE A N   1 
ATOM   909  C  CA  . ILE A 1 115 ? -7.233  -9.926  -2.521  1.00 27.50 ? 344 ILE A CA  1 
ATOM   910  C  C   . ILE A 1 115 ? -6.388  -10.101 -1.266  1.00 21.92 ? 344 ILE A C   1 
ATOM   911  O  O   . ILE A 1 115 ? -6.910  -10.011 -0.159  1.00 27.96 ? 344 ILE A O   1 
ATOM   912  C  CB  . ILE A 1 115 ? -8.322  -11.035 -2.559  1.00 37.52 ? 344 ILE A CB  1 
ATOM   913  C  CG1 . ILE A 1 115 ? -7.804  -12.260 -3.291  1.00 27.10 ? 344 ILE A CG1 1 
ATOM   914  C  CG2 . ILE A 1 115 ? -9.600  -10.484 -3.168  1.00 40.66 ? 344 ILE A CG2 1 
ATOM   915  C  CD1 . ILE A 1 115 ? -6.747  -12.980 -2.541  1.00 30.61 ? 344 ILE A CD1 1 
ATOM   916  N  N   . HIS A 1 116 ? -5.091  -10.335 -1.447  1.00 23.22 ? 345 HIS A N   1 
ATOM   917  C  CA  . HIS A 1 116 ? -4.171  -10.468 -0.322  1.00 23.12 ? 345 HIS A CA  1 
ATOM   918  C  C   . HIS A 1 116 ? -3.480  -9.133  -0.103  1.00 22.74 ? 345 HIS A C   1 
ATOM   919  O  O   . HIS A 1 116 ? -2.697  -8.967  0.837   1.00 26.16 ? 345 HIS A O   1 
ATOM   920  C  CB  . HIS A 1 116 ? -3.120  -11.535 -0.607  1.00 27.60 ? 345 HIS A CB  1 
ATOM   921  C  CG  . HIS A 1 116 ? -3.699  -12.898 -0.790  1.00 30.87 ? 345 HIS A CG  1 
ATOM   922  N  ND1 . HIS A 1 116 ? -4.506  -13.487 0.157   1.00 29.89 ? 345 HIS A ND1 1 
ATOM   923  C  CD2 . HIS A 1 116 ? -3.603  -13.782 -1.810  1.00 32.60 ? 345 HIS A CD2 1 
ATOM   924  C  CE1 . HIS A 1 116 ? -4.881  -14.680 -0.270  1.00 30.10 ? 345 HIS A CE1 1 
ATOM   925  N  NE2 . HIS A 1 116 ? -4.346  -14.883 -1.459  1.00 28.34 ? 345 HIS A NE2 1 
ATOM   926  N  N   . ARG A 1 117 ? -3.777  -8.179  -0.978  1.00 18.98 ? 346 ARG A N   1 
ATOM   927  C  CA  . ARG A 1 117 ? -3.175  -6.853  -0.891  1.00 24.05 ? 346 ARG A CA  1 
ATOM   928  C  C   . ARG A 1 117 ? -4.172  -5.729  -0.611  1.00 24.17 ? 346 ARG A C   1 
ATOM   929  O  O   . ARG A 1 117 ? -3.988  -4.601  -1.069  1.00 22.33 ? 346 ARG A O   1 
ATOM   930  C  CB  . ARG A 1 117 ? -2.401  -6.557  -2.178  1.00 15.98 ? 346 ARG A CB  1 
ATOM   931  C  CG  . ARG A 1 117 ? -1.169  -7.427  -2.342  1.00 18.37 ? 346 ARG A CG  1 
ATOM   932  C  CD  . ARG A 1 117 ? -0.472  -7.210  -3.672  1.00 26.78 ? 346 ARG A CD  1 
ATOM   933  N  NE  . ARG A 1 117 ? -0.127  -5.805  -3.885  1.00 19.80 ? 346 ARG A NE  1 
ATOM   934  C  CZ  . ARG A 1 117 ? 0.644   -5.365  -4.873  1.00 21.84 ? 346 ARG A CZ  1 
ATOM   935  N  NH1 . ARG A 1 117 ? 1.169   -6.212  -5.747  1.00 22.94 ? 346 ARG A NH1 1 
ATOM   936  N  NH2 . ARG A 1 117 ? 0.882   -4.068  -4.993  1.00 14.74 ? 346 ARG A NH2 1 
ATOM   937  N  N   . ILE A 1 118 ? -5.228  -6.022  0.145   1.00 21.35 ? 347 ILE A N   1 
ATOM   938  C  CA  . ILE A 1 118 ? -6.200  -4.985  0.454   1.00 18.01 ? 347 ILE A CA  1 
ATOM   939  C  C   . ILE A 1 118 ? -6.535  -4.893  1.935   1.00 23.51 ? 347 ILE A C   1 
ATOM   940  O  O   . ILE A 1 118 ? -7.468  -4.196  2.321   1.00 28.40 ? 347 ILE A O   1 
ATOM   941  C  CB  . ILE A 1 118 ? -7.501  -5.173  -0.357  1.00 22.46 ? 347 ILE A CB  1 
ATOM   942  C  CG1 . ILE A 1 118 ? -8.109  -6.551  -0.080  1.00 33.89 ? 347 ILE A CG1 1 
ATOM   943  C  CG2 . ILE A 1 118 ? -7.203  -5.005  -1.852  1.00 26.93 ? 347 ILE A CG2 1 
ATOM   944  C  CD1 . ILE A 1 118 ? -9.481  -6.751  -0.718  1.00 32.42 ? 347 ILE A CD1 1 
ATOM   945  N  N   . GLY A 1 119 ? -5.753  -5.580  2.765   1.00 27.10 ? 348 GLY A N   1 
ATOM   946  C  CA  . GLY A 1 119 ? -5.989  -5.547  4.197   1.00 31.01 ? 348 GLY A CA  1 
ATOM   947  C  C   . GLY A 1 119 ? -6.974  -6.599  4.666   1.00 30.68 ? 348 GLY A C   1 
ATOM   948  O  O   . GLY A 1 119 ? -7.416  -7.436  3.879   1.00 33.15 ? 348 GLY A O   1 
ATOM   949  N  N   . ARG A 1 120 ? -7.317  -6.550  5.949   1.00 36.92 ? 349 ARG A N   1 
ATOM   950  C  CA  . ARG A 1 120 ? -8.240  -7.512  6.543   1.00 38.61 ? 349 ARG A CA  1 
ATOM   951  C  C   . ARG A 1 120 ? -9.427  -6.843  7.225   1.00 43.43 ? 349 ARG A C   1 
ATOM   952  O  O   . ARG A 1 120 ? -10.135 -7.474  8.007   1.00 43.97 ? 349 ARG A O   1 
ATOM   953  C  CB  . ARG A 1 120 ? -7.498  -8.388  7.557   1.00 48.67 ? 349 ARG A CB  1 
ATOM   954  C  CG  . ARG A 1 120 ? -6.294  -9.125  6.982   1.00 53.96 ? 349 ARG A CG  1 
ATOM   955  C  CD  . ARG A 1 120 ? -6.710  -10.075 5.873   1.00 57.02 ? 349 ARG A CD  1 
ATOM   956  N  NE  . ARG A 1 120 ? -5.574  -10.600 5.119   1.00 65.56 ? 349 ARG A NE  1 
ATOM   957  C  CZ  . ARG A 1 120 ? -4.727  -9.854  4.412   1.00 60.29 ? 349 ARG A CZ  1 
ATOM   958  N  NH1 . ARG A 1 120 ? -4.876  -8.538  4.361   1.00 69.27 ? 349 ARG A NH1 1 
ATOM   959  N  NH2 . ARG A 1 120 ? -3.741  -10.427 3.738   1.00 61.34 ? 349 ARG A NH2 1 
ATOM   960  N  N   . GLY A 1 121 ? -9.643  -5.565  6.940   1.00 43.67 ? 350 GLY A N   1 
ATOM   961  C  CA  . GLY A 1 121 ? -10.769 -4.870  7.538   1.00 46.47 ? 350 GLY A CA  1 
ATOM   962  C  C   . GLY A 1 121 ? -10.405 -3.828  8.577   1.00 51.05 ? 350 GLY A C   1 
ATOM   963  O  O   . GLY A 1 121 ? -11.286 -3.175  9.141   1.00 58.21 ? 350 GLY A O   1 
ATOM   964  N  N   . GLY A 1 122 ? -9.113  -3.669  8.837   1.00 45.55 ? 351 GLY A N   1 
ATOM   965  C  CA  . GLY A 1 122 ? -8.683  -2.687  9.813   1.00 44.13 ? 351 GLY A CA  1 
ATOM   966  C  C   . GLY A 1 122 ? -9.407  -2.817  11.137  1.00 48.15 ? 351 GLY A C   1 
ATOM   967  O  O   . GLY A 1 122 ? -9.689  -3.927  11.594  1.00 50.01 ? 351 GLY A O   1 
ATOM   968  N  N   . GLY A 1 128 ? -11.731 -0.561  7.191   1.00 36.43 ? 357 GLY A N   1 
ATOM   969  C  CA  . GLY A 1 128 ? -10.714 -0.997  6.248   1.00 35.67 ? 357 GLY A CA  1 
ATOM   970  C  C   . GLY A 1 128 ? -10.777 -0.260  4.922   1.00 34.34 ? 357 GLY A C   1 
ATOM   971  O  O   . GLY A 1 128 ? -11.803 -0.264  4.245   1.00 27.37 ? 357 GLY A O   1 
ATOM   972  N  N   . VAL A 1 129 ? -9.674  0.379   4.550   1.00 30.92 ? 358 VAL A N   1 
ATOM   973  C  CA  . VAL A 1 129 ? -9.603  1.116   3.296   1.00 26.43 ? 358 VAL A CA  1 
ATOM   974  C  C   . VAL A 1 129 ? -8.371  0.686   2.506   1.00 17.09 ? 358 VAL A C   1 
ATOM   975  O  O   . VAL A 1 129 ? -7.285  0.541   3.076   1.00 22.33 ? 358 VAL A O   1 
ATOM   976  C  CB  . VAL A 1 129 ? -9.518  2.633   3.556   1.00 27.55 ? 358 VAL A CB  1 
ATOM   977  C  CG1 . VAL A 1 129 ? -9.260  3.368   2.253   1.00 26.21 ? 358 VAL A CG1 1 
ATOM   978  C  CG2 . VAL A 1 129 ? -10.809 3.122   4.194   1.00 34.59 ? 358 VAL A CG2 1 
ATOM   979  N  N   . ALA A 1 130 ? -8.555  0.432   1.211   1.00 21.05 ? 359 ALA A N   1 
ATOM   980  C  CA  . ALA A 1 130 ? -7.454  0.051   0.325   1.00 19.40 ? 359 ALA A CA  1 
ATOM   981  C  C   . ALA A 1 130 ? -7.429  1.047   -0.822  1.00 19.99 ? 359 ALA A C   1 
ATOM   982  O  O   . ALA A 1 130 ? -8.448  1.289   -1.473  1.00 20.31 ? 359 ALA A O   1 
ATOM   983  C  CB  . ALA A 1 130 ? -7.651  -1.362  -0.223  1.00 20.05 ? 359 ALA A CB  1 
ATOM   984  N  N   . ILE A 1 131 ? -6.274  1.646   -1.064  1.00 16.96 ? 360 ILE A N   1 
ATOM   985  C  CA  . ILE A 1 131 ? -6.171  2.615   -2.145  1.00 19.31 ? 360 ILE A CA  1 
ATOM   986  C  C   . ILE A 1 131 ? -5.147  2.148   -3.178  1.00 22.32 ? 360 ILE A C   1 
ATOM   987  O  O   . ILE A 1 131 ? -3.996  1.845   -2.848  1.00 18.41 ? 360 ILE A O   1 
ATOM   988  C  CB  . ILE A 1 131 ? -5.798  3.997   -1.605  1.00 16.73 ? 360 ILE A CB  1 
ATOM   989  C  CG1 . ILE A 1 131 ? -6.892  4.481   -0.648  1.00 18.84 ? 360 ILE A CG1 1 
ATOM   990  C  CG2 . ILE A 1 131 ? -5.644  4.971   -2.770  1.00 16.67 ? 360 ILE A CG2 1 
ATOM   991  C  CD1 . ILE A 1 131 ? -6.564  5.789   0.052   1.00 21.88 ? 360 ILE A CD1 1 
ATOM   992  N  N   . ASN A 1 132 ? -5.574  2.095   -4.433  1.00 14.77 ? 361 ASN A N   1 
ATOM   993  C  CA  . ASN A 1 132 ? -4.718  1.626   -5.514  1.00 12.85 ? 361 ASN A CA  1 
ATOM   994  C  C   . ASN A 1 132 ? -4.214  2.748   -6.394  1.00 18.98 ? 361 ASN A C   1 
ATOM   995  O  O   . ASN A 1 132 ? -5.008  3.534   -6.887  1.00 19.58 ? 361 ASN A O   1 
ATOM   996  C  CB  . ASN A 1 132 ? -5.490  0.646   -6.402  1.00 17.33 ? 361 ASN A CB  1 
ATOM   997  C  CG  . ASN A 1 132 ? -6.001  -0.563  -5.632  1.00 20.03 ? 361 ASN A CG  1 
ATOM   998  O  OD1 . ASN A 1 132 ? -7.210  -0.755  -5.476  1.00 27.42 ? 361 ASN A OD1 1 
ATOM   999  N  ND2 . ASN A 1 132 ? -5.084  -1.377  -5.153  1.00 19.62 ? 361 ASN A ND2 1 
ATOM   1000 N  N   . PHE A 1 133 ? -2.898  2.820   -6.579  1.00 15.44 ? 362 PHE A N   1 
ATOM   1001 C  CA  . PHE A 1 133 ? -2.308  3.835   -7.449  1.00 18.54 ? 362 PHE A CA  1 
ATOM   1002 C  C   . PHE A 1 133 ? -2.238  3.283   -8.878  1.00 19.70 ? 362 PHE A C   1 
ATOM   1003 O  O   . PHE A 1 133 ? -1.623  2.239   -9.118  1.00 20.88 ? 362 PHE A O   1 
ATOM   1004 C  CB  . PHE A 1 133 ? -0.875  4.172   -6.995  1.00 17.81 ? 362 PHE A CB  1 
ATOM   1005 C  CG  . PHE A 1 133 ? -0.785  5.133   -5.841  1.00 19.77 ? 362 PHE A CG  1 
ATOM   1006 C  CD1 . PHE A 1 133 ? -1.918  5.566   -5.153  1.00 19.46 ? 362 PHE A CD1 1 
ATOM   1007 C  CD2 . PHE A 1 133 ? 0.461   5.614   -5.446  1.00 20.26 ? 362 PHE A CD2 1 
ATOM   1008 C  CE1 . PHE A 1 133 ? -1.800  6.466   -4.093  1.00 27.65 ? 362 PHE A CE1 1 
ATOM   1009 C  CE2 . PHE A 1 133 ? 0.591   6.513   -4.384  1.00 24.29 ? 362 PHE A CE2 1 
ATOM   1010 C  CZ  . PHE A 1 133 ? -0.539  6.940   -3.708  1.00 21.02 ? 362 PHE A CZ  1 
ATOM   1011 N  N   . VAL A 1 134 ? -2.849  3.983   -9.831  1.00 20.05 ? 363 VAL A N   1 
ATOM   1012 C  CA  . VAL A 1 134 ? -2.803  3.542   -11.224 1.00 18.23 ? 363 VAL A CA  1 
ATOM   1013 C  C   . VAL A 1 134 ? -2.310  4.654   -12.134 1.00 20.86 ? 363 VAL A C   1 
ATOM   1014 O  O   . VAL A 1 134 ? -2.559  5.833   -11.881 1.00 23.27 ? 363 VAL A O   1 
ATOM   1015 C  CB  . VAL A 1 134 ? -4.180  3.076   -11.738 1.00 23.26 ? 363 VAL A CB  1 
ATOM   1016 C  CG1 . VAL A 1 134 ? -4.615  1.834   -10.984 1.00 30.23 ? 363 VAL A CG1 1 
ATOM   1017 C  CG2 . VAL A 1 134 ? -5.202  4.183   -11.571 1.00 29.54 ? 363 VAL A CG2 1 
ATOM   1018 N  N   . THR A 1 135 ? -1.572  4.268   -13.168 1.00 22.85 ? 364 THR A N   1 
ATOM   1019 C  CA  . THR A 1 135 ? -1.068  5.226   -14.142 1.00 24.46 ? 364 THR A CA  1 
ATOM   1020 C  C   . THR A 1 135 ? -1.917  4.959   -15.377 1.00 33.90 ? 364 THR A C   1 
ATOM   1021 O  O   . THR A 1 135 ? -2.676  3.992   -15.408 1.00 27.87 ? 364 THR A O   1 
ATOM   1022 C  CB  . THR A 1 135 ? 0.399   4.966   -14.511 1.00 25.75 ? 364 THR A CB  1 
ATOM   1023 O  OG1 . THR A 1 135 ? 0.490   3.742   -15.247 1.00 25.95 ? 364 THR A OG1 1 
ATOM   1024 C  CG2 . THR A 1 135 ? 1.262   4.865   -13.259 1.00 26.69 ? 364 THR A CG2 1 
ATOM   1025 N  N   . ASN A 1 136 ? -1.789  5.800   -16.392 1.00 34.59 ? 365 ASN A N   1 
ATOM   1026 C  CA  . ASN A 1 136 ? -2.559  5.622   -17.620 1.00 41.83 ? 365 ASN A CA  1 
ATOM   1027 C  C   . ASN A 1 136 ? -2.299  4.244   -18.216 1.00 43.60 ? 365 ASN A C   1 
ATOM   1028 O  O   . ASN A 1 136 ? -3.149  3.673   -18.901 1.00 46.01 ? 365 ASN A O   1 
ATOM   1029 C  CB  . ASN A 1 136 ? -2.172  6.700   -18.634 1.00 44.72 ? 365 ASN A CB  1 
ATOM   1030 C  CG  . ASN A 1 136 ? -2.623  8.082   -18.211 1.00 50.68 ? 365 ASN A CG  1 
ATOM   1031 O  OD1 . ASN A 1 136 ? -2.022  9.086   -18.591 1.00 62.86 ? 365 ASN A OD1 1 
ATOM   1032 N  ND2 . ASN A 1 136 ? -3.699  8.142   -17.432 1.00 55.67 ? 365 ASN A ND2 1 
ATOM   1033 N  N   . GLU A 1 137 ? -1.118  3.712   -17.934 1.00 45.37 ? 366 GLU A N   1 
ATOM   1034 C  CA  . GLU A 1 137 ? -0.703  2.416   -18.443 1.00 43.07 ? 366 GLU A CA  1 
ATOM   1035 C  C   . GLU A 1 137 ? -1.303  1.242   -17.667 1.00 44.48 ? 366 GLU A C   1 
ATOM   1036 O  O   . GLU A 1 137 ? -1.365  0.126   -18.182 1.00 38.98 ? 366 GLU A O   1 
ATOM   1037 C  CB  . GLU A 1 137 ? 0.828   2.353   -18.405 1.00 49.80 ? 366 GLU A CB  1 
ATOM   1038 C  CG  . GLU A 1 137 ? 1.453   1.176   -19.117 1.00 63.35 ? 366 GLU A CG  1 
ATOM   1039 C  CD  . GLU A 1 137 ? 2.962   1.312   -19.219 1.00 66.53 ? 366 GLU A CD  1 
ATOM   1040 O  OE1 . GLU A 1 137 ? 3.620   1.441   -18.164 1.00 66.52 ? 366 GLU A OE1 1 
ATOM   1041 O  OE2 . GLU A 1 137 ? 3.490   1.296   -20.353 1.00 66.88 ? 366 GLU A OE2 1 
ATOM   1042 N  N   . ASP A 1 138 ? -1.756  1.506   -16.441 1.00 40.84 ? 367 ASP A N   1 
ATOM   1043 C  CA  . ASP A 1 138 ? -2.333  0.477   -15.573 1.00 39.43 ? 367 ASP A CA  1 
ATOM   1044 C  C   . ASP A 1 138 ? -3.851  0.497   -15.467 1.00 36.51 ? 367 ASP A C   1 
ATOM   1045 O  O   . ASP A 1 138 ? -4.460  -0.501  -15.073 1.00 40.94 ? 367 ASP A O   1 
ATOM   1046 C  CB  . ASP A 1 138 ? -1.762  0.608   -14.158 1.00 42.38 ? 367 ASP A CB  1 
ATOM   1047 C  CG  . ASP A 1 138 ? -0.303  0.242   -14.083 1.00 51.21 ? 367 ASP A CG  1 
ATOM   1048 O  OD1 . ASP A 1 138 ? 0.279   0.383   -12.988 1.00 55.38 ? 367 ASP A OD1 1 
ATOM   1049 O  OD2 . ASP A 1 138 ? 0.263   -0.189  -15.110 1.00 63.07 ? 367 ASP A OD2 1 
ATOM   1050 N  N   . VAL A 1 139 ? -4.460  1.633   -15.794 1.00 45.52 ? 368 VAL A N   1 
ATOM   1051 C  CA  . VAL A 1 139 ? -5.909  1.779   -15.706 1.00 48.57 ? 368 VAL A CA  1 
ATOM   1052 C  C   . VAL A 1 139 ? -6.665  0.592   -16.304 1.00 48.56 ? 368 VAL A C   1 
ATOM   1053 O  O   . VAL A 1 139 ? -7.646  0.123   -15.729 1.00 51.87 ? 368 VAL A O   1 
ATOM   1054 C  CB  . VAL A 1 139 ? -6.376  3.086   -16.387 1.00 50.49 ? 368 VAL A CB  1 
ATOM   1055 C  CG1 . VAL A 1 139 ? -6.026  3.060   -17.864 1.00 54.31 ? 368 VAL A CG1 1 
ATOM   1056 C  CG2 . VAL A 1 139 ? -7.871  3.270   -16.186 1.00 60.35 ? 368 VAL A CG2 1 
ATOM   1057 N  N   . GLY A 1 140 ? -6.208  0.105   -17.452 1.00 49.98 ? 369 GLY A N   1 
ATOM   1058 C  CA  . GLY A 1 140 ? -6.866  -1.029  -18.077 1.00 46.64 ? 369 GLY A CA  1 
ATOM   1059 C  C   . GLY A 1 140 ? -6.832  -2.252  -17.176 1.00 48.61 ? 369 GLY A C   1 
ATOM   1060 O  O   . GLY A 1 140 ? -7.876  -2.814  -16.840 1.00 48.01 ? 369 GLY A O   1 
ATOM   1061 N  N   . ALA A 1 141 ? -5.628  -2.659  -16.782 1.00 46.30 ? 370 ALA A N   1 
ATOM   1062 C  CA  . ALA A 1 141 ? -5.454  -3.819  -15.913 1.00 43.31 ? 370 ALA A CA  1 
ATOM   1063 C  C   . ALA A 1 141 ? -6.378  -3.725  -14.704 1.00 42.69 ? 370 ALA A C   1 
ATOM   1064 O  O   . ALA A 1 141 ? -6.875  -4.738  -14.206 1.00 44.76 ? 370 ALA A O   1 
ATOM   1065 C  CB  . ALA A 1 141 ? -4.006  -3.920  -15.459 1.00 38.24 ? 370 ALA A CB  1 
ATOM   1066 N  N   . MET A 1 142 ? -6.605  -2.508  -14.227 1.00 42.81 ? 371 MET A N   1 
ATOM   1067 C  CA  . MET A 1 142 ? -7.481  -2.325  -13.082 1.00 40.22 ? 371 MET A CA  1 
ATOM   1068 C  C   . MET A 1 142 ? -8.888  -2.785  -13.411 1.00 43.05 ? 371 MET A C   1 
ATOM   1069 O  O   . MET A 1 142 ? -9.540  -3.424  -12.591 1.00 39.78 ? 371 MET A O   1 
ATOM   1070 C  CB  . MET A 1 142 ? -7.526  -0.867  -12.643 1.00 41.42 ? 371 MET A CB  1 
ATOM   1071 C  CG  . MET A 1 142 ? -8.706  -0.571  -11.736 1.00 46.21 ? 371 MET A CG  1 
ATOM   1072 S  SD  . MET A 1 142 ? -8.479  0.894   -10.741 1.00 53.36 ? 371 MET A SD  1 
ATOM   1073 C  CE  . MET A 1 142 ? -7.741  0.147   -9.254  1.00 52.14 ? 371 MET A CE  1 
ATOM   1074 N  N   . ARG A 1 143 ? -9.360  -2.452  -14.608 1.00 43.23 ? 372 ARG A N   1 
ATOM   1075 C  CA  . ARG A 1 143 ? -10.704 -2.854  -15.010 1.00 48.02 ? 372 ARG A CA  1 
ATOM   1076 C  C   . ARG A 1 143 ? -10.787 -4.375  -15.009 1.00 44.82 ? 372 ARG A C   1 
ATOM   1077 O  O   . ARG A 1 143 ? -11.758 -4.951  -14.518 1.00 47.00 ? 372 ARG A O   1 
ATOM   1078 C  CB  . ARG A 1 143 ? -11.039 -2.304  -16.400 1.00 50.49 ? 372 ARG A CB  1 
ATOM   1079 C  CG  . ARG A 1 143 ? -10.932 -0.787  -16.505 1.00 57.13 ? 372 ARG A CG  1 
ATOM   1080 C  CD  . ARG A 1 143 ? -11.724 -0.094  -15.407 1.00 58.61 ? 372 ARG A CD  1 
ATOM   1081 N  NE  . ARG A 1 143 ? -11.659 1.361   -15.514 1.00 66.97 ? 372 ARG A NE  1 
ATOM   1082 C  CZ  . ARG A 1 143 ? -12.153 2.201   -14.609 1.00 67.05 ? 372 ARG A CZ  1 
ATOM   1083 N  NH1 . ARG A 1 143 ? -12.751 1.733   -13.520 1.00 62.49 ? 372 ARG A NH1 1 
ATOM   1084 N  NH2 . ARG A 1 143 ? -12.052 3.511   -14.793 1.00 64.09 ? 372 ARG A NH2 1 
ATOM   1085 N  N   . GLU A 1 144 ? -9.763  -5.022  -15.559 1.00 39.83 ? 373 GLU A N   1 
ATOM   1086 C  CA  . GLU A 1 144 ? -9.722  -6.477  -15.593 1.00 39.20 ? 373 GLU A CA  1 
ATOM   1087 C  C   . GLU A 1 144 ? -9.845  -7.004  -14.159 1.00 43.61 ? 373 GLU A C   1 
ATOM   1088 O  O   . GLU A 1 144 ? -10.475 -8.035  -13.919 1.00 43.26 ? 373 GLU A O   1 
ATOM   1089 C  CB  . GLU A 1 144 ? -8.410  -6.955  -16.221 1.00 46.03 ? 373 GLU A CB  1 
ATOM   1090 C  CG  . GLU A 1 144 ? -8.169  -6.458  -17.644 1.00 52.16 ? 373 GLU A CG  1 
ATOM   1091 C  CD  . GLU A 1 144 ? -9.132  -7.060  -18.656 1.00 63.73 ? 373 GLU A CD  1 
ATOM   1092 O  OE1 . GLU A 1 144 ? -9.080  -6.658  -19.841 1.00 59.03 ? 373 GLU A OE1 1 
ATOM   1093 O  OE2 . GLU A 1 144 ? -9.936  -7.937  -18.271 1.00 64.10 ? 373 GLU A OE2 1 
ATOM   1094 N  N   . LEU A 1 145 ? -9.244  -6.293  -13.206 1.00 35.06 ? 374 LEU A N   1 
ATOM   1095 C  CA  . LEU A 1 145 ? -9.312  -6.699  -11.805 1.00 40.60 ? 374 LEU A CA  1 
ATOM   1096 C  C   . LEU A 1 145 ? -10.747 -6.696  -11.312 1.00 44.39 ? 374 LEU A C   1 
ATOM   1097 O  O   . LEU A 1 145 ? -11.198 -7.653  -10.678 1.00 43.72 ? 374 LEU A O   1 
ATOM   1098 C  CB  . LEU A 1 145 ? -8.493  -5.759  -10.916 1.00 36.65 ? 374 LEU A CB  1 
ATOM   1099 C  CG  . LEU A 1 145 ? -7.036  -6.120  -10.639 1.00 46.15 ? 374 LEU A CG  1 
ATOM   1100 C  CD1 . LEU A 1 145 ? -6.423  -5.057  -9.737  1.00 35.25 ? 374 LEU A CD1 1 
ATOM   1101 C  CD2 . LEU A 1 145 ? -6.963  -7.485  -9.979  1.00 31.17 ? 374 LEU A CD2 1 
ATOM   1102 N  N   . GLU A 1 146 ? -11.456 -5.609  -11.599 1.00 39.52 ? 375 GLU A N   1 
ATOM   1103 C  CA  . GLU A 1 146 ? -12.845 -5.472  -11.180 1.00 50.06 ? 375 GLU A CA  1 
ATOM   1104 C  C   . GLU A 1 146 ? -13.717 -6.592  -11.734 1.00 51.38 ? 375 GLU A C   1 
ATOM   1105 O  O   . GLU A 1 146 ? -14.736 -6.948  -11.140 1.00 55.29 ? 375 GLU A O   1 
ATOM   1106 C  CB  . GLU A 1 146 ? -13.394 -4.116  -11.622 1.00 52.34 ? 375 GLU A CB  1 
ATOM   1107 C  CG  . GLU A 1 146 ? -12.800 -2.940  -10.866 1.00 51.84 ? 375 GLU A CG  1 
ATOM   1108 C  CD  . GLU A 1 146 ? -13.321 -1.610  -11.360 1.00 55.20 ? 375 GLU A CD  1 
ATOM   1109 O  OE1 . GLU A 1 146 ? -12.993 -1.231  -12.508 1.00 47.56 ? 375 GLU A OE1 1 
ATOM   1110 O  OE2 . GLU A 1 146 ? -14.064 -0.948  -10.601 1.00 45.84 ? 375 GLU A OE2 1 
ATOM   1111 N  N   . LYS A 1 147 ? -13.315 -7.143  -12.874 1.00 51.22 ? 376 LYS A N   1 
ATOM   1112 C  CA  . LYS A 1 147 ? -14.055 -8.235  -13.494 1.00 50.96 ? 376 LYS A CA  1 
ATOM   1113 C  C   . LYS A 1 147 ? -13.624 -9.562  -12.883 1.00 49.39 ? 376 LYS A C   1 
ATOM   1114 O  O   . LYS A 1 147 ? -14.460 -10.394 -12.527 1.00 45.99 ? 376 LYS A O   1 
ATOM   1115 C  CB  . LYS A 1 147 ? -13.806 -8.256  -15.003 1.00 50.16 ? 376 LYS A CB  1 
ATOM   1116 C  CG  . LYS A 1 147 ? -14.467 -7.110  -15.753 1.00 56.09 ? 376 LYS A CG  1 
ATOM   1117 C  CD  . LYS A 1 147 ? -14.054 -7.076  -17.215 1.00 63.50 ? 376 LYS A CD  1 
ATOM   1118 C  CE  . LYS A 1 147 ? -12.580 -6.734  -17.370 1.00 65.76 ? 376 LYS A CE  1 
ATOM   1119 N  NZ  . LYS A 1 147 ? -12.164 -6.655  -18.799 1.00 68.53 ? 376 LYS A NZ  1 
ATOM   1120 N  N   . PHE A 1 148 ? -12.312 -9.749  -12.760 1.00 48.81 ? 377 PHE A N   1 
ATOM   1121 C  CA  . PHE A 1 148 ? -11.758 -10.974 -12.197 1.00 46.31 ? 377 PHE A CA  1 
ATOM   1122 C  C   . PHE A 1 148 ? -12.463 -11.255 -10.880 1.00 47.42 ? 377 PHE A C   1 
ATOM   1123 O  O   . PHE A 1 148 ? -12.713 -12.409 -10.530 1.00 42.55 ? 377 PHE A O   1 
ATOM   1124 C  CB  . PHE A 1 148 ? -10.253 -10.819 -11.989 1.00 45.74 ? 377 PHE A CB  1 
ATOM   1125 C  CG  . PHE A 1 148 ? -9.551  -12.099 -11.633 1.00 45.34 ? 377 PHE A CG  1 
ATOM   1126 C  CD1 . PHE A 1 148 ? -9.596  -12.600 -10.337 1.00 40.87 ? 377 PHE A CD1 1 
ATOM   1127 C  CD2 . PHE A 1 148 ? -8.825  -12.795 -12.597 1.00 44.01 ? 377 PHE A CD2 1 
ATOM   1128 C  CE1 . PHE A 1 148 ? -8.926  -13.777 -10.000 1.00 30.84 ? 377 PHE A CE1 1 
ATOM   1129 C  CE2 . PHE A 1 148 ? -8.152  -13.976 -12.272 1.00 42.15 ? 377 PHE A CE2 1 
ATOM   1130 C  CZ  . PHE A 1 148 ? -8.203  -14.467 -10.971 1.00 35.57 ? 377 PHE A CZ  1 
ATOM   1131 N  N   . TYR A 1 149 ? -12.768 -10.190 -10.144 1.00 38.02 ? 378 TYR A N   1 
ATOM   1132 C  CA  . TYR A 1 149 ? -13.496 -10.318 -8.893  1.00 48.70 ? 378 TYR A CA  1 
ATOM   1133 C  C   . TYR A 1 149 ? -14.860 -9.715  -9.200  1.00 49.48 ? 378 TYR A C   1 
ATOM   1134 O  O   . TYR A 1 149 ? -15.089 -9.245  -10.314 1.00 54.91 ? 378 TYR A O   1 
ATOM   1135 C  CB  . TYR A 1 149 ? -12.808 -9.540  -7.762  1.00 49.58 ? 378 TYR A CB  1 
ATOM   1136 C  CG  . TYR A 1 149 ? -11.462 -10.103 -7.362  1.00 37.20 ? 378 TYR A CG  1 
ATOM   1137 C  CD1 . TYR A 1 149 ? -10.293 -9.678  -7.987  1.00 41.84 ? 378 TYR A CD1 1 
ATOM   1138 C  CD2 . TYR A 1 149 ? -11.364 -11.094 -6.386  1.00 47.84 ? 378 TYR A CD2 1 
ATOM   1139 C  CE1 . TYR A 1 149 ? -9.056  -10.226 -7.650  1.00 41.53 ? 378 TYR A CE1 1 
ATOM   1140 C  CE2 . TYR A 1 149 ? -10.133 -11.653 -6.044  1.00 45.05 ? 378 TYR A CE2 1 
ATOM   1141 C  CZ  . TYR A 1 149 ? -8.983  -11.214 -6.682  1.00 43.33 ? 378 TYR A CZ  1 
ATOM   1142 O  OH  . TYR A 1 149 ? -7.766  -11.770 -6.360  1.00 42.89 ? 378 TYR A OH  1 
ATOM   1143 N  N   . SER A 1 150 ? -15.772 -9.737  -8.237  1.00 55.58 ? 379 SER A N   1 
ATOM   1144 C  CA  . SER A 1 150 ? -17.094 -9.164  -8.466  1.00 58.84 ? 379 SER A CA  1 
ATOM   1145 C  C   . SER A 1 150 ? -17.220 -7.932  -7.588  1.00 59.07 ? 379 SER A C   1 
ATOM   1146 O  O   . SER A 1 150 ? -18.254 -7.698  -6.961  1.00 60.88 ? 379 SER A O   1 
ATOM   1147 C  CB  . SER A 1 150 ? -18.190 -10.170 -8.107  1.00 61.54 ? 379 SER A CB  1 
ATOM   1148 O  OG  . SER A 1 150 ? -18.267 -10.359 -6.703  1.00 68.24 ? 379 SER A OG  1 
ATOM   1149 N  N   . THR A 1 151 ? -16.151 -7.142  -7.552  1.00 52.07 ? 380 THR A N   1 
ATOM   1150 C  CA  . THR A 1 151 ? -16.117 -5.940  -6.737  1.00 52.43 ? 380 THR A CA  1 
ATOM   1151 C  C   . THR A 1 151 ? -16.067 -4.656  -7.556  1.00 53.98 ? 380 THR A C   1 
ATOM   1152 O  O   . THR A 1 151 ? -15.958 -4.682  -8.785  1.00 46.47 ? 380 THR A O   1 
ATOM   1153 C  CB  . THR A 1 151 ? -14.905 -5.959  -5.786  1.00 47.66 ? 380 THR A CB  1 
ATOM   1154 O  OG1 . THR A 1 151 ? -14.921 -4.782  -4.969  1.00 48.45 ? 380 THR A OG1 1 
ATOM   1155 C  CG2 . THR A 1 151 ? -13.603 -6.010  -6.584  1.00 51.83 ? 380 THR A CG2 1 
ATOM   1156 N  N   . GLN A 1 152 ? -16.134 -3.533  -6.852  1.00 52.82 ? 381 GLN A N   1 
ATOM   1157 C  CA  . GLN A 1 152 ? -16.110 -2.225  -7.484  1.00 52.94 ? 381 GLN A CA  1 
ATOM   1158 C  C   . GLN A 1 152 ? -14.990 -1.364  -6.892  1.00 47.33 ? 381 GLN A C   1 
ATOM   1159 O  O   . GLN A 1 152 ? -15.000 -1.054  -5.698  1.00 48.06 ? 381 GLN A O   1 
ATOM   1160 C  CB  . GLN A 1 152 ? -17.465 -1.546  -7.272  1.00 54.46 ? 381 GLN A CB  1 
ATOM   1161 C  CG  . GLN A 1 152 ? -17.991 -0.777  -8.471  1.00 68.62 ? 381 GLN A CG  1 
ATOM   1162 C  CD  . GLN A 1 152 ? -17.185 0.465   -8.774  1.00 74.16 ? 381 GLN A CD  1 
ATOM   1163 O  OE1 . GLN A 1 152 ? -16.011 0.388   -9.137  1.00 78.96 ? 381 GLN A OE1 1 
ATOM   1164 N  NE2 . GLN A 1 152 ? -17.815 1.624   -8.621  1.00 76.55 ? 381 GLN A NE2 1 
ATOM   1165 N  N   . ILE A 1 153 ? -14.019 -0.996  -7.724  1.00 38.57 ? 382 ILE A N   1 
ATOM   1166 C  CA  . ILE A 1 153 ? -12.914 -0.151  -7.276  1.00 30.81 ? 382 ILE A CA  1 
ATOM   1167 C  C   . ILE A 1 153 ? -13.213 1.253   -7.785  1.00 30.48 ? 382 ILE A C   1 
ATOM   1168 O  O   . ILE A 1 153 ? -13.037 1.553   -8.968  1.00 30.45 ? 382 ILE A O   1 
ATOM   1169 C  CB  . ILE A 1 153 ? -11.556 -0.640  -7.839  1.00 29.57 ? 382 ILE A CB  1 
ATOM   1170 C  CG1 . ILE A 1 153 ? -11.336 -2.112  -7.456  1.00 28.02 ? 382 ILE A CG1 1 
ATOM   1171 C  CG2 . ILE A 1 153 ? -10.416 0.218   -7.280  1.00 26.26 ? 382 ILE A CG2 1 
ATOM   1172 C  CD1 . ILE A 1 153 ? -10.099 -2.736  -8.079  1.00 22.22 ? 382 ILE A CD1 1 
ATOM   1173 N  N   . GLU A 1 154 ? -13.659 2.110   -6.872  1.00 28.88 ? 383 GLU A N   1 
ATOM   1174 C  CA  . GLU A 1 154 ? -14.046 3.477   -7.205  1.00 30.17 ? 383 GLU A CA  1 
ATOM   1175 C  C   . GLU A 1 154 ? -12.933 4.503   -7.132  1.00 28.53 ? 383 GLU A C   1 
ATOM   1176 O  O   . GLU A 1 154 ? -12.000 4.382   -6.336  1.00 23.49 ? 383 GLU A O   1 
ATOM   1177 C  CB  . GLU A 1 154 ? -15.170 3.932   -6.276  1.00 30.03 ? 383 GLU A CB  1 
ATOM   1178 C  CG  . GLU A 1 154 ? -16.266 2.903   -6.073  1.00 40.98 ? 383 GLU A CG  1 
ATOM   1179 C  CD  . GLU A 1 154 ? -17.414 3.452   -5.250  1.00 50.29 ? 383 GLU A CD  1 
ATOM   1180 O  OE1 . GLU A 1 154 ? -17.187 4.416   -4.487  1.00 46.93 ? 383 GLU A OE1 1 
ATOM   1181 O  OE2 . GLU A 1 154 ? -18.538 2.913   -5.357  1.00 61.55 ? 383 GLU A OE2 1 
ATOM   1182 N  N   . GLU A 1 155 ? -13.049 5.536   -7.955  1.00 26.57 ? 384 GLU A N   1 
ATOM   1183 C  CA  . GLU A 1 155 ? -12.047 6.584   -7.950  1.00 28.56 ? 384 GLU A CA  1 
ATOM   1184 C  C   . GLU A 1 155 ? -12.144 7.290   -6.612  1.00 20.85 ? 384 GLU A C   1 
ATOM   1185 O  O   . GLU A 1 155 ? -13.237 7.552   -6.113  1.00 27.29 ? 384 GLU A O   1 
ATOM   1186 C  CB  . GLU A 1 155 ? -12.287 7.566   -9.100  1.00 25.27 ? 384 GLU A CB  1 
ATOM   1187 C  CG  . GLU A 1 155 ? -11.335 8.748   -9.111  1.00 29.93 ? 384 GLU A CG  1 
ATOM   1188 C  CD  . GLU A 1 155 ? -11.282 9.450   -10.463 1.00 29.74 ? 384 GLU A CD  1 
ATOM   1189 O  OE1 . GLU A 1 155 ? -12.307 9.486   -11.172 1.00 31.31 ? 384 GLU A OE1 1 
ATOM   1190 O  OE2 . GLU A 1 155 ? -10.209 9.977   -10.815 1.00 35.44 ? 384 GLU A OE2 1 
ATOM   1191 N  N   . LEU A 1 156 ? -10.991 7.568   -6.021  1.00 22.09 ? 385 LEU A N   1 
ATOM   1192 C  CA  . LEU A 1 156 ? -10.908 8.233   -4.736  1.00 21.93 ? 385 LEU A CA  1 
ATOM   1193 C  C   . LEU A 1 156 ? -11.571 9.597   -4.836  1.00 21.19 ? 385 LEU A C   1 
ATOM   1194 O  O   . LEU A 1 156 ? -11.376 10.319  -5.817  1.00 26.36 ? 385 LEU A O   1 
ATOM   1195 C  CB  . LEU A 1 156 ? -9.436  8.390   -4.329  1.00 27.17 ? 385 LEU A CB  1 
ATOM   1196 C  CG  . LEU A 1 156 ? -9.119  8.844   -2.903  1.00 29.24 ? 385 LEU A CG  1 
ATOM   1197 C  CD1 . LEU A 1 156 ? -9.506  7.749   -1.909  1.00 27.48 ? 385 LEU A CD1 1 
ATOM   1198 C  CD2 . LEU A 1 156 ? -7.627  9.158   -2.796  1.00 25.13 ? 385 LEU A CD2 1 
ATOM   1199 N  N   . PRO A 1 157 ? -12.380 9.962   -3.830  1.00 28.73 ? 386 PRO A N   1 
ATOM   1200 C  CA  . PRO A 1 157 ? -13.074 11.256  -3.815  1.00 32.79 ? 386 PRO A CA  1 
ATOM   1201 C  C   . PRO A 1 157 ? -12.125 12.449  -3.792  1.00 36.61 ? 386 PRO A C   1 
ATOM   1202 O  O   . PRO A 1 157 ? -10.950 12.324  -3.432  1.00 39.23 ? 386 PRO A O   1 
ATOM   1203 C  CB  . PRO A 1 157 ? -13.923 11.177  -2.545  1.00 28.78 ? 386 PRO A CB  1 
ATOM   1204 C  CG  . PRO A 1 157 ? -14.248 9.721   -2.450  1.00 31.33 ? 386 PRO A CG  1 
ATOM   1205 C  CD  . PRO A 1 157 ? -12.903 9.080   -2.769  1.00 28.07 ? 386 PRO A CD  1 
ATOM   1206 N  N   . SER A 1 158 ? -12.645 13.609  -4.169  1.00 39.59 ? 387 SER A N   1 
ATOM   1207 C  CA  . SER A 1 158 ? -11.854 14.830  -4.178  1.00 38.78 ? 387 SER A CA  1 
ATOM   1208 C  C   . SER A 1 158 ? -11.540 15.217  -2.737  1.00 42.18 ? 387 SER A C   1 
ATOM   1209 O  O   . SER A 1 158 ? -10.445 15.697  -2.430  1.00 44.14 ? 387 SER A O   1 
ATOM   1210 C  CB  . SER A 1 158 ? -12.638 15.953  -4.864  1.00 41.64 ? 387 SER A CB  1 
ATOM   1211 O  OG  . SER A 1 158 ? -11.866 17.134  -4.957  1.00 55.48 ? 387 SER A OG  1 
ATOM   1212 N  N   . ASP A 1 159 ? -12.507 14.990  -1.855  1.00 38.76 ? 388 ASP A N   1 
ATOM   1213 C  CA  . ASP A 1 159 ? -12.367 15.302  -0.437  1.00 44.09 ? 388 ASP A CA  1 
ATOM   1214 C  C   . ASP A 1 159 ? -12.329 14.009  0.365   1.00 42.62 ? 388 ASP A C   1 
ATOM   1215 O  O   . ASP A 1 159 ? -13.328 13.294  0.447   1.00 42.03 ? 388 ASP A O   1 
ATOM   1216 C  CB  . ASP A 1 159 ? -13.546 16.160  0.029   1.00 43.84 ? 388 ASP A CB  1 
ATOM   1217 C  CG  . ASP A 1 159 ? -13.549 16.389  1.530   1.00 57.80 ? 388 ASP A CG  1 
ATOM   1218 O  OD1 . ASP A 1 159 ? -14.518 16.991  2.034   1.00 66.13 ? 388 ASP A OD1 1 
ATOM   1219 O  OD2 . ASP A 1 159 ? -12.587 15.971  2.208   1.00 63.13 ? 388 ASP A OD2 1 
ATOM   1220 N  N   . ILE A 1 160 ? -11.174 13.713  0.959   1.00 44.53 ? 389 ILE A N   1 
ATOM   1221 C  CA  . ILE A 1 160 ? -11.010 12.493  1.747   1.00 43.88 ? 389 ILE A CA  1 
ATOM   1222 C  C   . ILE A 1 160 ? -10.690 12.794  3.212   1.00 48.96 ? 389 ILE A C   1 
ATOM   1223 O  O   . ILE A 1 160 ? -10.297 11.902  3.968   1.00 44.06 ? 389 ILE A O   1 
ATOM   1224 C  CB  . ILE A 1 160 ? -9.885  11.596  1.171   1.00 45.24 ? 389 ILE A CB  1 
ATOM   1225 C  CG1 . ILE A 1 160 ? -8.521  12.282  1.328   1.00 47.24 ? 389 ILE A CG1 1 
ATOM   1226 C  CG2 . ILE A 1 160 ? -10.160 11.298  -0.299  1.00 38.26 ? 389 ILE A CG2 1 
ATOM   1227 C  CD1 . ILE A 1 160 ? -8.320  13.507  0.456   1.00 51.67 ? 389 ILE A CD1 1 
ATOM   1228 N  N   . ALA A 1 161 ? -10.869 14.052  3.606   1.00 49.47 ? 390 ALA A N   1 
ATOM   1229 C  CA  . ALA A 1 161 ? -10.604 14.484  4.976   1.00 48.74 ? 390 ALA A CA  1 
ATOM   1230 C  C   . ALA A 1 161 ? -11.207 13.534  6.009   1.00 44.31 ? 390 ALA A C   1 
ATOM   1231 O  O   . ALA A 1 161 ? -10.602 13.261  7.044   1.00 51.65 ? 390 ALA A O   1 
ATOM   1232 C  CB  . ALA A 1 161 ? -11.147 15.892  5.188   1.00 48.23 ? 390 ALA A CB  1 
ATOM   1233 N  N   . THR A 1 162 ? -12.401 13.031  5.722   1.00 43.40 ? 391 THR A N   1 
ATOM   1234 C  CA  . THR A 1 162 ? -13.084 12.118  6.630   1.00 49.77 ? 391 THR A CA  1 
ATOM   1235 C  C   . THR A 1 162 ? -13.069 10.693  6.082   1.00 48.12 ? 391 THR A C   1 
ATOM   1236 O  O   . THR A 1 162 ? -13.808 9.826   6.551   1.00 46.77 ? 391 THR A O   1 
ATOM   1237 C  CB  . THR A 1 162 ? -14.544 12.573  6.853   1.00 49.29 ? 391 THR A CB  1 
ATOM   1238 O  OG1 . THR A 1 162 ? -14.546 13.895  7.406   1.00 52.15 ? 391 THR A OG1 1 
ATOM   1239 C  CG2 . THR A 1 162 ? -15.267 11.639  7.814   1.00 53.30 ? 391 THR A CG2 1 
ATOM   1240 N  N   . LEU A 1 163 ? -12.209 10.452  5.097   1.00 48.19 ? 392 LEU A N   1 
ATOM   1241 C  CA  . LEU A 1 163 ? -12.105 9.136   4.472   1.00 51.59 ? 392 LEU A CA  1 
ATOM   1242 C  C   . LEU A 1 163 ? -12.200 7.985   5.467   1.00 52.43 ? 392 LEU A C   1 
ATOM   1243 O  O   . LEU A 1 163 ? -13.169 7.231   5.461   1.00 53.17 ? 392 LEU A O   1 
ATOM   1244 C  CB  . LEU A 1 163 ? -10.797 9.017   3.690   1.00 52.12 ? 392 LEU A CB  1 
ATOM   1245 C  CG  . LEU A 1 163 ? -10.674 7.718   2.895   1.00 57.51 ? 392 LEU A CG  1 
ATOM   1246 C  CD1 . LEU A 1 163 ? -11.783 7.656   1.858   1.00 49.80 ? 392 LEU A CD1 1 
ATOM   1247 C  CD2 . LEU A 1 163 ? -9.309  7.645   2.230   1.00 63.85 ? 392 LEU A CD2 1 
ATOM   1248 N  N   . LEU A 1 164 ? -11.192 7.843   6.320   1.00 52.87 ? 393 LEU A N   1 
ATOM   1249 C  CA  . LEU A 1 164 ? -11.201 6.770   7.303   1.00 57.74 ? 393 LEU A CA  1 
ATOM   1250 C  C   . LEU A 1 164 ? -12.014 7.169   8.530   1.00 62.84 ? 393 LEU A C   1 
ATOM   1251 O  O   . LEU A 1 164 ? -11.767 6.693   9.639   1.00 67.80 ? 393 LEU A O   1 
ATOM   1252 C  CB  . LEU A 1 164 ? -9.770  6.397   7.704   1.00 45.87 ? 393 LEU A CB  1 
ATOM   1253 C  CG  . LEU A 1 164 ? -8.927  5.765   6.588   1.00 50.66 ? 393 LEU A CG  1 
ATOM   1254 C  CD1 . LEU A 1 164 ? -8.550  6.824   5.567   1.00 58.39 ? 393 LEU A CD1 1 
ATOM   1255 C  CD2 . LEU A 1 164 ? -7.676  5.136   7.174   1.00 54.53 ? 393 LEU A CD2 1 
ATOM   1256 N  N   . ASN A 1 165 ? -12.987 8.049   8.314   1.00 67.17 ? 394 ASN A N   1 
ATOM   1257 C  CA  . ASN A 1 165 ? -13.864 8.519   9.379   1.00 65.89 ? 394 ASN A CA  1 
ATOM   1258 C  C   . ASN A 1 165 ? -13.071 9.106   10.535  1.00 67.96 ? 394 ASN A C   1 
ATOM   1259 O  O   . ASN A 1 165 ? -13.026 8.463   11.605  1.00 73.01 ? 394 ASN A O   1 
ATOM   1260 C  CB  . ASN A 1 165 ? -14.732 7.367   9.873   1.00 66.36 ? 394 ASN A CB  1 
ATOM   1261 C  CG  . ASN A 1 165 ? -15.273 6.530   8.738   1.00 67.40 ? 394 ASN A CG  1 
ATOM   1262 O  OD1 . ASN A 1 165 ? -15.813 7.059   7.761   1.00 64.73 ? 394 ASN A OD1 1 
ATOM   1263 N  ND2 . ASN A 1 165 ? -15.129 5.212   8.853   1.00 61.77 ? 394 ASN A ND2 1 
ATOM   1264 O  OXT . ASN A 1 165 ? -12.497 10.198  10.346  1.00 66.63 ? 394 ASN A OXT 1 
HETATM 1265 ZN ZN  . ZN  B 2 .   ? -4.702  -16.296 -2.938  1.00 29.14 ? 900 ZN  A ZN  1 
HETATM 1266 O  O   . HOH C 3 .   ? 0.465   1.366   -10.445 1.00 21.39 ? 700 HOH A O   1 
HETATM 1267 O  O   . HOH C 3 .   ? -6.050  -8.412  1.670   1.00 26.99 ? 701 HOH A O   1 
HETATM 1268 O  O   . HOH C 3 .   ? 14.546  -3.780  5.979   1.00 29.22 ? 702 HOH A O   1 
HETATM 1269 O  O   . HOH C 3 .   ? 7.149   -9.261  -5.501  1.00 28.70 ? 703 HOH A O   1 
HETATM 1270 O  O   . HOH C 3 .   ? 3.475   0.062   -11.352 1.00 48.39 ? 704 HOH A O   1 
HETATM 1271 O  O   . HOH C 3 .   ? -4.384  9.140   12.423  1.00 38.89 ? 705 HOH A O   1 
HETATM 1272 O  O   . HOH C 3 .   ? 7.085   8.677   -7.671  1.00 27.48 ? 706 HOH A O   1 
HETATM 1273 O  O   . HOH C 3 .   ? 2.225   14.330  -17.059 1.00 34.39 ? 707 HOH A O   1 
HETATM 1274 O  O   . HOH C 3 .   ? 7.258   -8.722  -9.699  1.00 25.40 ? 708 HOH A O   1 
HETATM 1275 O  O   . HOH C 3 .   ? 1.090   -12.776 -1.536  1.00 30.06 ? 709 HOH A O   1 
HETATM 1276 O  O   . HOH C 3 .   ? 1.666   6.594   -17.624 1.00 46.91 ? 710 HOH A O   1 
HETATM 1277 O  O   . HOH C 3 .   ? -3.203  -6.971  2.671   1.00 26.82 ? 711 HOH A O   1 
HETATM 1278 O  O   . HOH C 3 .   ? -7.933  9.571   -9.822  1.00 29.30 ? 712 HOH A O   1 
HETATM 1279 O  O   . HOH C 3 .   ? 7.908   5.771   -8.141  1.00 35.48 ? 713 HOH A O   1 
HETATM 1280 O  O   . HOH C 3 .   ? 6.019   12.578  -7.087  1.00 28.16 ? 714 HOH A O   1 
HETATM 1281 O  O   . HOH C 3 .   ? 7.656   -2.453  -8.922  1.00 24.64 ? 715 HOH A O   1 
HETATM 1282 O  O   . HOH C 3 .   ? 6.538   13.162  7.971   1.00 55.49 ? 716 HOH A O   1 
HETATM 1283 O  O   . HOH C 3 .   ? -9.610  10.063  7.008   1.00 43.82 ? 717 HOH A O   1 
HETATM 1284 O  O   . HOH C 3 .   ? -15.191 13.573  -5.205  1.00 40.28 ? 718 HOH A O   1 
HETATM 1285 O  O   . HOH C 3 .   ? -5.069  -12.673 2.764   1.00 45.28 ? 719 HOH A O   1 
HETATM 1286 O  O   . HOH C 3 .   ? 5.519   17.010  -14.777 1.00 34.14 ? 720 HOH A O   1 
HETATM 1287 O  O   . HOH C 3 .   ? -6.186  -4.805  7.926   1.00 35.99 ? 721 HOH A O   1 
HETATM 1288 O  O   . HOH C 3 .   ? 16.016  1.512   1.464   1.00 33.42 ? 722 HOH A O   1 
HETATM 1289 O  O   . HOH C 3 .   ? 9.988   -10.157 -5.106  1.00 41.02 ? 723 HOH A O   1 
HETATM 1290 O  O   . HOH C 3 .   ? 13.164  -1.725  7.717   1.00 28.92 ? 724 HOH A O   1 
HETATM 1291 O  O   . HOH C 3 .   ? 4.986   16.399  8.600   1.00 33.46 ? 725 HOH A O   1 
HETATM 1292 O  O   . HOH C 3 .   ? 9.774   -10.282 -2.158  1.00 33.44 ? 726 HOH A O   1 
HETATM 1293 O  O   . HOH C 3 .   ? -2.679  3.595   12.971  1.00 40.84 ? 727 HOH A O   1 
HETATM 1294 O  O   . HOH C 3 .   ? 10.230  16.848  3.735   1.00 41.89 ? 728 HOH A O   1 
HETATM 1295 O  O   . HOH C 3 .   ? 15.064  11.285  -1.214  1.00 56.21 ? 729 HOH A O   1 
HETATM 1296 O  O   . HOH C 3 .   ? 5.277   -12.966 4.194   1.00 52.46 ? 730 HOH A O   1 
HETATM 1297 O  O   . HOH C 3 .   ? 7.033   -9.939  15.667  1.00 45.32 ? 731 HOH A O   1 
HETATM 1298 O  O   . HOH C 3 .   ? -8.264  12.969  -2.959  1.00 38.63 ? 732 HOH A O   1 
HETATM 1299 O  O   . HOH C 3 .   ? 1.070   -2.556  -12.435 1.00 49.96 ? 733 HOH A O   1 
HETATM 1300 O  O   . HOH C 3 .   ? 9.899   6.392   16.059  1.00 46.68 ? 734 HOH A O   1 
HETATM 1301 O  O   . HOH C 3 .   ? 4.355   2.611   -13.345 1.00 38.88 ? 735 HOH A O   1 
HETATM 1302 O  O   . HOH C 3 .   ? 3.477   -14.425 1.291   1.00 49.22 ? 736 HOH A O   1 
HETATM 1303 O  O   . HOH C 3 .   ? -8.739  10.699  -6.797  1.00 43.19 ? 737 HOH A O   1 
HETATM 1304 O  O   . HOH C 3 .   ? 15.342  -0.958  5.359   1.00 40.92 ? 738 HOH A O   1 
HETATM 1305 O  O   . HOH C 3 .   ? -0.506  -15.145 -3.401  1.00 48.59 ? 739 HOH A O   1 
HETATM 1306 O  O   . HOH C 3 .   ? -8.621  -3.894  5.022   1.00 42.59 ? 740 HOH A O   1 
HETATM 1307 O  O   . HOH C 3 .   ? -1.488  -9.011  4.124   1.00 37.95 ? 741 HOH A O   1 
HETATM 1308 O  O   . HOH C 3 .   ? 7.146   6.203   14.554  1.00 71.22 ? 742 HOH A O   1 
HETATM 1309 O  O   . HOH C 3 .   ? 1.865   -13.471 -6.459  1.00 51.62 ? 743 HOH A O   1 
HETATM 1310 O  O   . HOH C 3 .   ? 13.740  7.069   -8.118  1.00 62.54 ? 744 HOH A O   1 
HETATM 1311 O  O   . HOH C 3 .   ? 4.709   -7.709  -10.799 1.00 43.60 ? 745 HOH A O   1 
HETATM 1312 O  O   . HOH C 3 .   ? 19.085  9.120   -0.244  1.00 56.96 ? 746 HOH A O   1 
HETATM 1313 O  O   . HOH C 3 .   ? -16.890 -5.147  -1.389  1.00 59.07 ? 747 HOH A O   1 
HETATM 1314 O  O   . HOH C 3 .   ? -6.427  12.353  -9.886  1.00 47.52 ? 748 HOH A O   1 
HETATM 1315 O  O   . HOH C 3 .   ? 10.609  -17.302 6.897   1.00 61.05 ? 749 HOH A O   1 
HETATM 1316 O  O   . HOH C 3 .   ? -4.179  1.807   10.595  1.00 48.18 ? 750 HOH A O   1 
HETATM 1317 O  O   . HOH C 3 .   ? -16.936 7.016   -0.310  1.00 49.18 ? 751 HOH A O   1 
HETATM 1318 O  O   . HOH C 3 .   ? -15.564 7.289   -4.157  1.00 47.12 ? 752 HOH A O   1 
HETATM 1319 O  O   . HOH C 3 .   ? 16.942  -8.560  16.226  1.00 46.44 ? 753 HOH A O   1 
HETATM 1320 O  O   . HOH C 3 .   ? -0.282  14.871  -5.308  1.00 57.45 ? 754 HOH A O   1 
HETATM 1321 O  O   . HOH C 3 .   ? -1.340  10.636  12.634  1.00 54.76 ? 755 HOH A O   1 
HETATM 1322 O  O   . HOH C 3 .   ? 6.593   -0.286  -11.569 1.00 54.80 ? 756 HOH A O   1 
HETATM 1323 O  O   . HOH C 3 .   ? 16.886  3.646   3.803   1.00 46.55 ? 757 HOH A O   1 
HETATM 1324 O  O   . HOH C 3 .   ? 15.737  -1.381  2.386   1.00 55.49 ? 758 HOH A O   1 
HETATM 1325 O  O   . HOH C 3 .   ? 13.749  -16.859 4.931   1.00 63.96 ? 759 HOH A O   1 
HETATM 1326 O  O   . HOH C 3 .   ? 9.323   5.302   -5.495  1.00 53.34 ? 760 HOH A O   1 
HETATM 1327 O  O   . HOH C 3 .   ? 2.201   -8.390  -8.929  1.00 54.79 ? 761 HOH A O   1 
HETATM 1328 O  O   . HOH C 3 .   ? 7.052   14.643  0.240   1.00 41.81 ? 762 HOH A O   1 
HETATM 1329 O  O   . HOH C 3 .   ? 14.497  -8.865  18.200  1.00 57.32 ? 763 HOH A O   1 
HETATM 1330 O  O   . HOH C 3 .   ? 14.457  1.234   -11.288 1.00 55.23 ? 764 HOH A O   1 
HETATM 1331 O  O   . HOH C 3 .   ? -19.416 5.472   -4.343  1.00 57.95 ? 765 HOH A O   1 
HETATM 1332 O  O   . HOH C 3 .   ? -18.454 8.253   -5.380  1.00 55.55 ? 766 HOH A O   1 
HETATM 1333 O  O   . HOH C 3 .   ? 17.010  6.818   3.319   1.00 55.93 ? 767 HOH A O   1 
HETATM 1334 O  O   . HOH C 3 .   ? 17.592  -4.398  -9.476  1.00 56.87 ? 768 HOH A O   1 
HETATM 1335 O  O   . HOH C 3 .   ? 4.384   6.288   -15.856 1.00 50.40 ? 769 HOH A O   1 
HETATM 1336 O  O   . HOH C 3 .   ? -9.463  -9.683  2.594   1.00 49.35 ? 770 HOH A O   1 
HETATM 1337 O  O   . HOH C 3 .   ? -8.302  -12.695 2.209   1.00 58.31 ? 771 HOH A O   1 
HETATM 1338 O  O   . HOH C 3 .   ? 4.084   -1.416  -14.950 1.00 70.92 ? 772 HOH A O   1 
HETATM 1339 O  O   . HOH C 3 .   ? 3.518   3.374   -16.312 1.00 61.38 ? 773 HOH A O   1 
HETATM 1340 O  O   . HOH C 3 .   ? -14.083 -7.051  -1.263  1.00 53.26 ? 774 HOH A O   1 
HETATM 1341 O  O   . HOH C 3 .   ? -12.527 -8.367  -3.550  1.00 44.63 ? 775 HOH A O   1 
HETATM 1342 O  O   . HOH C 3 .   ? 5.905   -15.548 2.768   1.00 41.11 ? 776 HOH A O   1 
HETATM 1343 O  O   . HOH C 3 .   ? 9.987   10.248  -6.806  1.00 57.21 ? 777 HOH A O   1 
HETATM 1344 O  O   . HOH C 3 .   ? -9.012  -3.905  -19.719 1.00 57.90 ? 778 HOH A O   1 
HETATM 1345 O  O   . HOH C 3 .   ? 7.099   9.100   13.168  1.00 68.59 ? 779 HOH A O   1 
HETATM 1346 O  O   . HOH C 3 .   ? 3.280   -11.526 9.529   1.00 57.86 ? 780 HOH A O   1 
HETATM 1347 O  O   . HOH C 3 .   ? -4.764  -7.415  -14.631 1.00 51.28 ? 781 HOH A O   1 
HETATM 1348 O  O   . HOH C 3 .   ? 7.742   16.091  -5.434  1.00 61.14 ? 782 HOH A O   1 
HETATM 1349 O  O   . HOH C 3 .   ? 4.674   -2.616  -10.348 1.00 86.58 ? 783 HOH A O   1 
HETATM 1350 O  O   . HOH C 3 .   ? 11.553  8.846   15.066  1.00 47.10 ? 784 HOH A O   1 
HETATM 1351 O  O   . HOH C 3 .   ? 2.940   -14.629 10.945  1.00 76.57 ? 785 HOH A O   1 
HETATM 1352 O  O   . HOH C 3 .   ? 12.701  10.495  11.597  1.00 75.42 ? 786 HOH A O   1 
HETATM 1353 O  O   . HOH C 3 .   ? 6.753   0.583   -14.582 1.00 68.05 ? 787 HOH A O   1 
HETATM 1354 O  O   . HOH C 3 .   ? -7.022  -1.304  5.374   1.00 60.29 ? 788 HOH A O   1 
HETATM 1355 O  O   . HOH C 3 .   ? 11.531  4.518   13.078  1.00 57.82 ? 789 HOH A O   1 
HETATM 1356 O  O   . HOH C 3 .   ? -1.135  12.090  8.402   1.00 54.83 ? 790 HOH A O   1 
HETATM 1357 O  O   . HOH C 3 .   ? -2.338  8.592   5.911   1.00 49.31 ? 791 HOH A O   1 
HETATM 1358 O  O   . HOH C 3 .   ? -14.646 11.282  2.148   1.00 61.39 ? 792 HOH A O   1 
HETATM 1359 O  O   . HOH C 3 .   ? -7.242  -8.297  12.250  1.00 82.36 ? 793 HOH A O   1 
HETATM 1360 O  O   . HOH C 3 .   ? 9.070   13.151  -5.853  1.00 58.84 ? 794 HOH A O   1 
HETATM 1361 O  O   . HOH C 3 .   ? -13.028 5.166   11.793  1.00 73.05 ? 795 HOH A O   1 
HETATM 1362 O  O   . HOH C 3 .   ? 11.962  -1.538  11.226  1.00 45.03 ? 796 HOH A O   1 
HETATM 1363 O  O   . HOH C 3 .   ? -4.080  14.808  -1.322  1.00 55.24 ? 797 HOH A O   1 
HETATM 1364 O  O   . HOH C 3 .   ? 13.682  16.201  5.510   1.00 55.25 ? 798 HOH A O   1 
HETATM 1365 O  O   . HOH C 3 .   ? 3.835   15.968  0.965   1.00 62.49 ? 799 HOH A O   1 
HETATM 1366 O  O   . HOH C 3 .   ? 15.639  -4.311  -14.346 1.00 60.41 ? 800 HOH A O   1 
HETATM 1367 O  O   . HOH C 3 .   ? -4.831  0.087   13.388  1.00 80.87 ? 801 HOH A O   1 
HETATM 1368 O  O   . HOH C 3 .   ? 16.206  13.222  -3.588  1.00 72.84 ? 802 HOH A O   1 
HETATM 1369 O  O   . HOH C 3 .   ? -9.060  12.310  -11.635 1.00 65.06 ? 803 HOH A O   1 
HETATM 1370 O  O   . HOH C 3 .   ? 9.263   -16.986 14.157  1.00 58.76 ? 804 HOH A O   1 
HETATM 1371 O  O   . HOH C 3 .   ? 10.476  8.474   -9.850  1.00 56.06 ? 805 HOH A O   1 
HETATM 1372 O  O   . HOH C 3 .   ? -1.466  19.114  11.083  1.00 74.18 ? 806 HOH A O   1 
HETATM 1373 O  O   . HOH C 3 .   ? 15.084  6.396   -3.734  1.00 68.27 ? 807 HOH A O   1 
HETATM 1374 O  O   . HOH C 3 .   ? 0.127   17.587  8.647   1.00 63.48 ? 808 HOH A O   1 
HETATM 1375 O  O   . HOH C 3 .   ? 1.213   -12.687 12.794  1.00 70.45 ? 809 HOH A O   1 
HETATM 1376 O  O   . HOH C 3 .   ? -18.089 10.278  8.319   1.00 64.41 ? 810 HOH A O   1 
# 
